data_5CBW
# 
_entry.id   5CBW 
# 
_audit_conform.dict_name       mmcif_pdbx.dic 
_audit_conform.dict_version    5.383 
_audit_conform.dict_location   http://mmcif.pdb.org/dictionaries/ascii/mmcif_pdbx.dic 
# 
loop_
_database_2.database_id 
_database_2.database_code 
_database_2.pdbx_database_accession 
_database_2.pdbx_DOI 
PDB   5CBW         pdb_00005cbw 10.2210/pdb5cbw/pdb 
WWPDB D_1000210723 ?            ?                   
# 
loop_
_pdbx_audit_revision_history.ordinal 
_pdbx_audit_revision_history.data_content_type 
_pdbx_audit_revision_history.major_revision 
_pdbx_audit_revision_history.minor_revision 
_pdbx_audit_revision_history.revision_date 
1 'Structure model' 1 0 2016-07-20 
2 'Structure model' 1 1 2024-01-10 
# 
_pdbx_audit_revision_details.ordinal             1 
_pdbx_audit_revision_details.revision_ordinal    1 
_pdbx_audit_revision_details.data_content_type   'Structure model' 
_pdbx_audit_revision_details.provider            repository 
_pdbx_audit_revision_details.type                'Initial release' 
_pdbx_audit_revision_details.description         ? 
_pdbx_audit_revision_details.details             ? 
# 
loop_
_pdbx_audit_revision_group.ordinal 
_pdbx_audit_revision_group.revision_ordinal 
_pdbx_audit_revision_group.data_content_type 
_pdbx_audit_revision_group.group 
1 2 'Structure model' 'Data collection'        
2 2 'Structure model' 'Database references'    
3 2 'Structure model' 'Derived calculations'   
4 2 'Structure model' 'Refinement description' 
# 
loop_
_pdbx_audit_revision_category.ordinal 
_pdbx_audit_revision_category.revision_ordinal 
_pdbx_audit_revision_category.data_content_type 
_pdbx_audit_revision_category.category 
1 2 'Structure model' chem_comp_atom                
2 2 'Structure model' chem_comp_bond                
3 2 'Structure model' database_2                    
4 2 'Structure model' pdbx_initial_refinement_model 
5 2 'Structure model' pdbx_struct_conn_angle        
6 2 'Structure model' struct_conn                   
# 
loop_
_pdbx_audit_revision_item.ordinal 
_pdbx_audit_revision_item.revision_ordinal 
_pdbx_audit_revision_item.data_content_type 
_pdbx_audit_revision_item.item 
1  2 'Structure model' '_database_2.pdbx_DOI'                      
2  2 'Structure model' '_database_2.pdbx_database_accession'       
3  2 'Structure model' '_pdbx_struct_conn_angle.ptnr1_auth_seq_id' 
4  2 'Structure model' '_pdbx_struct_conn_angle.ptnr3_auth_seq_id' 
5  2 'Structure model' '_pdbx_struct_conn_angle.value'             
6  2 'Structure model' '_struct_conn.pdbx_dist_value'              
7  2 'Structure model' '_struct_conn.ptnr1_auth_seq_id'            
8  2 'Structure model' '_struct_conn.ptnr1_label_asym_id'          
9  2 'Structure model' '_struct_conn.ptnr2_auth_comp_id'           
10 2 'Structure model' '_struct_conn.ptnr2_auth_seq_id'            
11 2 'Structure model' '_struct_conn.ptnr2_label_asym_id'          
12 2 'Structure model' '_struct_conn.ptnr2_label_atom_id'          
13 2 'Structure model' '_struct_conn.ptnr2_label_comp_id'          
14 2 'Structure model' '_struct_conn.ptnr2_symmetry'               
# 
_pdbx_database_status.status_code                     REL 
_pdbx_database_status.status_code_sf                  REL 
_pdbx_database_status.status_code_mr                  ? 
_pdbx_database_status.entry_id                        5CBW 
_pdbx_database_status.recvd_initial_deposition_date   2015-07-01 
_pdbx_database_status.SG_entry                        N 
_pdbx_database_status.deposit_site                    RCSB 
_pdbx_database_status.process_site                    PDBE 
_pdbx_database_status.status_code_cs                  ? 
_pdbx_database_status.methods_development_category    ? 
_pdbx_database_status.pdb_format_compatible           Y 
_pdbx_database_status.status_code_nmr_data            ? 
# 
loop_
_audit_author.name 
_audit_author.pdbx_ordinal 
'Gibson, R.P.'    1  
'Shore, E.'       2  
'Kershaw, N.'     3  
'Awais, M.'       4  
'Javed, A.'       5  
'Latawiec, D.'    6  
'Pandalaneni, S.' 7  
'Wen, L.'         8  
'Berry, N.'       9  
;O'Neill, P.
;
10 
'Sutton, R.'      11 
'Lian, L.Y.'      12 
# 
_citation.abstract                  ? 
_citation.abstract_id_CAS           ? 
_citation.book_id_ISBN              ? 
_citation.book_publisher            ? 
_citation.book_publisher_city       ? 
_citation.book_title                ? 
_citation.coordinate_linkage        ? 
_citation.country                   ? 
_citation.database_id_Medline       ? 
_citation.details                   ? 
_citation.id                        primary 
_citation.journal_abbrev            'To Be Published' 
_citation.journal_id_ASTM           ? 
_citation.journal_id_CSD            0353 
_citation.journal_id_ISSN           ? 
_citation.journal_full              ? 
_citation.journal_issue             ? 
_citation.journal_volume            ? 
_citation.language                  ? 
_citation.page_first                ? 
_citation.page_last                 ? 
_citation.title                     'Human Cyclophilin D Complexed with Inhibitor.' 
_citation.year                      ? 
_citation.database_id_CSD           ? 
_citation.pdbx_database_id_DOI      ? 
_citation.pdbx_database_id_PubMed   ? 
_citation.unpublished_flag          ? 
# 
loop_
_citation_author.citation_id 
_citation_author.name 
_citation_author.ordinal 
_citation_author.identifier_ORCID 
primary 'Gibson, R.P.'    1  ? 
primary 'Shore, E.'       2  ? 
primary 'Kershaw, N.'     3  ? 
primary 'Awais, M.'       4  ? 
primary 'Javed, A.'       5  ? 
primary 'Latawiec, D.'    6  ? 
primary 'Pandalaneni, S.' 7  ? 
primary 'Wen, L.'         8  ? 
primary 'Berry, N.'       9  ? 
primary 
;O'Neill, P.
;
10 ? 
primary 'Sutton, R.'      11 ? 
primary 'Lian, L.Y.'      12 ? 
# 
loop_
_entity.id 
_entity.type 
_entity.src_method 
_entity.pdbx_description 
_entity.formula_weight 
_entity.pdbx_number_of_molecules 
_entity.pdbx_ec 
_entity.pdbx_mutation 
_entity.pdbx_fragment 
_entity.details 
1 polymer     man 'Peptidyl-prolyl cis-trans isomerase F, mitochondrial' 17783.322 1   5.2.1.8 K133I ? ? 
2 non-polymer syn 'POTASSIUM ION'                                        39.098    2   ?       ?     ? ? 
3 non-polymer syn 'FORMIC ACID'                                          46.025    1   ?       ?     ? ? 
4 non-polymer syn 'TETRAETHYLENE GLYCOL'                                 194.226   1   ?       ?     ? ? 
5 non-polymer syn 'TRIETHYLENE GLYCOL'                                   150.173   1   ?       ?     ? ? 
6 non-polymer syn 'ethyl N-{[4-(acetylamino)benzyl]carbamoyl}glycinate'  293.318   1   ?       ?     ? ? 
7 water       nat water                                                  18.015    161 ?       ?     ? ? 
# 
_entity_name_com.entity_id   1 
_entity_name_com.name        'PPIase F,Cyclophilin D,CypD,Cyclophilin F,Mitochondrial cyclophilin,CyP-M,Rotamase F' 
# 
_entity_poly.entity_id                      1 
_entity_poly.type                           'polypeptide(L)' 
_entity_poly.nstd_linkage                   no 
_entity_poly.nstd_monomer                   no 
_entity_poly.pdbx_seq_one_letter_code       
;MGNPLVYLDVDANGKPLGRVVLELKADVVPKTAENFRALCTGEKGFGYKGSTFHRVIPSFMCQAGDFTNHNGTGGKSIYG
SRFPDENFTLKHVGPGVLSMANAGPNTNGSQFFICTIKTDWLDGKHVVFGHVIEGMDVVKKIESFGSKSGRTSKKIVITD
CGQLS
;
_entity_poly.pdbx_seq_one_letter_code_can   
;MGNPLVYLDVDANGKPLGRVVLELKADVVPKTAENFRALCTGEKGFGYKGSTFHRVIPSFMCQAGDFTNHNGTGGKSIYG
SRFPDENFTLKHVGPGVLSMANAGPNTNGSQFFICTIKTDWLDGKHVVFGHVIEGMDVVKKIESFGSKSGRTSKKIVITD
CGQLS
;
_entity_poly.pdbx_strand_id                 A 
_entity_poly.pdbx_target_identifier         ? 
# 
loop_
_pdbx_entity_nonpoly.entity_id 
_pdbx_entity_nonpoly.name 
_pdbx_entity_nonpoly.comp_id 
2 'POTASSIUM ION'                                       K   
3 'FORMIC ACID'                                         FMT 
4 'TETRAETHYLENE GLYCOL'                                PG4 
5 'TRIETHYLENE GLYCOL'                                  PGE 
6 'ethyl N-{[4-(acetylamino)benzyl]carbamoyl}glycinate' 4ZO 
7 water                                                 HOH 
# 
loop_
_entity_poly_seq.entity_id 
_entity_poly_seq.num 
_entity_poly_seq.mon_id 
_entity_poly_seq.hetero 
1 1   MET n 
1 2   GLY n 
1 3   ASN n 
1 4   PRO n 
1 5   LEU n 
1 6   VAL n 
1 7   TYR n 
1 8   LEU n 
1 9   ASP n 
1 10  VAL n 
1 11  ASP n 
1 12  ALA n 
1 13  ASN n 
1 14  GLY n 
1 15  LYS n 
1 16  PRO n 
1 17  LEU n 
1 18  GLY n 
1 19  ARG n 
1 20  VAL n 
1 21  VAL n 
1 22  LEU n 
1 23  GLU n 
1 24  LEU n 
1 25  LYS n 
1 26  ALA n 
1 27  ASP n 
1 28  VAL n 
1 29  VAL n 
1 30  PRO n 
1 31  LYS n 
1 32  THR n 
1 33  ALA n 
1 34  GLU n 
1 35  ASN n 
1 36  PHE n 
1 37  ARG n 
1 38  ALA n 
1 39  LEU n 
1 40  CYS n 
1 41  THR n 
1 42  GLY n 
1 43  GLU n 
1 44  LYS n 
1 45  GLY n 
1 46  PHE n 
1 47  GLY n 
1 48  TYR n 
1 49  LYS n 
1 50  GLY n 
1 51  SER n 
1 52  THR n 
1 53  PHE n 
1 54  HIS n 
1 55  ARG n 
1 56  VAL n 
1 57  ILE n 
1 58  PRO n 
1 59  SER n 
1 60  PHE n 
1 61  MET n 
1 62  CYS n 
1 63  GLN n 
1 64  ALA n 
1 65  GLY n 
1 66  ASP n 
1 67  PHE n 
1 68  THR n 
1 69  ASN n 
1 70  HIS n 
1 71  ASN n 
1 72  GLY n 
1 73  THR n 
1 74  GLY n 
1 75  GLY n 
1 76  LYS n 
1 77  SER n 
1 78  ILE n 
1 79  TYR n 
1 80  GLY n 
1 81  SER n 
1 82  ARG n 
1 83  PHE n 
1 84  PRO n 
1 85  ASP n 
1 86  GLU n 
1 87  ASN n 
1 88  PHE n 
1 89  THR n 
1 90  LEU n 
1 91  LYS n 
1 92  HIS n 
1 93  VAL n 
1 94  GLY n 
1 95  PRO n 
1 96  GLY n 
1 97  VAL n 
1 98  LEU n 
1 99  SER n 
1 100 MET n 
1 101 ALA n 
1 102 ASN n 
1 103 ALA n 
1 104 GLY n 
1 105 PRO n 
1 106 ASN n 
1 107 THR n 
1 108 ASN n 
1 109 GLY n 
1 110 SER n 
1 111 GLN n 
1 112 PHE n 
1 113 PHE n 
1 114 ILE n 
1 115 CYS n 
1 116 THR n 
1 117 ILE n 
1 118 LYS n 
1 119 THR n 
1 120 ASP n 
1 121 TRP n 
1 122 LEU n 
1 123 ASP n 
1 124 GLY n 
1 125 LYS n 
1 126 HIS n 
1 127 VAL n 
1 128 VAL n 
1 129 PHE n 
1 130 GLY n 
1 131 HIS n 
1 132 VAL n 
1 133 ILE n 
1 134 GLU n 
1 135 GLY n 
1 136 MET n 
1 137 ASP n 
1 138 VAL n 
1 139 VAL n 
1 140 LYS n 
1 141 LYS n 
1 142 ILE n 
1 143 GLU n 
1 144 SER n 
1 145 PHE n 
1 146 GLY n 
1 147 SER n 
1 148 LYS n 
1 149 SER n 
1 150 GLY n 
1 151 ARG n 
1 152 THR n 
1 153 SER n 
1 154 LYS n 
1 155 LYS n 
1 156 ILE n 
1 157 VAL n 
1 158 ILE n 
1 159 THR n 
1 160 ASP n 
1 161 CYS n 
1 162 GLY n 
1 163 GLN n 
1 164 LEU n 
1 165 SER n 
# 
_entity_src_gen.entity_id                          1 
_entity_src_gen.pdbx_src_id                        1 
_entity_src_gen.pdbx_alt_source_flag               sample 
_entity_src_gen.pdbx_seq_type                      'Biological sequence' 
_entity_src_gen.pdbx_beg_seq_num                   1 
_entity_src_gen.pdbx_end_seq_num                   165 
_entity_src_gen.gene_src_common_name               Human 
_entity_src_gen.gene_src_genus                     ? 
_entity_src_gen.pdbx_gene_src_gene                 'PPIF, CYP3' 
_entity_src_gen.gene_src_species                   ? 
_entity_src_gen.gene_src_strain                    ? 
_entity_src_gen.gene_src_tissue                    ? 
_entity_src_gen.gene_src_tissue_fraction           ? 
_entity_src_gen.gene_src_details                   ? 
_entity_src_gen.pdbx_gene_src_fragment             ? 
_entity_src_gen.pdbx_gene_src_scientific_name      'Homo sapiens' 
_entity_src_gen.pdbx_gene_src_ncbi_taxonomy_id     9606 
_entity_src_gen.pdbx_gene_src_variant              ? 
_entity_src_gen.pdbx_gene_src_cell_line            ? 
_entity_src_gen.pdbx_gene_src_atcc                 ? 
_entity_src_gen.pdbx_gene_src_organ                ? 
_entity_src_gen.pdbx_gene_src_organelle            ? 
_entity_src_gen.pdbx_gene_src_cell                 ? 
_entity_src_gen.pdbx_gene_src_cellular_location    ? 
_entity_src_gen.host_org_common_name               ? 
_entity_src_gen.pdbx_host_org_scientific_name      'Escherichia coli BL21(DE3)' 
_entity_src_gen.pdbx_host_org_ncbi_taxonomy_id     469008 
_entity_src_gen.host_org_genus                     ? 
_entity_src_gen.pdbx_host_org_gene                 ? 
_entity_src_gen.pdbx_host_org_organ                ? 
_entity_src_gen.host_org_species                   ? 
_entity_src_gen.pdbx_host_org_tissue               ? 
_entity_src_gen.pdbx_host_org_tissue_fraction      ? 
_entity_src_gen.pdbx_host_org_strain               ? 
_entity_src_gen.pdbx_host_org_variant              ? 
_entity_src_gen.pdbx_host_org_cell_line            ? 
_entity_src_gen.pdbx_host_org_atcc                 ? 
_entity_src_gen.pdbx_host_org_culture_collection   ? 
_entity_src_gen.pdbx_host_org_cell                 ? 
_entity_src_gen.pdbx_host_org_organelle            ? 
_entity_src_gen.pdbx_host_org_cellular_location    ? 
_entity_src_gen.pdbx_host_org_vector_type          ? 
_entity_src_gen.pdbx_host_org_vector               ? 
_entity_src_gen.host_org_details                   ? 
_entity_src_gen.expression_system_id               ? 
_entity_src_gen.plasmid_name                       pET28b 
_entity_src_gen.plasmid_details                    ? 
_entity_src_gen.pdbx_description                   ? 
# 
loop_
_chem_comp.id 
_chem_comp.type 
_chem_comp.mon_nstd_flag 
_chem_comp.name 
_chem_comp.pdbx_synonyms 
_chem_comp.formula 
_chem_comp.formula_weight 
4ZO non-polymer         . 'ethyl N-{[4-(acetylamino)benzyl]carbamoyl}glycinate' ? 'C14 H19 N3 O4'  293.318 
ALA 'L-peptide linking' y ALANINE                                               ? 'C3 H7 N O2'     89.093  
ARG 'L-peptide linking' y ARGININE                                              ? 'C6 H15 N4 O2 1' 175.209 
ASN 'L-peptide linking' y ASPARAGINE                                            ? 'C4 H8 N2 O3'    132.118 
ASP 'L-peptide linking' y 'ASPARTIC ACID'                                       ? 'C4 H7 N O4'     133.103 
CYS 'L-peptide linking' y CYSTEINE                                              ? 'C3 H7 N O2 S'   121.158 
FMT non-polymer         . 'FORMIC ACID'                                         ? 'C H2 O2'        46.025  
GLN 'L-peptide linking' y GLUTAMINE                                             ? 'C5 H10 N2 O3'   146.144 
GLU 'L-peptide linking' y 'GLUTAMIC ACID'                                       ? 'C5 H9 N O4'     147.129 
GLY 'peptide linking'   y GLYCINE                                               ? 'C2 H5 N O2'     75.067  
HIS 'L-peptide linking' y HISTIDINE                                             ? 'C6 H10 N3 O2 1' 156.162 
HOH non-polymer         . WATER                                                 ? 'H2 O'           18.015  
ILE 'L-peptide linking' y ISOLEUCINE                                            ? 'C6 H13 N O2'    131.173 
K   non-polymer         . 'POTASSIUM ION'                                       ? 'K 1'            39.098  
LEU 'L-peptide linking' y LEUCINE                                               ? 'C6 H13 N O2'    131.173 
LYS 'L-peptide linking' y LYSINE                                                ? 'C6 H15 N2 O2 1' 147.195 
MET 'L-peptide linking' y METHIONINE                                            ? 'C5 H11 N O2 S'  149.211 
PG4 non-polymer         . 'TETRAETHYLENE GLYCOL'                                ? 'C8 H18 O5'      194.226 
PGE non-polymer         . 'TRIETHYLENE GLYCOL'                                  ? 'C6 H14 O4'      150.173 
PHE 'L-peptide linking' y PHENYLALANINE                                         ? 'C9 H11 N O2'    165.189 
PRO 'L-peptide linking' y PROLINE                                               ? 'C5 H9 N O2'     115.130 
SER 'L-peptide linking' y SERINE                                                ? 'C3 H7 N O3'     105.093 
THR 'L-peptide linking' y THREONINE                                             ? 'C4 H9 N O3'     119.119 
TRP 'L-peptide linking' y TRYPTOPHAN                                            ? 'C11 H12 N2 O2'  204.225 
TYR 'L-peptide linking' y TYROSINE                                              ? 'C9 H11 N O3'    181.189 
VAL 'L-peptide linking' y VALINE                                                ? 'C5 H11 N O2'    117.146 
# 
loop_
_pdbx_poly_seq_scheme.asym_id 
_pdbx_poly_seq_scheme.entity_id 
_pdbx_poly_seq_scheme.seq_id 
_pdbx_poly_seq_scheme.mon_id 
_pdbx_poly_seq_scheme.ndb_seq_num 
_pdbx_poly_seq_scheme.pdb_seq_num 
_pdbx_poly_seq_scheme.auth_seq_num 
_pdbx_poly_seq_scheme.pdb_mon_id 
_pdbx_poly_seq_scheme.auth_mon_id 
_pdbx_poly_seq_scheme.pdb_strand_id 
_pdbx_poly_seq_scheme.pdb_ins_code 
_pdbx_poly_seq_scheme.hetero 
A 1 1   MET 1   1   ?   ?   ?   A . n 
A 1 2   GLY 2   2   2   GLY GLY A . n 
A 1 3   ASN 3   3   3   ASN ASN A . n 
A 1 4   PRO 4   4   4   PRO PRO A . n 
A 1 5   LEU 5   5   5   LEU LEU A . n 
A 1 6   VAL 6   6   6   VAL VAL A . n 
A 1 7   TYR 7   7   7   TYR TYR A . n 
A 1 8   LEU 8   8   8   LEU LEU A . n 
A 1 9   ASP 9   9   9   ASP ASP A . n 
A 1 10  VAL 10  10  10  VAL VAL A . n 
A 1 11  ASP 11  11  11  ASP ASP A . n 
A 1 12  ALA 12  12  12  ALA ALA A . n 
A 1 13  ASN 13  13  13  ASN ASN A . n 
A 1 14  GLY 14  14  14  GLY GLY A . n 
A 1 15  LYS 15  15  15  LYS LYS A . n 
A 1 16  PRO 16  16  16  PRO PRO A . n 
A 1 17  LEU 17  17  17  LEU LEU A . n 
A 1 18  GLY 18  18  18  GLY GLY A . n 
A 1 19  ARG 19  19  19  ARG ARG A . n 
A 1 20  VAL 20  20  20  VAL VAL A . n 
A 1 21  VAL 21  21  21  VAL VAL A . n 
A 1 22  LEU 22  22  22  LEU LEU A . n 
A 1 23  GLU 23  23  23  GLU GLU A . n 
A 1 24  LEU 24  24  24  LEU LEU A . n 
A 1 25  LYS 25  25  25  LYS LYS A . n 
A 1 26  ALA 26  26  26  ALA ALA A . n 
A 1 27  ASP 27  27  27  ASP ASP A . n 
A 1 28  VAL 28  28  28  VAL VAL A . n 
A 1 29  VAL 29  29  29  VAL VAL A . n 
A 1 30  PRO 30  30  30  PRO PRO A . n 
A 1 31  LYS 31  31  31  LYS LYS A . n 
A 1 32  THR 32  32  32  THR THR A . n 
A 1 33  ALA 33  33  33  ALA ALA A . n 
A 1 34  GLU 34  34  34  GLU GLU A . n 
A 1 35  ASN 35  35  35  ASN ASN A . n 
A 1 36  PHE 36  36  36  PHE PHE A . n 
A 1 37  ARG 37  37  37  ARG ARG A . n 
A 1 38  ALA 38  38  38  ALA ALA A . n 
A 1 39  LEU 39  39  39  LEU LEU A . n 
A 1 40  CYS 40  40  40  CYS CYS A . n 
A 1 41  THR 41  41  41  THR THR A . n 
A 1 42  GLY 42  42  42  GLY GLY A . n 
A 1 43  GLU 43  43  43  GLU GLU A . n 
A 1 44  LYS 44  44  44  LYS LYS A . n 
A 1 45  GLY 45  45  45  GLY GLY A . n 
A 1 46  PHE 46  46  46  PHE PHE A . n 
A 1 47  GLY 47  47  47  GLY GLY A . n 
A 1 48  TYR 48  48  48  TYR TYR A . n 
A 1 49  LYS 49  49  49  LYS LYS A . n 
A 1 50  GLY 50  50  50  GLY GLY A . n 
A 1 51  SER 51  51  51  SER SER A . n 
A 1 52  THR 52  52  52  THR THR A . n 
A 1 53  PHE 53  53  53  PHE PHE A . n 
A 1 54  HIS 54  54  54  HIS HIS A . n 
A 1 55  ARG 55  55  55  ARG ARG A . n 
A 1 56  VAL 56  56  56  VAL VAL A . n 
A 1 57  ILE 57  57  57  ILE ILE A . n 
A 1 58  PRO 58  58  58  PRO PRO A . n 
A 1 59  SER 59  59  59  SER SER A . n 
A 1 60  PHE 60  60  60  PHE PHE A . n 
A 1 61  MET 61  61  61  MET MET A . n 
A 1 62  CYS 62  62  62  CYS CYS A . n 
A 1 63  GLN 63  63  63  GLN GLN A . n 
A 1 64  ALA 64  64  64  ALA ALA A . n 
A 1 65  GLY 65  65  65  GLY GLY A . n 
A 1 66  ASP 66  66  66  ASP ASP A . n 
A 1 67  PHE 67  67  67  PHE PHE A . n 
A 1 68  THR 68  68  68  THR THR A . n 
A 1 69  ASN 69  69  69  ASN ASN A . n 
A 1 70  HIS 70  70  70  HIS HIS A . n 
A 1 71  ASN 71  71  71  ASN ASN A . n 
A 1 72  GLY 72  72  72  GLY GLY A . n 
A 1 73  THR 73  73  73  THR THR A . n 
A 1 74  GLY 74  74  74  GLY GLY A . n 
A 1 75  GLY 75  75  75  GLY GLY A . n 
A 1 76  LYS 76  76  76  LYS LYS A . n 
A 1 77  SER 77  77  77  SER SER A . n 
A 1 78  ILE 78  78  78  ILE ILE A . n 
A 1 79  TYR 79  79  79  TYR TYR A . n 
A 1 80  GLY 80  80  80  GLY GLY A . n 
A 1 81  SER 81  81  81  SER SER A . n 
A 1 82  ARG 82  82  82  ARG ARG A . n 
A 1 83  PHE 83  83  83  PHE PHE A . n 
A 1 84  PRO 84  84  84  PRO PRO A . n 
A 1 85  ASP 85  85  85  ASP ASP A . n 
A 1 86  GLU 86  86  86  GLU GLU A . n 
A 1 87  ASN 87  87  87  ASN ASN A . n 
A 1 88  PHE 88  88  88  PHE PHE A . n 
A 1 89  THR 89  89  89  THR THR A . n 
A 1 90  LEU 90  90  90  LEU LEU A . n 
A 1 91  LYS 91  91  91  LYS LYS A . n 
A 1 92  HIS 92  92  92  HIS HIS A . n 
A 1 93  VAL 93  93  93  VAL VAL A . n 
A 1 94  GLY 94  94  94  GLY GLY A . n 
A 1 95  PRO 95  95  95  PRO PRO A . n 
A 1 96  GLY 96  96  96  GLY GLY A . n 
A 1 97  VAL 97  97  97  VAL VAL A . n 
A 1 98  LEU 98  98  98  LEU LEU A . n 
A 1 99  SER 99  99  99  SER SER A . n 
A 1 100 MET 100 100 100 MET MET A . n 
A 1 101 ALA 101 101 101 ALA ALA A . n 
A 1 102 ASN 102 102 102 ASN ASN A . n 
A 1 103 ALA 103 103 103 ALA ALA A . n 
A 1 104 GLY 104 104 104 GLY GLY A . n 
A 1 105 PRO 105 105 105 PRO PRO A . n 
A 1 106 ASN 106 106 106 ASN ASN A . n 
A 1 107 THR 107 107 107 THR THR A . n 
A 1 108 ASN 108 108 108 ASN ASN A . n 
A 1 109 GLY 109 109 109 GLY GLY A . n 
A 1 110 SER 110 110 110 SER SER A . n 
A 1 111 GLN 111 111 111 GLN GLN A . n 
A 1 112 PHE 112 112 112 PHE PHE A . n 
A 1 113 PHE 113 113 113 PHE PHE A . n 
A 1 114 ILE 114 114 114 ILE ILE A . n 
A 1 115 CYS 115 115 115 CYS CYS A . n 
A 1 116 THR 116 116 116 THR THR A . n 
A 1 117 ILE 117 117 117 ILE ILE A . n 
A 1 118 LYS 118 118 118 LYS LYS A . n 
A 1 119 THR 119 119 119 THR THR A . n 
A 1 120 ASP 120 120 120 ASP ASP A . n 
A 1 121 TRP 121 121 121 TRP TRP A . n 
A 1 122 LEU 122 122 122 LEU LEU A . n 
A 1 123 ASP 123 123 123 ASP ASP A . n 
A 1 124 GLY 124 124 124 GLY GLY A . n 
A 1 125 LYS 125 125 125 LYS LYS A . n 
A 1 126 HIS 126 126 126 HIS HIS A . n 
A 1 127 VAL 127 127 127 VAL VAL A . n 
A 1 128 VAL 128 128 128 VAL VAL A . n 
A 1 129 PHE 129 129 129 PHE PHE A . n 
A 1 130 GLY 130 130 130 GLY GLY A . n 
A 1 131 HIS 131 131 131 HIS HIS A . n 
A 1 132 VAL 132 132 132 VAL VAL A . n 
A 1 133 ILE 133 133 133 ILE ILE A . n 
A 1 134 GLU 134 134 134 GLU GLU A . n 
A 1 135 GLY 135 135 135 GLY GLY A . n 
A 1 136 MET 136 136 136 MET MET A . n 
A 1 137 ASP 137 137 137 ASP ASP A . n 
A 1 138 VAL 138 138 138 VAL VAL A . n 
A 1 139 VAL 139 139 139 VAL VAL A . n 
A 1 140 LYS 140 140 140 LYS LYS A . n 
A 1 141 LYS 141 141 141 LYS LYS A . n 
A 1 142 ILE 142 142 142 ILE ILE A . n 
A 1 143 GLU 143 143 143 GLU GLU A . n 
A 1 144 SER 144 144 144 SER SER A . n 
A 1 145 PHE 145 145 145 PHE PHE A . n 
A 1 146 GLY 146 146 146 GLY GLY A . n 
A 1 147 SER 147 147 147 SER SER A . n 
A 1 148 LYS 148 148 148 LYS LYS A . n 
A 1 149 SER 149 149 149 SER SER A . n 
A 1 150 GLY 150 150 150 GLY GLY A . n 
A 1 151 ARG 151 151 151 ARG ARG A . n 
A 1 152 THR 152 152 152 THR THR A . n 
A 1 153 SER 153 153 153 SER SER A . n 
A 1 154 LYS 154 154 154 LYS LYS A . n 
A 1 155 LYS 155 155 155 LYS LYS A . n 
A 1 156 ILE 156 156 156 ILE ILE A . n 
A 1 157 VAL 157 157 157 VAL VAL A . n 
A 1 158 ILE 158 158 158 ILE ILE A . n 
A 1 159 THR 159 159 159 THR THR A . n 
A 1 160 ASP 160 160 160 ASP ASP A . n 
A 1 161 CYS 161 161 161 CYS CYS A . n 
A 1 162 GLY 162 162 162 GLY GLY A . n 
A 1 163 GLN 163 163 163 GLN GLN A . n 
A 1 164 LEU 164 164 164 LEU LEU A . n 
A 1 165 SER 165 165 165 SER SER A . n 
# 
loop_
_pdbx_nonpoly_scheme.asym_id 
_pdbx_nonpoly_scheme.entity_id 
_pdbx_nonpoly_scheme.mon_id 
_pdbx_nonpoly_scheme.ndb_seq_num 
_pdbx_nonpoly_scheme.pdb_seq_num 
_pdbx_nonpoly_scheme.auth_seq_num 
_pdbx_nonpoly_scheme.pdb_mon_id 
_pdbx_nonpoly_scheme.auth_mon_id 
_pdbx_nonpoly_scheme.pdb_strand_id 
_pdbx_nonpoly_scheme.pdb_ins_code 
B 2 K   1   201 1   K   K   A . 
C 2 K   1   202 2   K   K   A . 
D 3 FMT 1   203 1   FMT FMT A . 
E 4 PG4 1   204 1   PG4 PG4 A . 
F 5 PGE 1   205 1   PGE PGE A . 
G 6 4ZO 1   206 1   4ZO R18 A . 
H 7 HOH 1   301 124 HOH HOH A . 
H 7 HOH 2   302 116 HOH HOH A . 
H 7 HOH 3   303 142 HOH HOH A . 
H 7 HOH 4   304 16  HOH HOH A . 
H 7 HOH 5   305 64  HOH HOH A . 
H 7 HOH 6   306 121 HOH HOH A . 
H 7 HOH 7   307 42  HOH HOH A . 
H 7 HOH 8   308 136 HOH HOH A . 
H 7 HOH 9   309 54  HOH HOH A . 
H 7 HOH 10  310 119 HOH HOH A . 
H 7 HOH 11  311 159 HOH HOH A . 
H 7 HOH 12  312 82  HOH HOH A . 
H 7 HOH 13  313 84  HOH HOH A . 
H 7 HOH 14  314 144 HOH HOH A . 
H 7 HOH 15  315 99  HOH HOH A . 
H 7 HOH 16  316 65  HOH HOH A . 
H 7 HOH 17  317 160 HOH HOH A . 
H 7 HOH 18  318 86  HOH HOH A . 
H 7 HOH 19  319 91  HOH HOH A . 
H 7 HOH 20  320 1   HOH HOH A . 
H 7 HOH 21  321 94  HOH HOH A . 
H 7 HOH 22  322 20  HOH HOH A . 
H 7 HOH 23  323 43  HOH HOH A . 
H 7 HOH 24  324 14  HOH HOH A . 
H 7 HOH 25  325 76  HOH HOH A . 
H 7 HOH 26  326 19  HOH HOH A . 
H 7 HOH 27  327 118 HOH HOH A . 
H 7 HOH 28  328 21  HOH HOH A . 
H 7 HOH 29  329 73  HOH HOH A . 
H 7 HOH 30  330 114 HOH HOH A . 
H 7 HOH 31  331 53  HOH HOH A . 
H 7 HOH 32  332 41  HOH HOH A . 
H 7 HOH 33  333 45  HOH HOH A . 
H 7 HOH 34  334 61  HOH HOH A . 
H 7 HOH 35  335 37  HOH HOH A . 
H 7 HOH 36  336 10  HOH HOH A . 
H 7 HOH 37  337 83  HOH HOH A . 
H 7 HOH 38  338 5   HOH HOH A . 
H 7 HOH 39  339 27  HOH HOH A . 
H 7 HOH 40  340 72  HOH HOH A . 
H 7 HOH 41  341 78  HOH HOH A . 
H 7 HOH 42  342 79  HOH HOH A . 
H 7 HOH 43  343 36  HOH HOH A . 
H 7 HOH 44  344 12  HOH HOH A . 
H 7 HOH 45  345 49  HOH HOH A . 
H 7 HOH 46  346 13  HOH HOH A . 
H 7 HOH 47  347 15  HOH HOH A . 
H 7 HOH 48  348 135 HOH HOH A . 
H 7 HOH 49  349 92  HOH HOH A . 
H 7 HOH 50  350 18  HOH HOH A . 
H 7 HOH 51  351 8   HOH HOH A . 
H 7 HOH 52  352 6   HOH HOH A . 
H 7 HOH 53  353 143 HOH HOH A . 
H 7 HOH 54  354 117 HOH HOH A . 
H 7 HOH 55  355 62  HOH HOH A . 
H 7 HOH 56  356 85  HOH HOH A . 
H 7 HOH 57  357 131 HOH HOH A . 
H 7 HOH 58  358 132 HOH HOH A . 
H 7 HOH 59  359 102 HOH HOH A . 
H 7 HOH 60  360 137 HOH HOH A . 
H 7 HOH 61  361 7   HOH HOH A . 
H 7 HOH 62  362 71  HOH HOH A . 
H 7 HOH 63  363 24  HOH HOH A . 
H 7 HOH 64  364 44  HOH HOH A . 
H 7 HOH 65  365 97  HOH HOH A . 
H 7 HOH 66  366 35  HOH HOH A . 
H 7 HOH 67  367 96  HOH HOH A . 
H 7 HOH 68  368 111 HOH HOH A . 
H 7 HOH 69  369 28  HOH HOH A . 
H 7 HOH 70  370 29  HOH HOH A . 
H 7 HOH 71  371 4   HOH HOH A . 
H 7 HOH 72  372 90  HOH HOH A . 
H 7 HOH 73  373 25  HOH HOH A . 
H 7 HOH 74  374 58  HOH HOH A . 
H 7 HOH 75  375 80  HOH HOH A . 
H 7 HOH 76  376 11  HOH HOH A . 
H 7 HOH 77  377 113 HOH HOH A . 
H 7 HOH 78  378 52  HOH HOH A . 
H 7 HOH 79  379 60  HOH HOH A . 
H 7 HOH 80  380 55  HOH HOH A . 
H 7 HOH 81  381 33  HOH HOH A . 
H 7 HOH 82  382 146 HOH HOH A . 
H 7 HOH 83  383 104 HOH HOH A . 
H 7 HOH 84  384 48  HOH HOH A . 
H 7 HOH 85  385 134 HOH HOH A . 
H 7 HOH 86  386 3   HOH HOH A . 
H 7 HOH 87  387 68  HOH HOH A . 
H 7 HOH 88  388 89  HOH HOH A . 
H 7 HOH 89  389 63  HOH HOH A . 
H 7 HOH 90  390 70  HOH HOH A . 
H 7 HOH 91  391 34  HOH HOH A . 
H 7 HOH 92  392 123 HOH HOH A . 
H 7 HOH 93  393 46  HOH HOH A . 
H 7 HOH 94  394 40  HOH HOH A . 
H 7 HOH 95  395 30  HOH HOH A . 
H 7 HOH 96  396 95  HOH HOH A . 
H 7 HOH 97  397 133 HOH HOH A . 
H 7 HOH 98  398 126 HOH HOH A . 
H 7 HOH 99  399 130 HOH HOH A . 
H 7 HOH 100 400 101 HOH HOH A . 
H 7 HOH 101 401 87  HOH HOH A . 
H 7 HOH 102 402 2   HOH HOH A . 
H 7 HOH 103 403 9   HOH HOH A . 
H 7 HOH 104 404 120 HOH HOH A . 
H 7 HOH 105 405 115 HOH HOH A . 
H 7 HOH 106 406 31  HOH HOH A . 
H 7 HOH 107 407 32  HOH HOH A . 
H 7 HOH 108 408 66  HOH HOH A . 
H 7 HOH 109 409 47  HOH HOH A . 
H 7 HOH 110 410 39  HOH HOH A . 
H 7 HOH 111 411 141 HOH HOH A . 
H 7 HOH 112 412 50  HOH HOH A . 
H 7 HOH 113 413 17  HOH HOH A . 
H 7 HOH 114 414 69  HOH HOH A . 
H 7 HOH 115 415 56  HOH HOH A . 
H 7 HOH 116 416 22  HOH HOH A . 
H 7 HOH 117 417 125 HOH HOH A . 
H 7 HOH 118 418 140 HOH HOH A . 
H 7 HOH 119 419 74  HOH HOH A . 
H 7 HOH 120 420 139 HOH HOH A . 
H 7 HOH 121 421 59  HOH HOH A . 
H 7 HOH 122 422 145 HOH HOH A . 
H 7 HOH 123 423 98  HOH HOH A . 
H 7 HOH 124 424 122 HOH HOH A . 
H 7 HOH 125 425 88  HOH HOH A . 
H 7 HOH 126 426 138 HOH HOH A . 
H 7 HOH 127 427 26  HOH HOH A . 
H 7 HOH 128 428 103 HOH HOH A . 
H 7 HOH 129 429 127 HOH HOH A . 
H 7 HOH 130 430 93  HOH HOH A . 
H 7 HOH 131 431 128 HOH HOH A . 
H 7 HOH 132 432 51  HOH HOH A . 
H 7 HOH 133 433 57  HOH HOH A . 
H 7 HOH 134 434 38  HOH HOH A . 
H 7 HOH 135 435 151 HOH HOH A . 
H 7 HOH 136 436 107 HOH HOH A . 
H 7 HOH 137 437 106 HOH HOH A . 
H 7 HOH 138 438 129 HOH HOH A . 
H 7 HOH 139 439 75  HOH HOH A . 
H 7 HOH 140 440 108 HOH HOH A . 
H 7 HOH 141 441 154 HOH HOH A . 
H 7 HOH 142 442 152 HOH HOH A . 
H 7 HOH 143 443 149 HOH HOH A . 
H 7 HOH 144 444 77  HOH HOH A . 
H 7 HOH 145 445 153 HOH HOH A . 
H 7 HOH 146 446 112 HOH HOH A . 
H 7 HOH 147 447 161 HOH HOH A . 
H 7 HOH 148 448 150 HOH HOH A . 
H 7 HOH 149 449 81  HOH HOH A . 
H 7 HOH 150 450 147 HOH HOH A . 
H 7 HOH 151 451 109 HOH HOH A . 
H 7 HOH 152 452 105 HOH HOH A . 
H 7 HOH 153 453 157 HOH HOH A . 
H 7 HOH 154 454 155 HOH HOH A . 
H 7 HOH 155 455 23  HOH HOH A . 
H 7 HOH 156 456 100 HOH HOH A . 
H 7 HOH 157 457 156 HOH HOH A . 
H 7 HOH 158 458 67  HOH HOH A . 
H 7 HOH 159 459 110 HOH HOH A . 
H 7 HOH 160 460 148 HOH HOH A . 
H 7 HOH 161 461 158 HOH HOH A . 
# 
loop_
_software.citation_id 
_software.classification 
_software.compiler_name 
_software.compiler_version 
_software.contact_author 
_software.contact_author_email 
_software.date 
_software.description 
_software.dependencies 
_software.hardware 
_software.language 
_software.location 
_software.mods 
_software.name 
_software.os 
_software.os_version 
_software.type 
_software.version 
_software.pdbx_ordinal 
? refinement       ? ? ? ? ? ? ? ? ? ? ? REFMAC ? ? ? 5.8.0123 1 
? 'data reduction' ? ? ? ? ? ? ? ? ? ? ? XDS    ? ? ? .        2 
? 'data scaling'   ? ? ? ? ? ? ? ? ? ? ? SCALA  ? ? ? .        3 
? phasing          ? ? ? ? ? ? ? ? ? ? ? PHASER ? ? ? .        4 
# 
_cell.angle_alpha                  90.00 
_cell.angle_alpha_esd              ? 
_cell.angle_beta                   90.00 
_cell.angle_beta_esd               ? 
_cell.angle_gamma                  90.00 
_cell.angle_gamma_esd              ? 
_cell.entry_id                     5CBW 
_cell.details                      ? 
_cell.formula_units_Z              ? 
_cell.length_a                     57.265 
_cell.length_a_esd                 ? 
_cell.length_b                     57.265 
_cell.length_b_esd                 ? 
_cell.length_c                     114.502 
_cell.length_c_esd                 ? 
_cell.volume                       ? 
_cell.volume_esd                   ? 
_cell.Z_PDB                        8 
_cell.reciprocal_angle_alpha       ? 
_cell.reciprocal_angle_beta        ? 
_cell.reciprocal_angle_gamma       ? 
_cell.reciprocal_angle_alpha_esd   ? 
_cell.reciprocal_angle_beta_esd    ? 
_cell.reciprocal_angle_gamma_esd   ? 
_cell.reciprocal_length_a          ? 
_cell.reciprocal_length_b          ? 
_cell.reciprocal_length_c          ? 
_cell.reciprocal_length_a_esd      ? 
_cell.reciprocal_length_b_esd      ? 
_cell.reciprocal_length_c_esd      ? 
_cell.pdbx_unique_axis             ? 
# 
_symmetry.entry_id                         5CBW 
_symmetry.cell_setting                     ? 
_symmetry.Int_Tables_number                96 
_symmetry.space_group_name_Hall            ? 
_symmetry.space_group_name_H-M             'P 43 21 2' 
_symmetry.pdbx_full_space_group_name_H-M   ? 
# 
_exptl.absorpt_coefficient_mu     ? 
_exptl.absorpt_correction_T_max   ? 
_exptl.absorpt_correction_T_min   ? 
_exptl.absorpt_correction_type    ? 
_exptl.absorpt_process_details    ? 
_exptl.entry_id                   5CBW 
_exptl.crystals_number            ? 
_exptl.details                    ? 
_exptl.method                     'X-RAY DIFFRACTION' 
_exptl.method_details             ? 
# 
_exptl_crystal.colour                      ? 
_exptl_crystal.density_diffrn              ? 
_exptl_crystal.density_Matthews            2.66 
_exptl_crystal.density_method              ? 
_exptl_crystal.density_percent_sol         53.74 
_exptl_crystal.description                 ? 
_exptl_crystal.F_000                       ? 
_exptl_crystal.id                          1 
_exptl_crystal.preparation                 ? 
_exptl_crystal.size_max                    ? 
_exptl_crystal.size_mid                    ? 
_exptl_crystal.size_min                    ? 
_exptl_crystal.size_rad                    ? 
_exptl_crystal.colour_lustre               ? 
_exptl_crystal.colour_modifier             ? 
_exptl_crystal.colour_primary              ? 
_exptl_crystal.density_meas                ? 
_exptl_crystal.density_meas_esd            ? 
_exptl_crystal.density_meas_gt             ? 
_exptl_crystal.density_meas_lt             ? 
_exptl_crystal.density_meas_temp           ? 
_exptl_crystal.density_meas_temp_esd       ? 
_exptl_crystal.density_meas_temp_gt        ? 
_exptl_crystal.density_meas_temp_lt        ? 
_exptl_crystal.pdbx_crystal_image_url      ? 
_exptl_crystal.pdbx_crystal_image_format   ? 
_exptl_crystal.pdbx_mosaicity              ? 
_exptl_crystal.pdbx_mosaicity_esd          ? 
# 
_exptl_crystal_grow.apparatus       ? 
_exptl_crystal_grow.atmosphere      ? 
_exptl_crystal_grow.crystal_id      1 
_exptl_crystal_grow.details         ? 
_exptl_crystal_grow.method          'VAPOR DIFFUSION, SITTING DROP' 
_exptl_crystal_grow.method_ref      ? 
_exptl_crystal_grow.pH              9 
_exptl_crystal_grow.pressure        ? 
_exptl_crystal_grow.pressure_esd    ? 
_exptl_crystal_grow.seeding         ? 
_exptl_crystal_grow.seeding_ref     ? 
_exptl_crystal_grow.temp            294 
_exptl_crystal_grow.temp_details    ? 
_exptl_crystal_grow.temp_esd        ? 
_exptl_crystal_grow.time            ? 
_exptl_crystal_grow.pdbx_details    '4M potassium formate, 0.1M BIS-TRIS propane pH 9, 2% w/v PEG2000mme' 
_exptl_crystal_grow.pdbx_pH_range   ? 
# 
_diffrn.ambient_environment    ? 
_diffrn.ambient_temp           100 
_diffrn.ambient_temp_details   ? 
_diffrn.ambient_temp_esd       ? 
_diffrn.crystal_id             1 
_diffrn.crystal_support        ? 
_diffrn.crystal_treatment      ? 
_diffrn.details                ? 
_diffrn.id                     1 
_diffrn.ambient_pressure       ? 
_diffrn.ambient_pressure_esd   ? 
_diffrn.ambient_pressure_gt    ? 
_diffrn.ambient_pressure_lt    ? 
_diffrn.ambient_temp_gt        ? 
_diffrn.ambient_temp_lt        ? 
# 
_diffrn_detector.details                      ? 
_diffrn_detector.detector                     PIXEL 
_diffrn_detector.diffrn_id                    1 
_diffrn_detector.type                         'PSI PILATUS 6M' 
_diffrn_detector.area_resol_mean              ? 
_diffrn_detector.dtime                        ? 
_diffrn_detector.pdbx_frames_total            ? 
_diffrn_detector.pdbx_collection_time_total   ? 
_diffrn_detector.pdbx_collection_date         2013-06-29 
# 
_diffrn_radiation.collimation                      ? 
_diffrn_radiation.diffrn_id                        1 
_diffrn_radiation.filter_edge                      ? 
_diffrn_radiation.inhomogeneity                    ? 
_diffrn_radiation.monochromator                    ? 
_diffrn_radiation.polarisn_norm                    ? 
_diffrn_radiation.polarisn_ratio                   ? 
_diffrn_radiation.probe                            ? 
_diffrn_radiation.type                             ? 
_diffrn_radiation.xray_symbol                      ? 
_diffrn_radiation.wavelength_id                    1 
_diffrn_radiation.pdbx_monochromatic_or_laue_m_l   M 
_diffrn_radiation.pdbx_wavelength_list             ? 
_diffrn_radiation.pdbx_wavelength                  ? 
_diffrn_radiation.pdbx_diffrn_protocol             'SINGLE WAVELENGTH' 
_diffrn_radiation.pdbx_analyzer                    ? 
_diffrn_radiation.pdbx_scattering_type             x-ray 
# 
_diffrn_radiation_wavelength.id           1 
_diffrn_radiation_wavelength.wavelength   0.984 
_diffrn_radiation_wavelength.wt           1.0 
# 
_diffrn_source.current                     ? 
_diffrn_source.details                     ? 
_diffrn_source.diffrn_id                   1 
_diffrn_source.power                       ? 
_diffrn_source.size                        ? 
_diffrn_source.source                      SYNCHROTRON 
_diffrn_source.target                      ? 
_diffrn_source.type                        'SOLEIL BEAMLINE PROXIMA 1' 
_diffrn_source.voltage                     ? 
_diffrn_source.take-off_angle              ? 
_diffrn_source.pdbx_wavelength_list        0.984 
_diffrn_source.pdbx_wavelength             ? 
_diffrn_source.pdbx_synchrotron_beamline   'PROXIMA 1' 
_diffrn_source.pdbx_synchrotron_site       SOLEIL 
# 
_reflns.B_iso_Wilson_estimate            ? 
_reflns.entry_id                         5CBW 
_reflns.data_reduction_details           ? 
_reflns.data_reduction_method            ? 
_reflns.d_resolution_high                1.8 
_reflns.d_resolution_low                 38.2 
_reflns.details                          ? 
_reflns.limit_h_max                      ? 
_reflns.limit_h_min                      ? 
_reflns.limit_k_max                      ? 
_reflns.limit_k_min                      ? 
_reflns.limit_l_max                      ? 
_reflns.limit_l_min                      ? 
_reflns.number_all                       50126 
_reflns.number_obs                       15607 
_reflns.observed_criterion               ? 
_reflns.observed_criterion_F_max         ? 
_reflns.observed_criterion_F_min         ? 
_reflns.observed_criterion_I_max         ? 
_reflns.observed_criterion_I_min         ? 
_reflns.observed_criterion_sigma_F       ? 
_reflns.observed_criterion_sigma_I       ? 
_reflns.percent_possible_obs             86.7 
_reflns.R_free_details                   ? 
_reflns.Rmerge_F_all                     ? 
_reflns.Rmerge_F_obs                     ? 
_reflns.Friedel_coverage                 ? 
_reflns.number_gt                        ? 
_reflns.threshold_expression             ? 
_reflns.pdbx_redundancy                  3.2 
_reflns.pdbx_Rmerge_I_obs                0.035 
_reflns.pdbx_Rmerge_I_all                ? 
_reflns.pdbx_Rsym_value                  0.021 
_reflns.pdbx_netI_over_av_sigmaI         ? 
_reflns.pdbx_netI_over_sigmaI            24.3 
_reflns.pdbx_res_netI_over_av_sigmaI_2   ? 
_reflns.pdbx_res_netI_over_sigmaI_2      ? 
_reflns.pdbx_chi_squared                 ? 
_reflns.pdbx_scaling_rejects             ? 
_reflns.pdbx_d_res_high_opt              ? 
_reflns.pdbx_d_res_low_opt               ? 
_reflns.pdbx_d_res_opt_method            ? 
_reflns.phase_calculation_details        ? 
_reflns.pdbx_Rrim_I_all                  ? 
_reflns.pdbx_Rpim_I_all                  ? 
_reflns.pdbx_d_opt                       ? 
_reflns.pdbx_number_measured_all         ? 
_reflns.pdbx_diffrn_id                   1 
_reflns.pdbx_ordinal                     1 
_reflns.pdbx_CC_half                     ? 
_reflns.pdbx_R_split                     ? 
# 
_reflns_shell.Rmerge_F_all                ? 
_reflns_shell.Rmerge_F_gt                 ? 
_reflns_shell.Rmerge_F_obs                ? 
_reflns_shell.Rmerge_I_all                ? 
_reflns_shell.Rmerge_I_gt                 ? 
_reflns_shell.Rmerge_I_obs                0.053 
_reflns_shell.d_res_high                  1.8 
_reflns_shell.d_res_low                   1.9 
_reflns_shell.meanI_over_sigI_all         ? 
_reflns_shell.meanI_over_sigI_gt          ? 
_reflns_shell.meanI_over_sigI_obs         13.6 
_reflns_shell.meanI_over_uI_all           ? 
_reflns_shell.meanI_over_uI_gt            ? 
_reflns_shell.number_measured_all         ? 
_reflns_shell.number_measured_gt          ? 
_reflns_shell.number_measured_obs         ? 
_reflns_shell.number_possible             ? 
_reflns_shell.number_unique_all           ? 
_reflns_shell.number_unique_gt            ? 
_reflns_shell.number_unique_obs           ? 
_reflns_shell.pdbx_CC_half                ? 
_reflns_shell.pdbx_R_split                ? 
_reflns_shell.pdbx_Rpim_I_all             ? 
_reflns_shell.pdbx_Rrim_I_all             ? 
_reflns_shell.pdbx_Rsym_value             ? 
_reflns_shell.pdbx_chi_squared            ? 
_reflns_shell.pdbx_diffrn_id              1 
_reflns_shell.pdbx_netI_over_sigmaI_all   ? 
_reflns_shell.pdbx_netI_over_sigmaI_obs   ? 
_reflns_shell.pdbx_ordinal                1 
_reflns_shell.pdbx_redundancy             3 
_reflns_shell.pdbx_rejects                ? 
_reflns_shell.percent_possible_all        88.0 
_reflns_shell.percent_possible_gt         ? 
_reflns_shell.percent_possible_obs        ? 
# 
_refine.aniso_B[1][1]                            0.00 
_refine.aniso_B[1][2]                            0.00 
_refine.aniso_B[1][3]                            0.00 
_refine.aniso_B[2][2]                            0.00 
_refine.aniso_B[2][3]                            0.00 
_refine.aniso_B[3][3]                            0.01 
_refine.B_iso_max                                ? 
_refine.B_iso_mean                               19.684 
_refine.B_iso_min                                ? 
_refine.correlation_coeff_Fo_to_Fc               0.959 
_refine.correlation_coeff_Fo_to_Fc_free          0.948 
_refine.details                                  'HYDROGENS HAVE BEEN ADDED IN THE RIDING POSITIONS' 
_refine.diff_density_max                         ? 
_refine.diff_density_max_esd                     ? 
_refine.diff_density_min                         ? 
_refine.diff_density_min_esd                     ? 
_refine.diff_density_rms                         ? 
_refine.diff_density_rms_esd                     ? 
_refine.entry_id                                 5CBW 
_refine.pdbx_refine_id                           'X-RAY DIFFRACTION' 
_refine.ls_abs_structure_details                 ? 
_refine.ls_abs_structure_Flack                   ? 
_refine.ls_abs_structure_Flack_esd               ? 
_refine.ls_abs_structure_Rogers                  ? 
_refine.ls_abs_structure_Rogers_esd              ? 
_refine.ls_d_res_high                            1.80 
_refine.ls_d_res_low                             38.18 
_refine.ls_extinction_coef                       ? 
_refine.ls_extinction_coef_esd                   ? 
_refine.ls_extinction_expression                 ? 
_refine.ls_extinction_method                     ? 
_refine.ls_goodness_of_fit_all                   ? 
_refine.ls_goodness_of_fit_all_esd               ? 
_refine.ls_goodness_of_fit_obs                   ? 
_refine.ls_goodness_of_fit_obs_esd               ? 
_refine.ls_hydrogen_treatment                    ? 
_refine.ls_matrix_type                           ? 
_refine.ls_number_constraints                    ? 
_refine.ls_number_parameters                     ? 
_refine.ls_number_reflns_all                     ? 
_refine.ls_number_reflns_obs                     16967 
_refine.ls_number_reflns_R_free                  916 
_refine.ls_number_reflns_R_work                  ? 
_refine.ls_number_restraints                     ? 
_refine.ls_percent_reflns_obs                    97.07 
_refine.ls_percent_reflns_R_free                 5.1 
_refine.ls_R_factor_all                          ? 
_refine.ls_R_factor_obs                          0.17541 
_refine.ls_R_factor_R_free                       0.20816 
_refine.ls_R_factor_R_free_error                 ? 
_refine.ls_R_factor_R_free_error_details         ? 
_refine.ls_R_factor_R_work                       0.17362 
_refine.ls_R_Fsqd_factor_obs                     ? 
_refine.ls_R_I_factor_obs                        ? 
_refine.ls_redundancy_reflns_all                 ? 
_refine.ls_redundancy_reflns_obs                 ? 
_refine.ls_restrained_S_all                      ? 
_refine.ls_restrained_S_obs                      ? 
_refine.ls_shift_over_esd_max                    ? 
_refine.ls_shift_over_esd_mean                   ? 
_refine.ls_structure_factor_coef                 ? 
_refine.ls_weighting_details                     ? 
_refine.ls_weighting_scheme                      ? 
_refine.ls_wR_factor_all                         ? 
_refine.ls_wR_factor_obs                         ? 
_refine.ls_wR_factor_R_free                      ? 
_refine.ls_wR_factor_R_work                      ? 
_refine.occupancy_max                            ? 
_refine.occupancy_min                            ? 
_refine.solvent_model_details                    MASK 
_refine.solvent_model_param_bsol                 ? 
_refine.solvent_model_param_ksol                 ? 
_refine.ls_R_factor_gt                           ? 
_refine.ls_goodness_of_fit_gt                    ? 
_refine.ls_goodness_of_fit_ref                   ? 
_refine.ls_shift_over_su_max                     ? 
_refine.ls_shift_over_su_max_lt                  ? 
_refine.ls_shift_over_su_mean                    ? 
_refine.ls_shift_over_su_mean_lt                 ? 
_refine.pdbx_ls_sigma_I                          ? 
_refine.pdbx_ls_sigma_F                          ? 
_refine.pdbx_ls_sigma_Fsqd                       ? 
_refine.pdbx_data_cutoff_high_absF               ? 
_refine.pdbx_data_cutoff_high_rms_absF           ? 
_refine.pdbx_data_cutoff_low_absF                ? 
_refine.pdbx_isotropic_thermal_model             ? 
_refine.pdbx_ls_cross_valid_method               THROUGHOUT 
_refine.pdbx_method_to_determine_struct          'MOLECULAR REPLACEMENT' 
_refine.pdbx_starting_model                      2BIT 
_refine.pdbx_stereochemistry_target_values       'MAXIMUM LIKELIHOOD' 
_refine.pdbx_R_Free_selection_details            RANDOM 
_refine.pdbx_stereochem_target_val_spec_case     ? 
_refine.pdbx_overall_ESU_R                       0.116 
_refine.pdbx_overall_ESU_R_Free                  0.112 
_refine.pdbx_solvent_vdw_probe_radii             1.20 
_refine.pdbx_solvent_ion_probe_radii             0.80 
_refine.pdbx_solvent_shrinkage_radii             0.80 
_refine.pdbx_real_space_R                        ? 
_refine.pdbx_density_correlation                 ? 
_refine.pdbx_pd_number_of_powder_patterns        ? 
_refine.pdbx_pd_number_of_points                 ? 
_refine.pdbx_pd_meas_number_of_points            ? 
_refine.pdbx_pd_proc_ls_prof_R_factor            ? 
_refine.pdbx_pd_proc_ls_prof_wR_factor           ? 
_refine.pdbx_pd_Marquardt_correlation_coeff      ? 
_refine.pdbx_pd_Fsqrd_R_factor                   ? 
_refine.pdbx_pd_ls_matrix_band_width             ? 
_refine.pdbx_overall_phase_error                 ? 
_refine.pdbx_overall_SU_R_free_Cruickshank_DPI   ? 
_refine.pdbx_overall_SU_R_free_Blow_DPI          ? 
_refine.pdbx_overall_SU_R_Blow_DPI               ? 
_refine.pdbx_TLS_residual_ADP_flag               ? 
_refine.pdbx_diffrn_id                           1 
_refine.overall_SU_B                             2.250 
_refine.overall_SU_ML                            0.072 
_refine.overall_SU_R_Cruickshank_DPI             ? 
_refine.overall_SU_R_free                        ? 
_refine.overall_FOM_free_R_set                   ? 
_refine.overall_FOM_work_R_set                   ? 
_refine.pdbx_average_fsc_overall                 ? 
_refine.pdbx_average_fsc_work                    ? 
_refine.pdbx_average_fsc_free                    ? 
# 
_refine_hist.pdbx_refine_id                   'X-RAY DIFFRACTION' 
_refine_hist.cycle_id                         LAST 
_refine_hist.pdbx_number_atoms_protein        1240 
_refine_hist.pdbx_number_atoms_nucleic_acid   0 
_refine_hist.pdbx_number_atoms_ligand         49 
_refine_hist.number_atoms_solvent             161 
_refine_hist.number_atoms_total               1450 
_refine_hist.d_res_high                       1.80 
_refine_hist.d_res_low                        38.18 
# 
loop_
_refine_ls_restr.pdbx_refine_id 
_refine_ls_restr.criterion 
_refine_ls_restr.dev_ideal 
_refine_ls_restr.dev_ideal_target 
_refine_ls_restr.number 
_refine_ls_restr.rejects 
_refine_ls_restr.type 
_refine_ls_restr.weight 
_refine_ls_restr.pdbx_restraint_function 
'X-RAY DIFFRACTION' ? 0.022  0.019  1311 ? r_bond_refined_d             ? ? 
'X-RAY DIFFRACTION' ? 0.003  0.020  1260 ? r_bond_other_d               ? ? 
'X-RAY DIFFRACTION' ? 2.093  1.977  1754 ? r_angle_refined_deg          ? ? 
'X-RAY DIFFRACTION' ? 1.127  3.000  2910 ? r_angle_other_deg            ? ? 
'X-RAY DIFFRACTION' ? 6.878  5.000  163  ? r_dihedral_angle_1_deg       ? ? 
'X-RAY DIFFRACTION' ? 34.263 24.231 52   ? r_dihedral_angle_2_deg       ? ? 
'X-RAY DIFFRACTION' ? 12.525 15.000 213  ? r_dihedral_angle_3_deg       ? ? 
'X-RAY DIFFRACTION' ? 19.006 15.000 5    ? r_dihedral_angle_4_deg       ? ? 
'X-RAY DIFFRACTION' ? 0.125  0.200  186  ? r_chiral_restr               ? ? 
'X-RAY DIFFRACTION' ? 0.011  0.021  1476 ? r_gen_planes_refined         ? ? 
'X-RAY DIFFRACTION' ? 0.003  0.020  301  ? r_gen_planes_other           ? ? 
'X-RAY DIFFRACTION' ? ?      ?      ?    ? r_nbd_refined                ? ? 
'X-RAY DIFFRACTION' ? ?      ?      ?    ? r_nbd_other                  ? ? 
'X-RAY DIFFRACTION' ? ?      ?      ?    ? r_nbtor_refined              ? ? 
'X-RAY DIFFRACTION' ? ?      ?      ?    ? r_nbtor_other                ? ? 
'X-RAY DIFFRACTION' ? ?      ?      ?    ? r_xyhbond_nbd_refined        ? ? 
'X-RAY DIFFRACTION' ? ?      ?      ?    ? r_xyhbond_nbd_other          ? ? 
'X-RAY DIFFRACTION' ? ?      ?      ?    ? r_metal_ion_refined          ? ? 
'X-RAY DIFFRACTION' ? ?      ?      ?    ? r_metal_ion_other            ? ? 
'X-RAY DIFFRACTION' ? ?      ?      ?    ? r_symmetry_vdw_refined       ? ? 
'X-RAY DIFFRACTION' ? ?      ?      ?    ? r_symmetry_vdw_other         ? ? 
'X-RAY DIFFRACTION' ? ?      ?      ?    ? r_symmetry_hbond_refined     ? ? 
'X-RAY DIFFRACTION' ? ?      ?      ?    ? r_symmetry_hbond_other       ? ? 
'X-RAY DIFFRACTION' ? ?      ?      ?    ? r_symmetry_metal_ion_refined ? ? 
'X-RAY DIFFRACTION' ? ?      ?      ?    ? r_symmetry_metal_ion_other   ? ? 
'X-RAY DIFFRACTION' ? 1.597  1.708  655  ? r_mcbond_it                  ? ? 
'X-RAY DIFFRACTION' ? 1.597  1.712  656  ? r_mcbond_other               ? ? 
'X-RAY DIFFRACTION' ? 2.135  2.553  817  ? r_mcangle_it                 ? ? 
'X-RAY DIFFRACTION' ? 2.135  2.554  818  ? r_mcangle_other              ? ? 
'X-RAY DIFFRACTION' ? 2.515  2.004  656  ? r_scbond_it                  ? ? 
'X-RAY DIFFRACTION' ? 2.513  2.009  657  ? r_scbond_other               ? ? 
'X-RAY DIFFRACTION' ? ?      ?      ?    ? r_scangle_it                 ? ? 
'X-RAY DIFFRACTION' ? 3.564  2.866  938  ? r_scangle_other              ? ? 
'X-RAY DIFFRACTION' ? 5.532  15.305 1525 ? r_long_range_B_refined       ? ? 
'X-RAY DIFFRACTION' ? 5.536  15.325 1526 ? r_long_range_B_other         ? ? 
'X-RAY DIFFRACTION' ? ?      ?      ?    ? r_rigid_bond_restr           ? ? 
'X-RAY DIFFRACTION' ? ?      ?      ?    ? r_sphericity_free            ? ? 
'X-RAY DIFFRACTION' ? ?      ?      ?    ? r_sphericity_bonded          ? ? 
# 
_refine_ls_shell.pdbx_refine_id                   'X-RAY DIFFRACTION' 
_refine_ls_shell.d_res_high                       1.799 
_refine_ls_shell.d_res_low                        1.845 
_refine_ls_shell.number_reflns_all                ? 
_refine_ls_shell.number_reflns_obs                ? 
_refine_ls_shell.number_reflns_R_free             62 
_refine_ls_shell.number_reflns_R_work             1123 
_refine_ls_shell.percent_reflns_obs               88.17 
_refine_ls_shell.percent_reflns_R_free            ? 
_refine_ls_shell.R_factor_all                     ? 
_refine_ls_shell.R_factor_obs                     ? 
_refine_ls_shell.R_factor_R_free                  0.285 
_refine_ls_shell.R_factor_R_free_error            ? 
_refine_ls_shell.R_factor_R_work                  0.173 
_refine_ls_shell.redundancy_reflns_all            ? 
_refine_ls_shell.redundancy_reflns_obs            ? 
_refine_ls_shell.wR_factor_all                    ? 
_refine_ls_shell.wR_factor_obs                    ? 
_refine_ls_shell.wR_factor_R_free                 ? 
_refine_ls_shell.wR_factor_R_work                 ? 
_refine_ls_shell.pdbx_total_number_of_bins_used   20 
_refine_ls_shell.pdbx_phase_error                 ? 
_refine_ls_shell.pdbx_fsc_work                    ? 
_refine_ls_shell.pdbx_fsc_free                    ? 
# 
_struct.entry_id                     5CBW 
_struct.title                        'Human Cyclophilin D Complexed with Inhibitor.' 
_struct.pdbx_model_details           ? 
_struct.pdbx_formula_weight          ? 
_struct.pdbx_formula_weight_method   ? 
_struct.pdbx_model_type_details      ? 
_struct.pdbx_CASP_flag               ? 
# 
_struct_keywords.entry_id        5CBW 
_struct_keywords.text            'cycophilin, inhibitor, isomerase, complex' 
_struct_keywords.pdbx_keywords   ISOMERASE 
# 
loop_
_struct_asym.id 
_struct_asym.pdbx_blank_PDB_chainid_flag 
_struct_asym.pdbx_modified 
_struct_asym.entity_id 
_struct_asym.details 
A N N 1 ? 
B N N 2 ? 
C N N 2 ? 
D N N 3 ? 
E N N 4 ? 
F N N 5 ? 
G N N 6 ? 
H N N 7 ? 
# 
_struct_ref.id                         1 
_struct_ref.db_name                    UNP 
_struct_ref.db_code                    PPIF_HUMAN 
_struct_ref.pdbx_db_accession          P30405 
_struct_ref.pdbx_db_isoform            ? 
_struct_ref.entity_id                  1 
_struct_ref.pdbx_seq_one_letter_code   
;GNPLVYLDVDANGKPLGRVVLELKADVVPKTAENFRALCTGEKGFGYKGSTFHRVIPSFMCQAGDFTNHNGTGGKSIYGS
RFPDENFTLKHVGPGVLSMANAGPNTNGSQFFICTIKTDWLDGKHVVFGHVKEGMDVVKKIESFGSKSGRTSKKIVITDC
GQLS
;
_struct_ref.pdbx_align_begin           44 
# 
_struct_ref_seq.align_id                      1 
_struct_ref_seq.ref_id                        1 
_struct_ref_seq.pdbx_PDB_id_code              5CBW 
_struct_ref_seq.pdbx_strand_id                A 
_struct_ref_seq.seq_align_beg                 2 
_struct_ref_seq.pdbx_seq_align_beg_ins_code   ? 
_struct_ref_seq.seq_align_end                 165 
_struct_ref_seq.pdbx_seq_align_end_ins_code   ? 
_struct_ref_seq.pdbx_db_accession             P30405 
_struct_ref_seq.db_align_beg                  44 
_struct_ref_seq.pdbx_db_align_beg_ins_code    ? 
_struct_ref_seq.db_align_end                  207 
_struct_ref_seq.pdbx_db_align_end_ins_code    ? 
_struct_ref_seq.pdbx_auth_seq_align_beg       2 
_struct_ref_seq.pdbx_auth_seq_align_end       165 
# 
loop_
_struct_ref_seq_dif.align_id 
_struct_ref_seq_dif.pdbx_pdb_id_code 
_struct_ref_seq_dif.mon_id 
_struct_ref_seq_dif.pdbx_pdb_strand_id 
_struct_ref_seq_dif.seq_num 
_struct_ref_seq_dif.pdbx_pdb_ins_code 
_struct_ref_seq_dif.pdbx_seq_db_name 
_struct_ref_seq_dif.pdbx_seq_db_accession_code 
_struct_ref_seq_dif.db_mon_id 
_struct_ref_seq_dif.pdbx_seq_db_seq_num 
_struct_ref_seq_dif.details 
_struct_ref_seq_dif.pdbx_auth_seq_num 
_struct_ref_seq_dif.pdbx_ordinal 
1 5CBW MET A 1   ? UNP P30405 ?   ?   'initiating methionine' 1   1 
1 5CBW ILE A 133 ? UNP P30405 LYS 175 'engineered mutation'   133 2 
# 
_pdbx_struct_assembly.id                   1 
_pdbx_struct_assembly.details              software_defined_assembly 
_pdbx_struct_assembly.method_details       PISA 
_pdbx_struct_assembly.oligomeric_details   monomeric 
_pdbx_struct_assembly.oligomeric_count     1 
# 
loop_
_pdbx_struct_assembly_prop.biol_id 
_pdbx_struct_assembly_prop.type 
_pdbx_struct_assembly_prop.value 
_pdbx_struct_assembly_prop.details 
1 'ABSA (A^2)' 1280 ? 
1 MORE         6    ? 
1 'SSA (A^2)'  7070 ? 
# 
_pdbx_struct_assembly_gen.assembly_id       1 
_pdbx_struct_assembly_gen.oper_expression   1 
_pdbx_struct_assembly_gen.asym_id_list      A,B,C,D,E,F,G,H 
# 
_pdbx_struct_oper_list.id                   1 
_pdbx_struct_oper_list.type                 'identity operation' 
_pdbx_struct_oper_list.name                 1_555 
_pdbx_struct_oper_list.symmetry_operation   x,y,z 
_pdbx_struct_oper_list.matrix[1][1]         1.0000000000 
_pdbx_struct_oper_list.matrix[1][2]         0.0000000000 
_pdbx_struct_oper_list.matrix[1][3]         0.0000000000 
_pdbx_struct_oper_list.vector[1]            0.0000000000 
_pdbx_struct_oper_list.matrix[2][1]         0.0000000000 
_pdbx_struct_oper_list.matrix[2][2]         1.0000000000 
_pdbx_struct_oper_list.matrix[2][3]         0.0000000000 
_pdbx_struct_oper_list.vector[2]            0.0000000000 
_pdbx_struct_oper_list.matrix[3][1]         0.0000000000 
_pdbx_struct_oper_list.matrix[3][2]         0.0000000000 
_pdbx_struct_oper_list.matrix[3][3]         1.0000000000 
_pdbx_struct_oper_list.vector[3]            0.0000000000 
# 
loop_
_struct_conf.conf_type_id 
_struct_conf.id 
_struct_conf.pdbx_PDB_helix_id 
_struct_conf.beg_label_comp_id 
_struct_conf.beg_label_asym_id 
_struct_conf.beg_label_seq_id 
_struct_conf.pdbx_beg_PDB_ins_code 
_struct_conf.end_label_comp_id 
_struct_conf.end_label_asym_id 
_struct_conf.end_label_seq_id 
_struct_conf.pdbx_end_PDB_ins_code 
_struct_conf.beg_auth_comp_id 
_struct_conf.beg_auth_asym_id 
_struct_conf.beg_auth_seq_id 
_struct_conf.end_auth_comp_id 
_struct_conf.end_auth_asym_id 
_struct_conf.end_auth_seq_id 
_struct_conf.pdbx_PDB_helix_class 
_struct_conf.details 
_struct_conf.pdbx_PDB_helix_length 
HELX_P HELX_P1 AA1 VAL A 29  ? GLY A 42  ? VAL A 29  GLY A 42  1 ? 14 
HELX_P HELX_P2 AA2 THR A 119 ? ASP A 123 ? THR A 119 ASP A 123 5 ? 5  
HELX_P HELX_P3 AA3 GLY A 135 ? PHE A 145 ? GLY A 135 PHE A 145 1 ? 11 
# 
_struct_conf_type.id          HELX_P 
_struct_conf_type.criteria    ? 
_struct_conf_type.reference   ? 
# 
loop_
_struct_conn.id 
_struct_conn.conn_type_id 
_struct_conn.pdbx_leaving_atom_flag 
_struct_conn.pdbx_PDB_id 
_struct_conn.ptnr1_label_asym_id 
_struct_conn.ptnr1_label_comp_id 
_struct_conn.ptnr1_label_seq_id 
_struct_conn.ptnr1_label_atom_id 
_struct_conn.pdbx_ptnr1_label_alt_id 
_struct_conn.pdbx_ptnr1_PDB_ins_code 
_struct_conn.pdbx_ptnr1_standard_comp_id 
_struct_conn.ptnr1_symmetry 
_struct_conn.ptnr2_label_asym_id 
_struct_conn.ptnr2_label_comp_id 
_struct_conn.ptnr2_label_seq_id 
_struct_conn.ptnr2_label_atom_id 
_struct_conn.pdbx_ptnr2_label_alt_id 
_struct_conn.pdbx_ptnr2_PDB_ins_code 
_struct_conn.ptnr1_auth_asym_id 
_struct_conn.ptnr1_auth_comp_id 
_struct_conn.ptnr1_auth_seq_id 
_struct_conn.ptnr2_auth_asym_id 
_struct_conn.ptnr2_auth_comp_id 
_struct_conn.ptnr2_auth_seq_id 
_struct_conn.ptnr2_symmetry 
_struct_conn.pdbx_ptnr3_label_atom_id 
_struct_conn.pdbx_ptnr3_label_seq_id 
_struct_conn.pdbx_ptnr3_label_comp_id 
_struct_conn.pdbx_ptnr3_label_asym_id 
_struct_conn.pdbx_ptnr3_label_alt_id 
_struct_conn.pdbx_ptnr3_PDB_ins_code 
_struct_conn.details 
_struct_conn.pdbx_dist_value 
_struct_conn.pdbx_value_order 
_struct_conn.pdbx_role 
metalc1  metalc ? ? A TYR 7   OH  ? ? ? 1_555 C K   . K  ? ? A TYR 7   A K   202 1_555 ? ? ? ? ? ? ? 3.273 ? ? 
metalc2  metalc ? ? A ASP 160 OD1 ? ? ? 1_555 C K   . K  ? ? A ASP 160 A K   202 1_555 ? ? ? ? ? ? ? 2.905 ? ? 
metalc3  metalc ? ? A CYS 161 O   ? ? ? 1_555 C K   . K  ? ? A CYS 161 A K   202 1_555 ? ? ? ? ? ? ? 2.715 ? ? 
metalc4  metalc ? ? B K   .   K   ? ? ? 1_555 F PGE . O4 ? ? A K   201 A PGE 205 1_555 ? ? ? ? ? ? ? 2.859 ? ? 
metalc5  metalc ? ? B K   .   K   ? ? ? 1_555 F PGE . O1 ? ? A K   201 A PGE 205 1_555 ? ? ? ? ? ? ? 3.433 ? ? 
metalc6  metalc ? ? B K   .   K   ? ? ? 1_555 F PGE . O2 ? ? A K   201 A PGE 205 1_555 ? ? ? ? ? ? ? 2.699 ? ? 
metalc7  metalc ? ? B K   .   K   ? ? ? 1_555 F PGE . O3 ? ? A K   201 A PGE 205 1_555 ? ? ? ? ? ? ? 2.856 ? ? 
metalc8  metalc ? ? B K   .   K   ? ? ? 1_555 F PGE . O1 ? ? A K   201 A PGE 205 7_555 ? ? ? ? ? ? ? 3.433 ? ? 
metalc9  metalc ? ? B K   .   K   ? ? ? 1_555 F PGE . O2 ? ? A K   201 A PGE 205 7_555 ? ? ? ? ? ? ? 2.699 ? ? 
metalc10 metalc ? ? B K   .   K   ? ? ? 1_555 F PGE . O3 ? ? A K   201 A PGE 205 7_555 ? ? ? ? ? ? ? 2.856 ? ? 
metalc11 metalc ? ? B K   .   K   ? ? ? 1_555 F PGE . O4 ? ? A K   201 A PGE 205 7_555 ? ? ? ? ? ? ? 2.859 ? ? 
metalc12 metalc ? ? C K   .   K   ? ? ? 1_555 D FMT . O1 ? ? A K   202 A FMT 203 1_555 ? ? ? ? ? ? ? 2.919 ? ? 
metalc13 metalc ? ? C K   .   K   ? ? ? 1_555 H HOH . O  ? ? A K   202 A HOH 360 1_555 ? ? ? ? ? ? ? 3.454 ? ? 
metalc14 metalc ? ? C K   .   K   ? ? ? 1_555 H HOH . O  ? ? A K   202 A HOH 433 1_555 ? ? ? ? ? ? ? 2.797 ? ? 
# 
_struct_conn_type.id          metalc 
_struct_conn_type.criteria    ? 
_struct_conn_type.reference   ? 
# 
loop_
_pdbx_struct_conn_angle.id 
_pdbx_struct_conn_angle.ptnr1_label_atom_id 
_pdbx_struct_conn_angle.ptnr1_label_alt_id 
_pdbx_struct_conn_angle.ptnr1_label_asym_id 
_pdbx_struct_conn_angle.ptnr1_label_comp_id 
_pdbx_struct_conn_angle.ptnr1_label_seq_id 
_pdbx_struct_conn_angle.ptnr1_auth_atom_id 
_pdbx_struct_conn_angle.ptnr1_auth_asym_id 
_pdbx_struct_conn_angle.ptnr1_auth_comp_id 
_pdbx_struct_conn_angle.ptnr1_auth_seq_id 
_pdbx_struct_conn_angle.ptnr1_PDB_ins_code 
_pdbx_struct_conn_angle.ptnr1_symmetry 
_pdbx_struct_conn_angle.ptnr2_label_atom_id 
_pdbx_struct_conn_angle.ptnr2_label_alt_id 
_pdbx_struct_conn_angle.ptnr2_label_asym_id 
_pdbx_struct_conn_angle.ptnr2_label_comp_id 
_pdbx_struct_conn_angle.ptnr2_label_seq_id 
_pdbx_struct_conn_angle.ptnr2_auth_atom_id 
_pdbx_struct_conn_angle.ptnr2_auth_asym_id 
_pdbx_struct_conn_angle.ptnr2_auth_comp_id 
_pdbx_struct_conn_angle.ptnr2_auth_seq_id 
_pdbx_struct_conn_angle.ptnr2_PDB_ins_code 
_pdbx_struct_conn_angle.ptnr2_symmetry 
_pdbx_struct_conn_angle.ptnr3_label_atom_id 
_pdbx_struct_conn_angle.ptnr3_label_alt_id 
_pdbx_struct_conn_angle.ptnr3_label_asym_id 
_pdbx_struct_conn_angle.ptnr3_label_comp_id 
_pdbx_struct_conn_angle.ptnr3_label_seq_id 
_pdbx_struct_conn_angle.ptnr3_auth_atom_id 
_pdbx_struct_conn_angle.ptnr3_auth_asym_id 
_pdbx_struct_conn_angle.ptnr3_auth_comp_id 
_pdbx_struct_conn_angle.ptnr3_auth_seq_id 
_pdbx_struct_conn_angle.ptnr3_PDB_ins_code 
_pdbx_struct_conn_angle.ptnr3_symmetry 
_pdbx_struct_conn_angle.value 
_pdbx_struct_conn_angle.value_esd 
1  OH  ? A TYR 7   ? A TYR 7   ? 1_555 K ? C K . ? A K 202 ? 1_555 OD1 ? A ASP 160 ? A ASP 160 ? 1_555 83.9  ? 
2  OH  ? A TYR 7   ? A TYR 7   ? 1_555 K ? C K . ? A K 202 ? 1_555 O   ? A CYS 161 ? A CYS 161 ? 1_555 73.1  ? 
3  OD1 ? A ASP 160 ? A ASP 160 ? 1_555 K ? C K . ? A K 202 ? 1_555 O   ? A CYS 161 ? A CYS 161 ? 1_555 76.3  ? 
4  OH  ? A TYR 7   ? A TYR 7   ? 1_555 K ? C K . ? A K 202 ? 1_555 O1  ? D FMT .   ? A FMT 203 ? 1_555 147.0 ? 
5  OD1 ? A ASP 160 ? A ASP 160 ? 1_555 K ? C K . ? A K 202 ? 1_555 O1  ? D FMT .   ? A FMT 203 ? 1_555 88.3  ? 
6  O   ? A CYS 161 ? A CYS 161 ? 1_555 K ? C K . ? A K 202 ? 1_555 O1  ? D FMT .   ? A FMT 203 ? 1_555 73.9  ? 
7  OH  ? A TYR 7   ? A TYR 7   ? 1_555 K ? C K . ? A K 202 ? 1_555 O   ? H HOH .   ? A HOH 360 ? 1_555 48.3  ? 
8  OD1 ? A ASP 160 ? A ASP 160 ? 1_555 K ? C K . ? A K 202 ? 1_555 O   ? H HOH .   ? A HOH 360 ? 1_555 131.2 ? 
9  O   ? A CYS 161 ? A CYS 161 ? 1_555 K ? C K . ? A K 202 ? 1_555 O   ? H HOH .   ? A HOH 360 ? 1_555 94.9  ? 
10 O1  ? D FMT .   ? A FMT 203 ? 1_555 K ? C K . ? A K 202 ? 1_555 O   ? H HOH .   ? A HOH 360 ? 1_555 136.0 ? 
11 OH  ? A TYR 7   ? A TYR 7   ? 1_555 K ? C K . ? A K 202 ? 1_555 O   ? H HOH .   ? A HOH 433 ? 1_555 103.6 ? 
12 OD1 ? A ASP 160 ? A ASP 160 ? 1_555 K ? C K . ? A K 202 ? 1_555 O   ? H HOH .   ? A HOH 433 ? 1_555 147.2 ? 
13 O   ? A CYS 161 ? A CYS 161 ? 1_555 K ? C K . ? A K 202 ? 1_555 O   ? H HOH .   ? A HOH 433 ? 1_555 75.6  ? 
14 O1  ? D FMT .   ? A FMT 203 ? 1_555 K ? C K . ? A K 202 ? 1_555 O   ? H HOH .   ? A HOH 433 ? 1_555 67.9  ? 
15 O   ? H HOH .   ? A HOH 360 ? 1_555 K ? C K . ? A K 202 ? 1_555 O   ? H HOH .   ? A HOH 433 ? 1_555 68.1  ? 
16 O4  ? F PGE .   ? A PGE 205 ? 1_555 K ? B K . ? A K 201 ? 1_555 O1  ? F PGE .   ? A PGE 205 ? 1_555 117.1 ? 
17 O4  ? F PGE .   ? A PGE 205 ? 1_555 K ? B K . ? A K 201 ? 1_555 O2  ? F PGE .   ? A PGE 205 ? 1_555 111.8 ? 
18 O1  ? F PGE .   ? A PGE 205 ? 1_555 K ? B K . ? A K 201 ? 1_555 O2  ? F PGE .   ? A PGE 205 ? 1_555 53.8  ? 
19 O4  ? F PGE .   ? A PGE 205 ? 1_555 K ? B K . ? A K 201 ? 1_555 O3  ? F PGE .   ? A PGE 205 ? 1_555 54.9  ? 
20 O1  ? F PGE .   ? A PGE 205 ? 1_555 K ? B K . ? A K 201 ? 1_555 O3  ? F PGE .   ? A PGE 205 ? 1_555 93.2  ? 
21 O2  ? F PGE .   ? A PGE 205 ? 1_555 K ? B K . ? A K 201 ? 1_555 O3  ? F PGE .   ? A PGE 205 ? 1_555 58.5  ? 
22 O4  ? F PGE .   ? A PGE 205 ? 1_555 K ? B K . ? A K 201 ? 1_555 O1  ? F PGE .   ? A PGE 205 ? 7_555 81.7  ? 
23 O1  ? F PGE .   ? A PGE 205 ? 1_555 K ? B K . ? A K 201 ? 1_555 O1  ? F PGE .   ? A PGE 205 ? 7_555 42.7  ? 
24 O2  ? F PGE .   ? A PGE 205 ? 1_555 K ? B K . ? A K 201 ? 1_555 O1  ? F PGE .   ? A PGE 205 ? 7_555 87.7  ? 
25 O3  ? F PGE .   ? A PGE 205 ? 1_555 K ? B K . ? A K 201 ? 1_555 O1  ? F PGE .   ? A PGE 205 ? 7_555 92.0  ? 
26 O4  ? F PGE .   ? A PGE 205 ? 1_555 K ? B K . ? A K 201 ? 1_555 O2  ? F PGE .   ? A PGE 205 ? 7_555 75.0  ? 
27 O1  ? F PGE .   ? A PGE 205 ? 1_555 K ? B K . ? A K 201 ? 1_555 O2  ? F PGE .   ? A PGE 205 ? 7_555 87.7  ? 
28 O2  ? F PGE .   ? A PGE 205 ? 1_555 K ? B K . ? A K 201 ? 1_555 O2  ? F PGE .   ? A PGE 205 ? 7_555 140.4 ? 
29 O3  ? F PGE .   ? A PGE 205 ? 1_555 K ? B K . ? A K 201 ? 1_555 O2  ? F PGE .   ? A PGE 205 ? 7_555 123.8 ? 
30 O1  ? F PGE .   ? A PGE 205 ? 7_555 K ? B K . ? A K 201 ? 1_555 O2  ? F PGE .   ? A PGE 205 ? 7_555 53.8  ? 
31 O4  ? F PGE .   ? A PGE 205 ? 1_555 K ? B K . ? A K 201 ? 1_555 O3  ? F PGE .   ? A PGE 205 ? 7_555 123.9 ? 
32 O1  ? F PGE .   ? A PGE 205 ? 1_555 K ? B K . ? A K 201 ? 1_555 O3  ? F PGE .   ? A PGE 205 ? 7_555 92.0  ? 
33 O2  ? F PGE .   ? A PGE 205 ? 1_555 K ? B K . ? A K 201 ? 1_555 O3  ? F PGE .   ? A PGE 205 ? 7_555 123.8 ? 
34 O3  ? F PGE .   ? A PGE 205 ? 1_555 K ? B K . ? A K 201 ? 1_555 O3  ? F PGE .   ? A PGE 205 ? 7_555 174.4 ? 
35 O1  ? F PGE .   ? A PGE 205 ? 7_555 K ? B K . ? A K 201 ? 1_555 O3  ? F PGE .   ? A PGE 205 ? 7_555 93.2  ? 
36 O2  ? F PGE .   ? A PGE 205 ? 7_555 K ? B K . ? A K 201 ? 1_555 O3  ? F PGE .   ? A PGE 205 ? 7_555 58.5  ? 
37 O4  ? F PGE .   ? A PGE 205 ? 1_555 K ? B K . ? A K 201 ? 1_555 O4  ? F PGE .   ? A PGE 205 ? 7_555 160.8 ? 
38 O1  ? F PGE .   ? A PGE 205 ? 1_555 K ? B K . ? A K 201 ? 1_555 O4  ? F PGE .   ? A PGE 205 ? 7_555 81.7  ? 
39 O2  ? F PGE .   ? A PGE 205 ? 1_555 K ? B K . ? A K 201 ? 1_555 O4  ? F PGE .   ? A PGE 205 ? 7_555 75.0  ? 
40 O3  ? F PGE .   ? A PGE 205 ? 1_555 K ? B K . ? A K 201 ? 1_555 O4  ? F PGE .   ? A PGE 205 ? 7_555 123.9 ? 
41 O1  ? F PGE .   ? A PGE 205 ? 7_555 K ? B K . ? A K 201 ? 1_555 O4  ? F PGE .   ? A PGE 205 ? 7_555 117.1 ? 
42 O2  ? F PGE .   ? A PGE 205 ? 7_555 K ? B K . ? A K 201 ? 1_555 O4  ? F PGE .   ? A PGE 205 ? 7_555 111.8 ? 
43 O3  ? F PGE .   ? A PGE 205 ? 7_555 K ? B K . ? A K 201 ? 1_555 O4  ? F PGE .   ? A PGE 205 ? 7_555 54.9  ? 
# 
_struct_sheet.id               AA1 
_struct_sheet.type             ? 
_struct_sheet.number_strands   8 
_struct_sheet.details          ? 
# 
loop_
_struct_sheet_order.sheet_id 
_struct_sheet_order.range_id_1 
_struct_sheet_order.range_id_2 
_struct_sheet_order.offset 
_struct_sheet_order.sense 
AA1 1 2 ? anti-parallel 
AA1 2 3 ? anti-parallel 
AA1 3 4 ? anti-parallel 
AA1 4 5 ? anti-parallel 
AA1 5 6 ? anti-parallel 
AA1 6 7 ? anti-parallel 
AA1 7 8 ? anti-parallel 
# 
loop_
_struct_sheet_range.sheet_id 
_struct_sheet_range.id 
_struct_sheet_range.beg_label_comp_id 
_struct_sheet_range.beg_label_asym_id 
_struct_sheet_range.beg_label_seq_id 
_struct_sheet_range.pdbx_beg_PDB_ins_code 
_struct_sheet_range.end_label_comp_id 
_struct_sheet_range.end_label_asym_id 
_struct_sheet_range.end_label_seq_id 
_struct_sheet_range.pdbx_end_PDB_ins_code 
_struct_sheet_range.beg_auth_comp_id 
_struct_sheet_range.beg_auth_asym_id 
_struct_sheet_range.beg_auth_seq_id 
_struct_sheet_range.end_auth_comp_id 
_struct_sheet_range.end_auth_asym_id 
_struct_sheet_range.end_auth_seq_id 
AA1 1 PHE A 53  ? ILE A 57  ? PHE A 53  ILE A 57  
AA1 2 MET A 61  ? ALA A 64  ? MET A 61  ALA A 64  
AA1 3 PHE A 112 ? CYS A 115 ? PHE A 112 CYS A 115 
AA1 4 VAL A 97  ? MET A 100 ? VAL A 97  MET A 100 
AA1 5 VAL A 128 ? GLU A 134 ? VAL A 128 GLU A 134 
AA1 6 LYS A 15  ? LEU A 24  ? LYS A 15  LEU A 24  
AA1 7 LEU A 5   ? ALA A 12  ? LEU A 5   ALA A 12  
AA1 8 ILE A 156 ? GLN A 163 ? ILE A 156 GLN A 163 
# 
loop_
_pdbx_struct_sheet_hbond.sheet_id 
_pdbx_struct_sheet_hbond.range_id_1 
_pdbx_struct_sheet_hbond.range_id_2 
_pdbx_struct_sheet_hbond.range_1_label_atom_id 
_pdbx_struct_sheet_hbond.range_1_label_comp_id 
_pdbx_struct_sheet_hbond.range_1_label_asym_id 
_pdbx_struct_sheet_hbond.range_1_label_seq_id 
_pdbx_struct_sheet_hbond.range_1_PDB_ins_code 
_pdbx_struct_sheet_hbond.range_1_auth_atom_id 
_pdbx_struct_sheet_hbond.range_1_auth_comp_id 
_pdbx_struct_sheet_hbond.range_1_auth_asym_id 
_pdbx_struct_sheet_hbond.range_1_auth_seq_id 
_pdbx_struct_sheet_hbond.range_2_label_atom_id 
_pdbx_struct_sheet_hbond.range_2_label_comp_id 
_pdbx_struct_sheet_hbond.range_2_label_asym_id 
_pdbx_struct_sheet_hbond.range_2_label_seq_id 
_pdbx_struct_sheet_hbond.range_2_PDB_ins_code 
_pdbx_struct_sheet_hbond.range_2_auth_atom_id 
_pdbx_struct_sheet_hbond.range_2_auth_comp_id 
_pdbx_struct_sheet_hbond.range_2_auth_asym_id 
_pdbx_struct_sheet_hbond.range_2_auth_seq_id 
AA1 1 2 N ARG A 55  ? N ARG A 55  O GLN A 63  ? O GLN A 63  
AA1 2 3 N ALA A 64  ? N ALA A 64  O PHE A 112 ? O PHE A 112 
AA1 3 4 O PHE A 113 ? O PHE A 113 N SER A 99  ? N SER A 99  
AA1 4 5 N LEU A 98  ? N LEU A 98  O GLY A 130 ? O GLY A 130 
AA1 5 6 O ILE A 133 ? O ILE A 133 N VAL A 21  ? N VAL A 21  
AA1 6 7 O LEU A 17  ? O LEU A 17  N VAL A 10  ? N VAL A 10  
AA1 7 8 N ASP A 9   ? N ASP A 9   O ASP A 160 ? O ASP A 160 
# 
loop_
_struct_site.id 
_struct_site.pdbx_evidence_code 
_struct_site.pdbx_auth_asym_id 
_struct_site.pdbx_auth_comp_id 
_struct_site.pdbx_auth_seq_id 
_struct_site.pdbx_auth_ins_code 
_struct_site.pdbx_num_residues 
_struct_site.details 
AC1 Software A K   201 ? 2  'binding site for residue K A 201'   
AC2 Software A K   202 ? 5  'binding site for residue K A 202'   
AC3 Software A FMT 203 ? 7  'binding site for residue FMT A 203' 
AC4 Software A PG4 204 ? 6  'binding site for residue PG4 A 204' 
AC5 Software A PGE 205 ? 6  'binding site for residue PGE A 205' 
AC6 Software A 4ZO 206 ? 13 'binding site for residue 4ZO A 206' 
# 
loop_
_struct_site_gen.id 
_struct_site_gen.site_id 
_struct_site_gen.pdbx_num_res 
_struct_site_gen.label_comp_id 
_struct_site_gen.label_asym_id 
_struct_site_gen.label_seq_id 
_struct_site_gen.pdbx_auth_ins_code 
_struct_site_gen.auth_comp_id 
_struct_site_gen.auth_asym_id 
_struct_site_gen.auth_seq_id 
_struct_site_gen.label_atom_id 
_struct_site_gen.label_alt_id 
_struct_site_gen.symmetry 
_struct_site_gen.details 
1  AC1 2  PGE F .   ? PGE A 205 . ? 1_555 ? 
2  AC1 2  PGE F .   ? PGE A 205 . ? 7_555 ? 
3  AC2 5  TYR A 7   ? TYR A 7   . ? 1_555 ? 
4  AC2 5  ASP A 160 ? ASP A 160 . ? 1_555 ? 
5  AC2 5  CYS A 161 ? CYS A 161 . ? 1_555 ? 
6  AC2 5  FMT D .   ? FMT A 203 . ? 1_555 ? 
7  AC2 5  HOH H .   ? HOH A 433 . ? 1_555 ? 
8  AC3 7  CYS A 40  ? CYS A 40  . ? 1_555 ? 
9  AC3 7  THR A 41  ? THR A 41  . ? 1_555 ? 
10 AC3 7  LYS A 49  ? LYS A 49  . ? 1_555 ? 
11 AC3 7  CYS A 161 ? CYS A 161 . ? 1_555 ? 
12 AC3 7  K   C .   ? K   A 202 . ? 1_555 ? 
13 AC3 7  HOH H .   ? HOH A 304 . ? 1_555 ? 
14 AC3 7  HOH H .   ? HOH A 330 . ? 1_555 ? 
15 AC4 6  TYR A 79  ? TYR A 79  . ? 6_545 ? 
16 AC4 6  VAL A 93  ? VAL A 93  . ? 1_555 ? 
17 AC4 6  PRO A 95  ? PRO A 95  . ? 1_555 ? 
18 AC4 6  HIS A 131 ? HIS A 131 . ? 1_555 ? 
19 AC4 6  HOH H .   ? HOH A 301 . ? 1_555 ? 
20 AC4 6  HOH H .   ? HOH A 405 . ? 1_555 ? 
21 AC5 6  PRO A 58  ? PRO A 58  . ? 1_555 ? 
22 AC5 6  SER A 59  ? SER A 59  . ? 1_555 ? 
23 AC5 6  TRP A 121 ? TRP A 121 . ? 1_555 ? 
24 AC5 6  LYS A 148 ? LYS A 148 . ? 7_555 ? 
25 AC5 6  K   B .   ? K   A 201 . ? 7_555 ? 
26 AC5 6  K   B .   ? K   A 201 . ? 1_555 ? 
27 AC6 13 ARG A 55  ? ARG A 55  . ? 1_555 ? 
28 AC6 13 GLN A 63  ? GLN A 63  . ? 1_555 ? 
29 AC6 13 GLY A 72  ? GLY A 72  . ? 1_555 ? 
30 AC6 13 THR A 73  ? THR A 73  . ? 7_555 ? 
31 AC6 13 SER A 81  ? SER A 81  . ? 1_555 ? 
32 AC6 13 ARG A 82  ? ARG A 82  . ? 1_555 ? 
33 AC6 13 ALA A 101 ? ALA A 101 . ? 1_555 ? 
34 AC6 13 ASN A 102 ? ASN A 102 . ? 1_555 ? 
35 AC6 13 THR A 107 ? THR A 107 . ? 1_555 ? 
36 AC6 13 GLN A 111 ? GLN A 111 . ? 1_555 ? 
37 AC6 13 PHE A 113 ? PHE A 113 . ? 1_555 ? 
38 AC6 13 HIS A 126 ? HIS A 126 . ? 1_555 ? 
39 AC6 13 HOH H .   ? HOH A 398 . ? 1_555 ? 
# 
loop_
_pdbx_validate_close_contact.id 
_pdbx_validate_close_contact.PDB_model_num 
_pdbx_validate_close_contact.auth_atom_id_1 
_pdbx_validate_close_contact.auth_asym_id_1 
_pdbx_validate_close_contact.auth_comp_id_1 
_pdbx_validate_close_contact.auth_seq_id_1 
_pdbx_validate_close_contact.PDB_ins_code_1 
_pdbx_validate_close_contact.label_alt_id_1 
_pdbx_validate_close_contact.auth_atom_id_2 
_pdbx_validate_close_contact.auth_asym_id_2 
_pdbx_validate_close_contact.auth_comp_id_2 
_pdbx_validate_close_contact.auth_seq_id_2 
_pdbx_validate_close_contact.PDB_ins_code_2 
_pdbx_validate_close_contact.label_alt_id_2 
_pdbx_validate_close_contact.dist 
1 1 O   A HOH 393 ? ? O A HOH 441 ? ? 1.73 
2 1 O5  A PG4 204 ? ? O A HOH 301 ? ? 2.05 
3 1 OD1 A ASP 11  ? ? O A HOH 302 ? ? 2.17 
# 
loop_
_pdbx_validate_symm_contact.id 
_pdbx_validate_symm_contact.PDB_model_num 
_pdbx_validate_symm_contact.auth_atom_id_1 
_pdbx_validate_symm_contact.auth_asym_id_1 
_pdbx_validate_symm_contact.auth_comp_id_1 
_pdbx_validate_symm_contact.auth_seq_id_1 
_pdbx_validate_symm_contact.PDB_ins_code_1 
_pdbx_validate_symm_contact.label_alt_id_1 
_pdbx_validate_symm_contact.site_symmetry_1 
_pdbx_validate_symm_contact.auth_atom_id_2 
_pdbx_validate_symm_contact.auth_asym_id_2 
_pdbx_validate_symm_contact.auth_comp_id_2 
_pdbx_validate_symm_contact.auth_seq_id_2 
_pdbx_validate_symm_contact.PDB_ins_code_2 
_pdbx_validate_symm_contact.label_alt_id_2 
_pdbx_validate_symm_contact.site_symmetry_2 
_pdbx_validate_symm_contact.dist 
1 1 O A HOH 439 ? ? 1_555 O A HOH 439 ? ? 7_555 1.72 
2 1 O A HOH 340 ? ? 1_555 O A HOH 397 ? ? 3_444 1.77 
# 
loop_
_pdbx_validate_rmsd_angle.id 
_pdbx_validate_rmsd_angle.PDB_model_num 
_pdbx_validate_rmsd_angle.auth_atom_id_1 
_pdbx_validate_rmsd_angle.auth_asym_id_1 
_pdbx_validate_rmsd_angle.auth_comp_id_1 
_pdbx_validate_rmsd_angle.auth_seq_id_1 
_pdbx_validate_rmsd_angle.PDB_ins_code_1 
_pdbx_validate_rmsd_angle.label_alt_id_1 
_pdbx_validate_rmsd_angle.auth_atom_id_2 
_pdbx_validate_rmsd_angle.auth_asym_id_2 
_pdbx_validate_rmsd_angle.auth_comp_id_2 
_pdbx_validate_rmsd_angle.auth_seq_id_2 
_pdbx_validate_rmsd_angle.PDB_ins_code_2 
_pdbx_validate_rmsd_angle.label_alt_id_2 
_pdbx_validate_rmsd_angle.auth_atom_id_3 
_pdbx_validate_rmsd_angle.auth_asym_id_3 
_pdbx_validate_rmsd_angle.auth_comp_id_3 
_pdbx_validate_rmsd_angle.auth_seq_id_3 
_pdbx_validate_rmsd_angle.PDB_ins_code_3 
_pdbx_validate_rmsd_angle.label_alt_id_3 
_pdbx_validate_rmsd_angle.angle_value 
_pdbx_validate_rmsd_angle.angle_target_value 
_pdbx_validate_rmsd_angle.angle_deviation 
_pdbx_validate_rmsd_angle.angle_standard_deviation 
_pdbx_validate_rmsd_angle.linker_flag 
1 1 NE A ARG 37  ? ? CZ A ARG 37  ? ? NH1 A ARG 37  ? ? 124.53 120.30 4.23  0.50 N 
2 1 NE A ARG 55  ? ? CZ A ARG 55  ? ? NH2 A ARG 55  ? ? 124.40 120.30 4.10  0.50 N 
3 1 NE A ARG 151 ? ? CZ A ARG 151 ? ? NH1 A ARG 151 ? ? 117.11 120.30 -3.19 0.50 N 
# 
loop_
_pdbx_validate_torsion.id 
_pdbx_validate_torsion.PDB_model_num 
_pdbx_validate_torsion.auth_comp_id 
_pdbx_validate_torsion.auth_asym_id 
_pdbx_validate_torsion.auth_seq_id 
_pdbx_validate_torsion.PDB_ins_code 
_pdbx_validate_torsion.label_alt_id 
_pdbx_validate_torsion.phi 
_pdbx_validate_torsion.psi 
1 1 ASN A 13  ? ? 39.75   48.01  
2 1 PHE A 60  ? ? -144.97 -77.96 
3 1 ASN A 71  ? ? -151.19 11.04  
4 1 THR A 119 ? ? -117.51 51.18  
# 
loop_
_pdbx_struct_special_symmetry.id 
_pdbx_struct_special_symmetry.PDB_model_num 
_pdbx_struct_special_symmetry.auth_asym_id 
_pdbx_struct_special_symmetry.auth_comp_id 
_pdbx_struct_special_symmetry.auth_seq_id 
_pdbx_struct_special_symmetry.PDB_ins_code 
_pdbx_struct_special_symmetry.label_asym_id 
_pdbx_struct_special_symmetry.label_comp_id 
_pdbx_struct_special_symmetry.label_seq_id 
1 1 A K   201 ? B K   . 
2 1 A HOH 420 ? H HOH . 
# 
_pdbx_unobs_or_zero_occ_residues.id               1 
_pdbx_unobs_or_zero_occ_residues.PDB_model_num    1 
_pdbx_unobs_or_zero_occ_residues.polymer_flag     Y 
_pdbx_unobs_or_zero_occ_residues.occupancy_flag   1 
_pdbx_unobs_or_zero_occ_residues.auth_asym_id     A 
_pdbx_unobs_or_zero_occ_residues.auth_comp_id     MET 
_pdbx_unobs_or_zero_occ_residues.auth_seq_id      1 
_pdbx_unobs_or_zero_occ_residues.PDB_ins_code     ? 
_pdbx_unobs_or_zero_occ_residues.label_asym_id    A 
_pdbx_unobs_or_zero_occ_residues.label_comp_id    MET 
_pdbx_unobs_or_zero_occ_residues.label_seq_id     1 
# 
loop_
_chem_comp_atom.comp_id 
_chem_comp_atom.atom_id 
_chem_comp_atom.type_symbol 
_chem_comp_atom.pdbx_aromatic_flag 
_chem_comp_atom.pdbx_stereo_config 
_chem_comp_atom.pdbx_ordinal 
4ZO C3   C N N 1   
4ZO C5   C N N 2   
4ZO CAA  C Y N 3   
4ZO CAB  C Y N 4   
4ZO CAC  C Y N 5   
4ZO CAD  C Y N 6   
4ZO CAE  C Y N 7   
4ZO CAF  C Y N 8   
4ZO CAG  C N N 9   
4ZO NAH  N N N 10  
4ZO CAI  C N N 11  
4ZO OAO  O N N 12  
4ZO NAJ  N N N 13  
4ZO CAK  C N N 14  
4ZO CAL  C N N 15  
4ZO OAQ  O N N 16  
4ZO OAM  O N N 17  
4ZO CAN  C N N 18  
4ZO CAP  C N N 19  
4ZO N2   N N N 20  
4ZO O4   O N N 21  
4ZO H1   H N N 22  
4ZO H2   H N N 23  
4ZO H3   H N N 24  
4ZO H4   H N N 25  
4ZO H5   H N N 26  
4ZO H6   H N N 27  
4ZO H7   H N N 28  
4ZO H8   H N N 29  
4ZO H9   H N N 30  
4ZO H10  H N N 31  
4ZO H11  H N N 32  
4ZO H12  H N N 33  
4ZO H13  H N N 34  
4ZO H14  H N N 35  
4ZO H15  H N N 36  
4ZO H16  H N N 37  
4ZO H17  H N N 38  
4ZO H18  H N N 39  
4ZO H19  H N N 40  
ALA N    N N N 41  
ALA CA   C N S 42  
ALA C    C N N 43  
ALA O    O N N 44  
ALA CB   C N N 45  
ALA OXT  O N N 46  
ALA H    H N N 47  
ALA H2   H N N 48  
ALA HA   H N N 49  
ALA HB1  H N N 50  
ALA HB2  H N N 51  
ALA HB3  H N N 52  
ALA HXT  H N N 53  
ARG N    N N N 54  
ARG CA   C N S 55  
ARG C    C N N 56  
ARG O    O N N 57  
ARG CB   C N N 58  
ARG CG   C N N 59  
ARG CD   C N N 60  
ARG NE   N N N 61  
ARG CZ   C N N 62  
ARG NH1  N N N 63  
ARG NH2  N N N 64  
ARG OXT  O N N 65  
ARG H    H N N 66  
ARG H2   H N N 67  
ARG HA   H N N 68  
ARG HB2  H N N 69  
ARG HB3  H N N 70  
ARG HG2  H N N 71  
ARG HG3  H N N 72  
ARG HD2  H N N 73  
ARG HD3  H N N 74  
ARG HE   H N N 75  
ARG HH11 H N N 76  
ARG HH12 H N N 77  
ARG HH21 H N N 78  
ARG HH22 H N N 79  
ARG HXT  H N N 80  
ASN N    N N N 81  
ASN CA   C N S 82  
ASN C    C N N 83  
ASN O    O N N 84  
ASN CB   C N N 85  
ASN CG   C N N 86  
ASN OD1  O N N 87  
ASN ND2  N N N 88  
ASN OXT  O N N 89  
ASN H    H N N 90  
ASN H2   H N N 91  
ASN HA   H N N 92  
ASN HB2  H N N 93  
ASN HB3  H N N 94  
ASN HD21 H N N 95  
ASN HD22 H N N 96  
ASN HXT  H N N 97  
ASP N    N N N 98  
ASP CA   C N S 99  
ASP C    C N N 100 
ASP O    O N N 101 
ASP CB   C N N 102 
ASP CG   C N N 103 
ASP OD1  O N N 104 
ASP OD2  O N N 105 
ASP OXT  O N N 106 
ASP H    H N N 107 
ASP H2   H N N 108 
ASP HA   H N N 109 
ASP HB2  H N N 110 
ASP HB3  H N N 111 
ASP HD2  H N N 112 
ASP HXT  H N N 113 
CYS N    N N N 114 
CYS CA   C N R 115 
CYS C    C N N 116 
CYS O    O N N 117 
CYS CB   C N N 118 
CYS SG   S N N 119 
CYS OXT  O N N 120 
CYS H    H N N 121 
CYS H2   H N N 122 
CYS HA   H N N 123 
CYS HB2  H N N 124 
CYS HB3  H N N 125 
CYS HG   H N N 126 
CYS HXT  H N N 127 
FMT C    C N N 128 
FMT O1   O N N 129 
FMT O2   O N N 130 
FMT H    H N N 131 
FMT HO2  H N N 132 
GLN N    N N N 133 
GLN CA   C N S 134 
GLN C    C N N 135 
GLN O    O N N 136 
GLN CB   C N N 137 
GLN CG   C N N 138 
GLN CD   C N N 139 
GLN OE1  O N N 140 
GLN NE2  N N N 141 
GLN OXT  O N N 142 
GLN H    H N N 143 
GLN H2   H N N 144 
GLN HA   H N N 145 
GLN HB2  H N N 146 
GLN HB3  H N N 147 
GLN HG2  H N N 148 
GLN HG3  H N N 149 
GLN HE21 H N N 150 
GLN HE22 H N N 151 
GLN HXT  H N N 152 
GLU N    N N N 153 
GLU CA   C N S 154 
GLU C    C N N 155 
GLU O    O N N 156 
GLU CB   C N N 157 
GLU CG   C N N 158 
GLU CD   C N N 159 
GLU OE1  O N N 160 
GLU OE2  O N N 161 
GLU OXT  O N N 162 
GLU H    H N N 163 
GLU H2   H N N 164 
GLU HA   H N N 165 
GLU HB2  H N N 166 
GLU HB3  H N N 167 
GLU HG2  H N N 168 
GLU HG3  H N N 169 
GLU HE2  H N N 170 
GLU HXT  H N N 171 
GLY N    N N N 172 
GLY CA   C N N 173 
GLY C    C N N 174 
GLY O    O N N 175 
GLY OXT  O N N 176 
GLY H    H N N 177 
GLY H2   H N N 178 
GLY HA2  H N N 179 
GLY HA3  H N N 180 
GLY HXT  H N N 181 
HIS N    N N N 182 
HIS CA   C N S 183 
HIS C    C N N 184 
HIS O    O N N 185 
HIS CB   C N N 186 
HIS CG   C Y N 187 
HIS ND1  N Y N 188 
HIS CD2  C Y N 189 
HIS CE1  C Y N 190 
HIS NE2  N Y N 191 
HIS OXT  O N N 192 
HIS H    H N N 193 
HIS H2   H N N 194 
HIS HA   H N N 195 
HIS HB2  H N N 196 
HIS HB3  H N N 197 
HIS HD1  H N N 198 
HIS HD2  H N N 199 
HIS HE1  H N N 200 
HIS HE2  H N N 201 
HIS HXT  H N N 202 
HOH O    O N N 203 
HOH H1   H N N 204 
HOH H2   H N N 205 
ILE N    N N N 206 
ILE CA   C N S 207 
ILE C    C N N 208 
ILE O    O N N 209 
ILE CB   C N S 210 
ILE CG1  C N N 211 
ILE CG2  C N N 212 
ILE CD1  C N N 213 
ILE OXT  O N N 214 
ILE H    H N N 215 
ILE H2   H N N 216 
ILE HA   H N N 217 
ILE HB   H N N 218 
ILE HG12 H N N 219 
ILE HG13 H N N 220 
ILE HG21 H N N 221 
ILE HG22 H N N 222 
ILE HG23 H N N 223 
ILE HD11 H N N 224 
ILE HD12 H N N 225 
ILE HD13 H N N 226 
ILE HXT  H N N 227 
K   K    K N N 228 
LEU N    N N N 229 
LEU CA   C N S 230 
LEU C    C N N 231 
LEU O    O N N 232 
LEU CB   C N N 233 
LEU CG   C N N 234 
LEU CD1  C N N 235 
LEU CD2  C N N 236 
LEU OXT  O N N 237 
LEU H    H N N 238 
LEU H2   H N N 239 
LEU HA   H N N 240 
LEU HB2  H N N 241 
LEU HB3  H N N 242 
LEU HG   H N N 243 
LEU HD11 H N N 244 
LEU HD12 H N N 245 
LEU HD13 H N N 246 
LEU HD21 H N N 247 
LEU HD22 H N N 248 
LEU HD23 H N N 249 
LEU HXT  H N N 250 
LYS N    N N N 251 
LYS CA   C N S 252 
LYS C    C N N 253 
LYS O    O N N 254 
LYS CB   C N N 255 
LYS CG   C N N 256 
LYS CD   C N N 257 
LYS CE   C N N 258 
LYS NZ   N N N 259 
LYS OXT  O N N 260 
LYS H    H N N 261 
LYS H2   H N N 262 
LYS HA   H N N 263 
LYS HB2  H N N 264 
LYS HB3  H N N 265 
LYS HG2  H N N 266 
LYS HG3  H N N 267 
LYS HD2  H N N 268 
LYS HD3  H N N 269 
LYS HE2  H N N 270 
LYS HE3  H N N 271 
LYS HZ1  H N N 272 
LYS HZ2  H N N 273 
LYS HZ3  H N N 274 
LYS HXT  H N N 275 
MET N    N N N 276 
MET CA   C N S 277 
MET C    C N N 278 
MET O    O N N 279 
MET CB   C N N 280 
MET CG   C N N 281 
MET SD   S N N 282 
MET CE   C N N 283 
MET OXT  O N N 284 
MET H    H N N 285 
MET H2   H N N 286 
MET HA   H N N 287 
MET HB2  H N N 288 
MET HB3  H N N 289 
MET HG2  H N N 290 
MET HG3  H N N 291 
MET HE1  H N N 292 
MET HE2  H N N 293 
MET HE3  H N N 294 
MET HXT  H N N 295 
PG4 O1   O N N 296 
PG4 C1   C N N 297 
PG4 C2   C N N 298 
PG4 O2   O N N 299 
PG4 C3   C N N 300 
PG4 C4   C N N 301 
PG4 O3   O N N 302 
PG4 C5   C N N 303 
PG4 C6   C N N 304 
PG4 O4   O N N 305 
PG4 C7   C N N 306 
PG4 C8   C N N 307 
PG4 O5   O N N 308 
PG4 HO1  H N N 309 
PG4 H11  H N N 310 
PG4 H12  H N N 311 
PG4 H21  H N N 312 
PG4 H22  H N N 313 
PG4 H31  H N N 314 
PG4 H32  H N N 315 
PG4 H41  H N N 316 
PG4 H42  H N N 317 
PG4 H51  H N N 318 
PG4 H52  H N N 319 
PG4 H61  H N N 320 
PG4 H62  H N N 321 
PG4 H71  H N N 322 
PG4 H72  H N N 323 
PG4 H81  H N N 324 
PG4 H82  H N N 325 
PG4 HO5  H N N 326 
PGE C1   C N N 327 
PGE O1   O N N 328 
PGE C2   C N N 329 
PGE O2   O N N 330 
PGE C3   C N N 331 
PGE C4   C N N 332 
PGE O4   O N N 333 
PGE C6   C N N 334 
PGE C5   C N N 335 
PGE O3   O N N 336 
PGE H1   H N N 337 
PGE H12  H N N 338 
PGE HO1  H N N 339 
PGE H2   H N N 340 
PGE H22  H N N 341 
PGE H3   H N N 342 
PGE H32  H N N 343 
PGE H4   H N N 344 
PGE H42  H N N 345 
PGE HO4  H N N 346 
PGE H6   H N N 347 
PGE H62  H N N 348 
PGE H5   H N N 349 
PGE H52  H N N 350 
PHE N    N N N 351 
PHE CA   C N S 352 
PHE C    C N N 353 
PHE O    O N N 354 
PHE CB   C N N 355 
PHE CG   C Y N 356 
PHE CD1  C Y N 357 
PHE CD2  C Y N 358 
PHE CE1  C Y N 359 
PHE CE2  C Y N 360 
PHE CZ   C Y N 361 
PHE OXT  O N N 362 
PHE H    H N N 363 
PHE H2   H N N 364 
PHE HA   H N N 365 
PHE HB2  H N N 366 
PHE HB3  H N N 367 
PHE HD1  H N N 368 
PHE HD2  H N N 369 
PHE HE1  H N N 370 
PHE HE2  H N N 371 
PHE HZ   H N N 372 
PHE HXT  H N N 373 
PRO N    N N N 374 
PRO CA   C N S 375 
PRO C    C N N 376 
PRO O    O N N 377 
PRO CB   C N N 378 
PRO CG   C N N 379 
PRO CD   C N N 380 
PRO OXT  O N N 381 
PRO H    H N N 382 
PRO HA   H N N 383 
PRO HB2  H N N 384 
PRO HB3  H N N 385 
PRO HG2  H N N 386 
PRO HG3  H N N 387 
PRO HD2  H N N 388 
PRO HD3  H N N 389 
PRO HXT  H N N 390 
SER N    N N N 391 
SER CA   C N S 392 
SER C    C N N 393 
SER O    O N N 394 
SER CB   C N N 395 
SER OG   O N N 396 
SER OXT  O N N 397 
SER H    H N N 398 
SER H2   H N N 399 
SER HA   H N N 400 
SER HB2  H N N 401 
SER HB3  H N N 402 
SER HG   H N N 403 
SER HXT  H N N 404 
THR N    N N N 405 
THR CA   C N S 406 
THR C    C N N 407 
THR O    O N N 408 
THR CB   C N R 409 
THR OG1  O N N 410 
THR CG2  C N N 411 
THR OXT  O N N 412 
THR H    H N N 413 
THR H2   H N N 414 
THR HA   H N N 415 
THR HB   H N N 416 
THR HG1  H N N 417 
THR HG21 H N N 418 
THR HG22 H N N 419 
THR HG23 H N N 420 
THR HXT  H N N 421 
TRP N    N N N 422 
TRP CA   C N S 423 
TRP C    C N N 424 
TRP O    O N N 425 
TRP CB   C N N 426 
TRP CG   C Y N 427 
TRP CD1  C Y N 428 
TRP CD2  C Y N 429 
TRP NE1  N Y N 430 
TRP CE2  C Y N 431 
TRP CE3  C Y N 432 
TRP CZ2  C Y N 433 
TRP CZ3  C Y N 434 
TRP CH2  C Y N 435 
TRP OXT  O N N 436 
TRP H    H N N 437 
TRP H2   H N N 438 
TRP HA   H N N 439 
TRP HB2  H N N 440 
TRP HB3  H N N 441 
TRP HD1  H N N 442 
TRP HE1  H N N 443 
TRP HE3  H N N 444 
TRP HZ2  H N N 445 
TRP HZ3  H N N 446 
TRP HH2  H N N 447 
TRP HXT  H N N 448 
TYR N    N N N 449 
TYR CA   C N S 450 
TYR C    C N N 451 
TYR O    O N N 452 
TYR CB   C N N 453 
TYR CG   C Y N 454 
TYR CD1  C Y N 455 
TYR CD2  C Y N 456 
TYR CE1  C Y N 457 
TYR CE2  C Y N 458 
TYR CZ   C Y N 459 
TYR OH   O N N 460 
TYR OXT  O N N 461 
TYR H    H N N 462 
TYR H2   H N N 463 
TYR HA   H N N 464 
TYR HB2  H N N 465 
TYR HB3  H N N 466 
TYR HD1  H N N 467 
TYR HD2  H N N 468 
TYR HE1  H N N 469 
TYR HE2  H N N 470 
TYR HH   H N N 471 
TYR HXT  H N N 472 
VAL N    N N N 473 
VAL CA   C N S 474 
VAL C    C N N 475 
VAL O    O N N 476 
VAL CB   C N N 477 
VAL CG1  C N N 478 
VAL CG2  C N N 479 
VAL OXT  O N N 480 
VAL H    H N N 481 
VAL H2   H N N 482 
VAL HA   H N N 483 
VAL HB   H N N 484 
VAL HG11 H N N 485 
VAL HG12 H N N 486 
VAL HG13 H N N 487 
VAL HG21 H N N 488 
VAL HG22 H N N 489 
VAL HG23 H N N 490 
VAL HXT  H N N 491 
# 
loop_
_chem_comp_bond.comp_id 
_chem_comp_bond.atom_id_1 
_chem_comp_bond.atom_id_2 
_chem_comp_bond.value_order 
_chem_comp_bond.pdbx_aromatic_flag 
_chem_comp_bond.pdbx_stereo_config 
_chem_comp_bond.pdbx_ordinal 
4ZO OAO CAI  doub N N 1   
4ZO CAG NAH  sing N N 2   
4ZO CAG CAF  sing N N 3   
4ZO CAI NAH  sing N N 4   
4ZO CAI NAJ  sing N N 5   
4ZO CAA CAF  doub Y N 6   
4ZO CAA CAB  sing Y N 7   
4ZO CAF CAE  sing Y N 8   
4ZO CAK NAJ  sing N N 9   
4ZO CAK CAL  sing N N 10  
4ZO CAB CAC  doub Y N 11  
4ZO OAM CAL  sing N N 12  
4ZO OAM CAN  sing N N 13  
4ZO CAL OAQ  doub N N 14  
4ZO CAP CAN  sing N N 15  
4ZO CAE CAD  doub Y N 16  
4ZO CAC CAD  sing Y N 17  
4ZO CAC N2   sing N N 18  
4ZO C5  C3   sing N N 19  
4ZO N2  C3   sing N N 20  
4ZO C3  O4   doub N N 21  
4ZO C5  H1   sing N N 22  
4ZO C5  H2   sing N N 23  
4ZO C5  H3   sing N N 24  
4ZO CAA H4   sing N N 25  
4ZO CAB H5   sing N N 26  
4ZO CAD H6   sing N N 27  
4ZO CAE H7   sing N N 28  
4ZO CAG H8   sing N N 29  
4ZO CAG H9   sing N N 30  
4ZO NAH H10  sing N N 31  
4ZO NAJ H11  sing N N 32  
4ZO CAK H12  sing N N 33  
4ZO CAK H13  sing N N 34  
4ZO CAN H14  sing N N 35  
4ZO CAN H15  sing N N 36  
4ZO CAP H16  sing N N 37  
4ZO CAP H17  sing N N 38  
4ZO CAP H18  sing N N 39  
4ZO N2  H19  sing N N 40  
ALA N   CA   sing N N 41  
ALA N   H    sing N N 42  
ALA N   H2   sing N N 43  
ALA CA  C    sing N N 44  
ALA CA  CB   sing N N 45  
ALA CA  HA   sing N N 46  
ALA C   O    doub N N 47  
ALA C   OXT  sing N N 48  
ALA CB  HB1  sing N N 49  
ALA CB  HB2  sing N N 50  
ALA CB  HB3  sing N N 51  
ALA OXT HXT  sing N N 52  
ARG N   CA   sing N N 53  
ARG N   H    sing N N 54  
ARG N   H2   sing N N 55  
ARG CA  C    sing N N 56  
ARG CA  CB   sing N N 57  
ARG CA  HA   sing N N 58  
ARG C   O    doub N N 59  
ARG C   OXT  sing N N 60  
ARG CB  CG   sing N N 61  
ARG CB  HB2  sing N N 62  
ARG CB  HB3  sing N N 63  
ARG CG  CD   sing N N 64  
ARG CG  HG2  sing N N 65  
ARG CG  HG3  sing N N 66  
ARG CD  NE   sing N N 67  
ARG CD  HD2  sing N N 68  
ARG CD  HD3  sing N N 69  
ARG NE  CZ   sing N N 70  
ARG NE  HE   sing N N 71  
ARG CZ  NH1  sing N N 72  
ARG CZ  NH2  doub N N 73  
ARG NH1 HH11 sing N N 74  
ARG NH1 HH12 sing N N 75  
ARG NH2 HH21 sing N N 76  
ARG NH2 HH22 sing N N 77  
ARG OXT HXT  sing N N 78  
ASN N   CA   sing N N 79  
ASN N   H    sing N N 80  
ASN N   H2   sing N N 81  
ASN CA  C    sing N N 82  
ASN CA  CB   sing N N 83  
ASN CA  HA   sing N N 84  
ASN C   O    doub N N 85  
ASN C   OXT  sing N N 86  
ASN CB  CG   sing N N 87  
ASN CB  HB2  sing N N 88  
ASN CB  HB3  sing N N 89  
ASN CG  OD1  doub N N 90  
ASN CG  ND2  sing N N 91  
ASN ND2 HD21 sing N N 92  
ASN ND2 HD22 sing N N 93  
ASN OXT HXT  sing N N 94  
ASP N   CA   sing N N 95  
ASP N   H    sing N N 96  
ASP N   H2   sing N N 97  
ASP CA  C    sing N N 98  
ASP CA  CB   sing N N 99  
ASP CA  HA   sing N N 100 
ASP C   O    doub N N 101 
ASP C   OXT  sing N N 102 
ASP CB  CG   sing N N 103 
ASP CB  HB2  sing N N 104 
ASP CB  HB3  sing N N 105 
ASP CG  OD1  doub N N 106 
ASP CG  OD2  sing N N 107 
ASP OD2 HD2  sing N N 108 
ASP OXT HXT  sing N N 109 
CYS N   CA   sing N N 110 
CYS N   H    sing N N 111 
CYS N   H2   sing N N 112 
CYS CA  C    sing N N 113 
CYS CA  CB   sing N N 114 
CYS CA  HA   sing N N 115 
CYS C   O    doub N N 116 
CYS C   OXT  sing N N 117 
CYS CB  SG   sing N N 118 
CYS CB  HB2  sing N N 119 
CYS CB  HB3  sing N N 120 
CYS SG  HG   sing N N 121 
CYS OXT HXT  sing N N 122 
FMT C   O1   doub N N 123 
FMT C   O2   sing N N 124 
FMT C   H    sing N N 125 
FMT O2  HO2  sing N N 126 
GLN N   CA   sing N N 127 
GLN N   H    sing N N 128 
GLN N   H2   sing N N 129 
GLN CA  C    sing N N 130 
GLN CA  CB   sing N N 131 
GLN CA  HA   sing N N 132 
GLN C   O    doub N N 133 
GLN C   OXT  sing N N 134 
GLN CB  CG   sing N N 135 
GLN CB  HB2  sing N N 136 
GLN CB  HB3  sing N N 137 
GLN CG  CD   sing N N 138 
GLN CG  HG2  sing N N 139 
GLN CG  HG3  sing N N 140 
GLN CD  OE1  doub N N 141 
GLN CD  NE2  sing N N 142 
GLN NE2 HE21 sing N N 143 
GLN NE2 HE22 sing N N 144 
GLN OXT HXT  sing N N 145 
GLU N   CA   sing N N 146 
GLU N   H    sing N N 147 
GLU N   H2   sing N N 148 
GLU CA  C    sing N N 149 
GLU CA  CB   sing N N 150 
GLU CA  HA   sing N N 151 
GLU C   O    doub N N 152 
GLU C   OXT  sing N N 153 
GLU CB  CG   sing N N 154 
GLU CB  HB2  sing N N 155 
GLU CB  HB3  sing N N 156 
GLU CG  CD   sing N N 157 
GLU CG  HG2  sing N N 158 
GLU CG  HG3  sing N N 159 
GLU CD  OE1  doub N N 160 
GLU CD  OE2  sing N N 161 
GLU OE2 HE2  sing N N 162 
GLU OXT HXT  sing N N 163 
GLY N   CA   sing N N 164 
GLY N   H    sing N N 165 
GLY N   H2   sing N N 166 
GLY CA  C    sing N N 167 
GLY CA  HA2  sing N N 168 
GLY CA  HA3  sing N N 169 
GLY C   O    doub N N 170 
GLY C   OXT  sing N N 171 
GLY OXT HXT  sing N N 172 
HIS N   CA   sing N N 173 
HIS N   H    sing N N 174 
HIS N   H2   sing N N 175 
HIS CA  C    sing N N 176 
HIS CA  CB   sing N N 177 
HIS CA  HA   sing N N 178 
HIS C   O    doub N N 179 
HIS C   OXT  sing N N 180 
HIS CB  CG   sing N N 181 
HIS CB  HB2  sing N N 182 
HIS CB  HB3  sing N N 183 
HIS CG  ND1  sing Y N 184 
HIS CG  CD2  doub Y N 185 
HIS ND1 CE1  doub Y N 186 
HIS ND1 HD1  sing N N 187 
HIS CD2 NE2  sing Y N 188 
HIS CD2 HD2  sing N N 189 
HIS CE1 NE2  sing Y N 190 
HIS CE1 HE1  sing N N 191 
HIS NE2 HE2  sing N N 192 
HIS OXT HXT  sing N N 193 
HOH O   H1   sing N N 194 
HOH O   H2   sing N N 195 
ILE N   CA   sing N N 196 
ILE N   H    sing N N 197 
ILE N   H2   sing N N 198 
ILE CA  C    sing N N 199 
ILE CA  CB   sing N N 200 
ILE CA  HA   sing N N 201 
ILE C   O    doub N N 202 
ILE C   OXT  sing N N 203 
ILE CB  CG1  sing N N 204 
ILE CB  CG2  sing N N 205 
ILE CB  HB   sing N N 206 
ILE CG1 CD1  sing N N 207 
ILE CG1 HG12 sing N N 208 
ILE CG1 HG13 sing N N 209 
ILE CG2 HG21 sing N N 210 
ILE CG2 HG22 sing N N 211 
ILE CG2 HG23 sing N N 212 
ILE CD1 HD11 sing N N 213 
ILE CD1 HD12 sing N N 214 
ILE CD1 HD13 sing N N 215 
ILE OXT HXT  sing N N 216 
LEU N   CA   sing N N 217 
LEU N   H    sing N N 218 
LEU N   H2   sing N N 219 
LEU CA  C    sing N N 220 
LEU CA  CB   sing N N 221 
LEU CA  HA   sing N N 222 
LEU C   O    doub N N 223 
LEU C   OXT  sing N N 224 
LEU CB  CG   sing N N 225 
LEU CB  HB2  sing N N 226 
LEU CB  HB3  sing N N 227 
LEU CG  CD1  sing N N 228 
LEU CG  CD2  sing N N 229 
LEU CG  HG   sing N N 230 
LEU CD1 HD11 sing N N 231 
LEU CD1 HD12 sing N N 232 
LEU CD1 HD13 sing N N 233 
LEU CD2 HD21 sing N N 234 
LEU CD2 HD22 sing N N 235 
LEU CD2 HD23 sing N N 236 
LEU OXT HXT  sing N N 237 
LYS N   CA   sing N N 238 
LYS N   H    sing N N 239 
LYS N   H2   sing N N 240 
LYS CA  C    sing N N 241 
LYS CA  CB   sing N N 242 
LYS CA  HA   sing N N 243 
LYS C   O    doub N N 244 
LYS C   OXT  sing N N 245 
LYS CB  CG   sing N N 246 
LYS CB  HB2  sing N N 247 
LYS CB  HB3  sing N N 248 
LYS CG  CD   sing N N 249 
LYS CG  HG2  sing N N 250 
LYS CG  HG3  sing N N 251 
LYS CD  CE   sing N N 252 
LYS CD  HD2  sing N N 253 
LYS CD  HD3  sing N N 254 
LYS CE  NZ   sing N N 255 
LYS CE  HE2  sing N N 256 
LYS CE  HE3  sing N N 257 
LYS NZ  HZ1  sing N N 258 
LYS NZ  HZ2  sing N N 259 
LYS NZ  HZ3  sing N N 260 
LYS OXT HXT  sing N N 261 
MET N   CA   sing N N 262 
MET N   H    sing N N 263 
MET N   H2   sing N N 264 
MET CA  C    sing N N 265 
MET CA  CB   sing N N 266 
MET CA  HA   sing N N 267 
MET C   O    doub N N 268 
MET C   OXT  sing N N 269 
MET CB  CG   sing N N 270 
MET CB  HB2  sing N N 271 
MET CB  HB3  sing N N 272 
MET CG  SD   sing N N 273 
MET CG  HG2  sing N N 274 
MET CG  HG3  sing N N 275 
MET SD  CE   sing N N 276 
MET CE  HE1  sing N N 277 
MET CE  HE2  sing N N 278 
MET CE  HE3  sing N N 279 
MET OXT HXT  sing N N 280 
PG4 O1  C1   sing N N 281 
PG4 O1  HO1  sing N N 282 
PG4 C1  C2   sing N N 283 
PG4 C1  H11  sing N N 284 
PG4 C1  H12  sing N N 285 
PG4 C2  O2   sing N N 286 
PG4 C2  H21  sing N N 287 
PG4 C2  H22  sing N N 288 
PG4 O2  C3   sing N N 289 
PG4 C3  C4   sing N N 290 
PG4 C3  H31  sing N N 291 
PG4 C3  H32  sing N N 292 
PG4 C4  O3   sing N N 293 
PG4 C4  H41  sing N N 294 
PG4 C4  H42  sing N N 295 
PG4 O3  C5   sing N N 296 
PG4 C5  C6   sing N N 297 
PG4 C5  H51  sing N N 298 
PG4 C5  H52  sing N N 299 
PG4 C6  O4   sing N N 300 
PG4 C6  H61  sing N N 301 
PG4 C6  H62  sing N N 302 
PG4 O4  C7   sing N N 303 
PG4 C7  C8   sing N N 304 
PG4 C7  H71  sing N N 305 
PG4 C7  H72  sing N N 306 
PG4 C8  O5   sing N N 307 
PG4 C8  H81  sing N N 308 
PG4 C8  H82  sing N N 309 
PG4 O5  HO5  sing N N 310 
PGE C1  O1   sing N N 311 
PGE C1  C2   sing N N 312 
PGE C1  H1   sing N N 313 
PGE C1  H12  sing N N 314 
PGE O1  HO1  sing N N 315 
PGE C2  O2   sing N N 316 
PGE C2  H2   sing N N 317 
PGE C2  H22  sing N N 318 
PGE O2  C3   sing N N 319 
PGE C3  C4   sing N N 320 
PGE C3  H3   sing N N 321 
PGE C3  H32  sing N N 322 
PGE C4  O3   sing N N 323 
PGE C4  H4   sing N N 324 
PGE C4  H42  sing N N 325 
PGE O4  C6   sing N N 326 
PGE O4  HO4  sing N N 327 
PGE C6  C5   sing N N 328 
PGE C6  H6   sing N N 329 
PGE C6  H62  sing N N 330 
PGE C5  O3   sing N N 331 
PGE C5  H5   sing N N 332 
PGE C5  H52  sing N N 333 
PHE N   CA   sing N N 334 
PHE N   H    sing N N 335 
PHE N   H2   sing N N 336 
PHE CA  C    sing N N 337 
PHE CA  CB   sing N N 338 
PHE CA  HA   sing N N 339 
PHE C   O    doub N N 340 
PHE C   OXT  sing N N 341 
PHE CB  CG   sing N N 342 
PHE CB  HB2  sing N N 343 
PHE CB  HB3  sing N N 344 
PHE CG  CD1  doub Y N 345 
PHE CG  CD2  sing Y N 346 
PHE CD1 CE1  sing Y N 347 
PHE CD1 HD1  sing N N 348 
PHE CD2 CE2  doub Y N 349 
PHE CD2 HD2  sing N N 350 
PHE CE1 CZ   doub Y N 351 
PHE CE1 HE1  sing N N 352 
PHE CE2 CZ   sing Y N 353 
PHE CE2 HE2  sing N N 354 
PHE CZ  HZ   sing N N 355 
PHE OXT HXT  sing N N 356 
PRO N   CA   sing N N 357 
PRO N   CD   sing N N 358 
PRO N   H    sing N N 359 
PRO CA  C    sing N N 360 
PRO CA  CB   sing N N 361 
PRO CA  HA   sing N N 362 
PRO C   O    doub N N 363 
PRO C   OXT  sing N N 364 
PRO CB  CG   sing N N 365 
PRO CB  HB2  sing N N 366 
PRO CB  HB3  sing N N 367 
PRO CG  CD   sing N N 368 
PRO CG  HG2  sing N N 369 
PRO CG  HG3  sing N N 370 
PRO CD  HD2  sing N N 371 
PRO CD  HD3  sing N N 372 
PRO OXT HXT  sing N N 373 
SER N   CA   sing N N 374 
SER N   H    sing N N 375 
SER N   H2   sing N N 376 
SER CA  C    sing N N 377 
SER CA  CB   sing N N 378 
SER CA  HA   sing N N 379 
SER C   O    doub N N 380 
SER C   OXT  sing N N 381 
SER CB  OG   sing N N 382 
SER CB  HB2  sing N N 383 
SER CB  HB3  sing N N 384 
SER OG  HG   sing N N 385 
SER OXT HXT  sing N N 386 
THR N   CA   sing N N 387 
THR N   H    sing N N 388 
THR N   H2   sing N N 389 
THR CA  C    sing N N 390 
THR CA  CB   sing N N 391 
THR CA  HA   sing N N 392 
THR C   O    doub N N 393 
THR C   OXT  sing N N 394 
THR CB  OG1  sing N N 395 
THR CB  CG2  sing N N 396 
THR CB  HB   sing N N 397 
THR OG1 HG1  sing N N 398 
THR CG2 HG21 sing N N 399 
THR CG2 HG22 sing N N 400 
THR CG2 HG23 sing N N 401 
THR OXT HXT  sing N N 402 
TRP N   CA   sing N N 403 
TRP N   H    sing N N 404 
TRP N   H2   sing N N 405 
TRP CA  C    sing N N 406 
TRP CA  CB   sing N N 407 
TRP CA  HA   sing N N 408 
TRP C   O    doub N N 409 
TRP C   OXT  sing N N 410 
TRP CB  CG   sing N N 411 
TRP CB  HB2  sing N N 412 
TRP CB  HB3  sing N N 413 
TRP CG  CD1  doub Y N 414 
TRP CG  CD2  sing Y N 415 
TRP CD1 NE1  sing Y N 416 
TRP CD1 HD1  sing N N 417 
TRP CD2 CE2  doub Y N 418 
TRP CD2 CE3  sing Y N 419 
TRP NE1 CE2  sing Y N 420 
TRP NE1 HE1  sing N N 421 
TRP CE2 CZ2  sing Y N 422 
TRP CE3 CZ3  doub Y N 423 
TRP CE3 HE3  sing N N 424 
TRP CZ2 CH2  doub Y N 425 
TRP CZ2 HZ2  sing N N 426 
TRP CZ3 CH2  sing Y N 427 
TRP CZ3 HZ3  sing N N 428 
TRP CH2 HH2  sing N N 429 
TRP OXT HXT  sing N N 430 
TYR N   CA   sing N N 431 
TYR N   H    sing N N 432 
TYR N   H2   sing N N 433 
TYR CA  C    sing N N 434 
TYR CA  CB   sing N N 435 
TYR CA  HA   sing N N 436 
TYR C   O    doub N N 437 
TYR C   OXT  sing N N 438 
TYR CB  CG   sing N N 439 
TYR CB  HB2  sing N N 440 
TYR CB  HB3  sing N N 441 
TYR CG  CD1  doub Y N 442 
TYR CG  CD2  sing Y N 443 
TYR CD1 CE1  sing Y N 444 
TYR CD1 HD1  sing N N 445 
TYR CD2 CE2  doub Y N 446 
TYR CD2 HD2  sing N N 447 
TYR CE1 CZ   doub Y N 448 
TYR CE1 HE1  sing N N 449 
TYR CE2 CZ   sing Y N 450 
TYR CE2 HE2  sing N N 451 
TYR CZ  OH   sing N N 452 
TYR OH  HH   sing N N 453 
TYR OXT HXT  sing N N 454 
VAL N   CA   sing N N 455 
VAL N   H    sing N N 456 
VAL N   H2   sing N N 457 
VAL CA  C    sing N N 458 
VAL CA  CB   sing N N 459 
VAL CA  HA   sing N N 460 
VAL C   O    doub N N 461 
VAL C   OXT  sing N N 462 
VAL CB  CG1  sing N N 463 
VAL CB  CG2  sing N N 464 
VAL CB  HB   sing N N 465 
VAL CG1 HG11 sing N N 466 
VAL CG1 HG12 sing N N 467 
VAL CG1 HG13 sing N N 468 
VAL CG2 HG21 sing N N 469 
VAL CG2 HG22 sing N N 470 
VAL CG2 HG23 sing N N 471 
VAL OXT HXT  sing N N 472 
# 
_pdbx_initial_refinement_model.id               1 
_pdbx_initial_refinement_model.entity_id_list   ? 
_pdbx_initial_refinement_model.type             'experimental model' 
_pdbx_initial_refinement_model.source_name      PDB 
_pdbx_initial_refinement_model.accession_code   2BIT 
_pdbx_initial_refinement_model.details          ? 
# 
_atom_sites.entry_id                    5CBW 
_atom_sites.fract_transf_matrix[1][1]   0.00421101 
_atom_sites.fract_transf_matrix[1][2]   0.01375236 
_atom_sites.fract_transf_matrix[1][3]   -0.00990436 
_atom_sites.fract_transf_matrix[2][1]   0.01226833 
_atom_sites.fract_transf_matrix[2][2]   -0.00951449 
_atom_sites.fract_transf_matrix[2][3]   -0.00799493 
_atom_sites.fract_transf_matrix[3][1]   -0.00584787 
_atom_sites.fract_transf_matrix[3][2]   -0.00251584 
_atom_sites.fract_transf_matrix[3][3]   -0.00597961 
_atom_sites.fract_transf_vector[1]      0.149562 
_atom_sites.fract_transf_vector[2]      -0.184625 
_atom_sites.fract_transf_vector[3]      0.050488 
# 
loop_
_atom_type.symbol 
C 
K 
N 
O 
S 
# 
loop_
_atom_site.group_PDB 
_atom_site.id 
_atom_site.type_symbol 
_atom_site.label_atom_id 
_atom_site.label_alt_id 
_atom_site.label_comp_id 
_atom_site.label_asym_id 
_atom_site.label_entity_id 
_atom_site.label_seq_id 
_atom_site.pdbx_PDB_ins_code 
_atom_site.Cartn_x 
_atom_site.Cartn_y 
_atom_site.Cartn_z 
_atom_site.occupancy 
_atom_site.B_iso_or_equiv 
_atom_site.pdbx_formal_charge 
_atom_site.auth_seq_id 
_atom_site.auth_comp_id 
_atom_site.auth_asym_id 
_atom_site.auth_atom_id 
_atom_site.pdbx_PDB_model_num 
ATOM   1    N N   . GLY A 1 2   ? -16.710 6.213   -11.242 1.00 32.63 ? 2   GLY A N   1 
ATOM   2    C CA  . GLY A 1 2   ? -15.316 6.049   -11.694 1.00 28.80 ? 2   GLY A CA  1 
ATOM   3    C C   . GLY A 1 2   ? -14.517 5.413   -10.564 1.00 27.52 ? 2   GLY A C   1 
ATOM   4    O O   . GLY A 1 2   ? -15.001 5.221   -9.440  1.00 27.84 ? 2   GLY A O   1 
ATOM   5    N N   . ASN A 1 3   ? -13.269 5.154   -10.868 1.00 19.92 ? 3   ASN A N   1 
ATOM   6    C CA  . ASN A 1 3   ? -12.326 4.600   -9.877  1.00 19.77 ? 3   ASN A CA  1 
ATOM   7    C C   . ASN A 1 3   ? -12.025 5.545   -8.783  1.00 19.42 ? 3   ASN A C   1 
ATOM   8    O O   . ASN A 1 3   ? -11.895 6.698   -9.013  1.00 19.37 ? 3   ASN A O   1 
ATOM   9    C CB  . ASN A 1 3   ? -11.094 4.173   -10.646 1.00 17.01 ? 3   ASN A CB  1 
ATOM   10   C CG  . ASN A 1 3   ? -11.309 2.904   -11.365 1.00 17.38 ? 3   ASN A CG  1 
ATOM   11   O OD1 . ASN A 1 3   ? -12.295 2.169   -11.092 1.00 17.68 ? 3   ASN A OD1 1 
ATOM   12   N ND2 . ASN A 1 3   ? -10.409 2.584   -12.258 1.00 16.92 ? 3   ASN A ND2 1 
ATOM   13   N N   . PRO A 1 4   ? -11.919 5.086   -7.516  1.00 15.36 ? 4   PRO A N   1 
ATOM   14   C CA  . PRO A 1 4   ? -11.538 5.977   -6.466  1.00 14.77 ? 4   PRO A CA  1 
ATOM   15   C C   . PRO A 1 4   ? -10.109 6.578   -6.635  1.00 15.16 ? 4   PRO A C   1 
ATOM   16   O O   . PRO A 1 4   ? -9.230  5.860   -7.136  1.00 16.00 ? 4   PRO A O   1 
ATOM   17   C CB  . PRO A 1 4   ? -11.510 5.037   -5.221  1.00 15.19 ? 4   PRO A CB  1 
ATOM   18   C CG  . PRO A 1 4   ? -12.394 3.983   -5.565  1.00 15.77 ? 4   PRO A CG  1 
ATOM   19   C CD  . PRO A 1 4   ? -12.307 3.748   -7.012  1.00 16.07 ? 4   PRO A CD  1 
ATOM   20   N N   . LEU A 1 5   ? -9.975  7.844   -6.281  1.00 16.46 ? 5   LEU A N   1 
ATOM   21   C CA  . LEU A 1 5   ? -8.720  8.548   -6.098  1.00 18.41 ? 5   LEU A CA  1 
ATOM   22   C C   . LEU A 1 5   ? -8.546  8.744   -4.631  1.00 16.10 ? 5   LEU A C   1 
ATOM   23   O O   . LEU A 1 5   ? -9.326  9.419   -3.951  1.00 16.54 ? 5   LEU A O   1 
ATOM   24   C CB  . LEU A 1 5   ? -8.691  9.943   -6.770  1.00 20.43 ? 5   LEU A CB  1 
ATOM   25   C CG  . LEU A 1 5   ? -8.008  10.220  -8.032  1.00 23.68 ? 5   LEU A CG  1 
ATOM   26   C CD1 . LEU A 1 5   ? -7.888  11.743  -8.223  1.00 19.63 ? 5   LEU A CD1 1 
ATOM   27   C CD2 . LEU A 1 5   ? -6.720  9.486   -8.241  1.00 21.72 ? 5   LEU A CD2 1 
ATOM   28   N N   . VAL A 1 6   ? -7.458  8.154   -4.073  1.00 15.60 ? 6   VAL A N   1 
ATOM   29   C CA  . VAL A 1 6   ? -7.186  8.270   -2.679  1.00 13.70 ? 6   VAL A CA  1 
ATOM   30   C C   . VAL A 1 6   ? -5.779  8.859   -2.456  1.00 13.82 ? 6   VAL A C   1 
ATOM   31   O O   . VAL A 1 6   ? -4.974  8.906   -3.401  1.00 13.28 ? 6   VAL A O   1 
ATOM   32   C CB  . VAL A 1 6   ? -7.323  6.893   -1.908  1.00 15.61 ? 6   VAL A CB  1 
ATOM   33   C CG1 . VAL A 1 6   ? -8.789  6.422   -1.940  1.00 17.66 ? 6   VAL A CG1 1 
ATOM   34   C CG2 . VAL A 1 6   ? -6.350  5.829   -2.438  1.00 15.20 ? 6   VAL A CG2 1 
ATOM   35   N N   . TYR A 1 7   ? -5.519  9.212   -1.227  1.00 14.01 ? 7   TYR A N   1 
ATOM   36   C CA  . TYR A 1 7   ? -4.220  9.833   -0.809  1.00 16.87 ? 7   TYR A CA  1 
ATOM   37   C C   . TYR A 1 7   ? -3.675  9.340   0.521   1.00 17.26 ? 7   TYR A C   1 
ATOM   38   O O   . TYR A 1 7   ? -4.436  8.934   1.395   1.00 16.98 ? 7   TYR A O   1 
ATOM   39   C CB  . TYR A 1 7   ? -4.315  11.354  -0.753  1.00 17.26 ? 7   TYR A CB  1 
ATOM   40   C CG  . TYR A 1 7   ? -5.104  11.898  0.384   1.00 17.77 ? 7   TYR A CG  1 
ATOM   41   C CD1 . TYR A 1 7   ? -6.478  12.107  0.265   1.00 18.42 ? 7   TYR A CD1 1 
ATOM   42   C CD2 . TYR A 1 7   ? -4.486  12.271  1.567   1.00 18.23 ? 7   TYR A CD2 1 
ATOM   43   C CE1 . TYR A 1 7   ? -7.173  12.589  1.362   1.00 20.37 ? 7   TYR A CE1 1 
ATOM   44   C CE2 . TYR A 1 7   ? -5.190  12.685  2.686   1.00 19.49 ? 7   TYR A CE2 1 
ATOM   45   C CZ  . TYR A 1 7   ? -6.549  12.906  2.528   1.00 19.75 ? 7   TYR A CZ  1 
ATOM   46   O OH  . TYR A 1 7   ? -7.264  13.332  3.573   1.00 23.60 ? 7   TYR A OH  1 
ATOM   47   N N   . LEU A 1 8   ? -2.326  9.369   0.608   1.00 16.28 ? 8   LEU A N   1 
ATOM   48   C CA  . LEU A 1 8   ? -1.562  9.119   1.782   1.00 15.92 ? 8   LEU A CA  1 
ATOM   49   C C   . LEU A 1 8   ? -0.561  10.314  1.944   1.00 16.22 ? 8   LEU A C   1 
ATOM   50   O O   . LEU A 1 8   ? 0.173   10.616  1.006   1.00 16.55 ? 8   LEU A O   1 
ATOM   51   C CB  . LEU A 1 8   ? -0.684  7.854   1.621   1.00 15.05 ? 8   LEU A CB  1 
ATOM   52   C CG  . LEU A 1 8   ? -1.330  6.522   1.133   1.00 16.05 ? 8   LEU A CG  1 
ATOM   53   C CD1 . LEU A 1 8   ? -0.345  5.328   0.935   1.00 16.51 ? 8   LEU A CD1 1 
ATOM   54   C CD2 . LEU A 1 8   ? -2.410  6.128   2.097   1.00 15.16 ? 8   LEU A CD2 1 
ATOM   55   N N   . ASP A 1 9   ? -0.652  10.985  3.061   1.00 16.48 ? 9   ASP A N   1 
ATOM   56   C CA  . ASP A 1 9   ? 0.275   12.045  3.487   1.00 18.65 ? 9   ASP A CA  1 
ATOM   57   C C   . ASP A 1 9   ? 1.279   11.335  4.414   1.00 19.11 ? 9   ASP A C   1 
ATOM   58   O O   . ASP A 1 9   ? 0.875   10.655  5.345   1.00 18.64 ? 9   ASP A O   1 
ATOM   59   C CB  . ASP A 1 9   ? -0.469  13.201  4.189   1.00 18.87 ? 9   ASP A CB  1 
ATOM   60   C CG  . ASP A 1 9   ? -1.282  14.059  3.213   1.00 19.06 ? 9   ASP A CG  1 
ATOM   61   O OD1 . ASP A 1 9   ? -0.957  14.160  2.006   1.00 21.99 ? 9   ASP A OD1 1 
ATOM   62   O OD2 . ASP A 1 9   ? -2.315  14.575  3.684   1.00 25.62 ? 9   ASP A OD2 1 
ATOM   63   N N   . VAL A 1 10  ? 2.562   11.390  4.073   1.00 19.40 ? 10  VAL A N   1 
ATOM   64   C CA  . VAL A 1 10  ? 3.599   10.566  4.768   1.00 19.17 ? 10  VAL A CA  1 
ATOM   65   C C   . VAL A 1 10  ? 4.681   11.487  5.353   1.00 21.71 ? 10  VAL A C   1 
ATOM   66   O O   . VAL A 1 10  ? 5.097   12.425  4.647   1.00 21.96 ? 10  VAL A O   1 
ATOM   67   C CB  . VAL A 1 10  ? 4.257   9.602   3.762   1.00 20.06 ? 10  VAL A CB  1 
ATOM   68   C CG1 . VAL A 1 10  ? 5.232   8.650   4.411   1.00 21.95 ? 10  VAL A CG1 1 
ATOM   69   C CG2 . VAL A 1 10  ? 3.177   8.760   3.081   1.00 19.70 ? 10  VAL A CG2 1 
ATOM   70   N N   . ASP A 1 11  ? 5.063   11.214  6.590   1.00 25.41 ? 11  ASP A N   1 
ATOM   71   C CA  . ASP A 1 11  ? 6.177   11.891  7.237   1.00 27.38 ? 11  ASP A CA  1 
ATOM   72   C C   . ASP A 1 11  ? 7.336   10.905  7.499   1.00 26.32 ? 11  ASP A C   1 
ATOM   73   O O   . ASP A 1 11  ? 7.162   9.659   7.561   1.00 25.11 ? 11  ASP A O   1 
ATOM   74   C CB  . ASP A 1 11  ? 5.706   12.629  8.500   1.00 33.65 ? 11  ASP A CB  1 
ATOM   75   C CG  . ASP A 1 11  ? 5.455   11.702  9.633   1.00 42.78 ? 11  ASP A CG  1 
ATOM   76   O OD1 . ASP A 1 11  ? 6.391   11.229  10.289  1.00 51.97 ? 11  ASP A OD1 1 
ATOM   77   O OD2 . ASP A 1 11  ? 4.293   11.376  9.864   1.00 50.91 ? 11  ASP A OD2 1 
ATOM   78   N N   . ALA A 1 12  ? 8.527   11.479  7.694   1.00 26.23 ? 12  ALA A N   1 
ATOM   79   C CA  . ALA A 1 12  ? 9.677   10.730  8.193   1.00 25.15 ? 12  ALA A CA  1 
ATOM   80   C C   . ALA A 1 12  ? 10.189  11.381  9.478   1.00 24.13 ? 12  ALA A C   1 
ATOM   81   O O   . ALA A 1 12  ? 10.559  12.553  9.445   1.00 24.97 ? 12  ALA A O   1 
ATOM   82   C CB  . ALA A 1 12  ? 10.751  10.725  7.166   1.00 26.61 ? 12  ALA A CB  1 
ATOM   83   N N   . ASN A 1 13  ? 10.161  10.609  10.583  1.00 24.64 ? 13  ASN A N   1 
ATOM   84   C CA  . ASN A 1 13  ? 10.351  11.136  11.958  1.00 32.72 ? 13  ASN A CA  1 
ATOM   85   C C   . ASN A 1 13  ? 9.677   12.463  12.205  1.00 34.15 ? 13  ASN A C   1 
ATOM   86   O O   . ASN A 1 13  ? 10.306  13.423  12.695  1.00 37.24 ? 13  ASN A O   1 
ATOM   87   C CB  . ASN A 1 13  ? 11.837  11.305  12.222  1.00 35.47 ? 13  ASN A CB  1 
ATOM   88   C CG  . ASN A 1 13  ? 12.567  10.000  12.365  1.00 37.21 ? 13  ASN A CG  1 
ATOM   89   O OD1 . ASN A 1 13  ? 12.009  8.963   12.710  1.00 36.36 ? 13  ASN A OD1 1 
ATOM   90   N ND2 . ASN A 1 13  ? 13.860  10.065  12.159  1.00 40.44 ? 13  ASN A ND2 1 
ATOM   91   N N   . GLY A 1 14  ? 8.410   12.555  11.811  1.00 33.91 ? 14  GLY A N   1 
ATOM   92   C CA  . GLY A 1 14  ? 7.596   13.721  12.080  1.00 31.21 ? 14  GLY A CA  1 
ATOM   93   C C   . GLY A 1 14  ? 7.785   14.874  11.120  1.00 30.00 ? 14  GLY A C   1 
ATOM   94   O O   . GLY A 1 14  ? 7.157   15.916  11.313  1.00 30.55 ? 14  GLY A O   1 
ATOM   95   N N   . LYS A 1 15  ? 8.585   14.689  10.075  1.00 26.34 ? 15  LYS A N   1 
ATOM   96   C CA  . LYS A 1 15  ? 8.732   15.689  9.039   1.00 27.97 ? 15  LYS A CA  1 
ATOM   97   C C   . LYS A 1 15  ? 8.043   15.287  7.717   1.00 29.60 ? 15  LYS A C   1 
ATOM   98   O O   . LYS A 1 15  ? 8.333   14.214  7.174   1.00 25.28 ? 15  LYS A O   1 
ATOM   99   C CB  . LYS A 1 15  ? 10.203  15.956  8.764   1.00 34.43 ? 15  LYS A CB  1 
ATOM   100  C CG  . LYS A 1 15  ? 11.184  15.679  9.916   1.00 40.68 ? 15  LYS A CG  1 
ATOM   101  C CD  . LYS A 1 15  ? 10.966  16.468  11.216  1.00 43.86 ? 15  LYS A CD  1 
ATOM   102  C CE  . LYS A 1 15  ? 12.151  16.300  12.184  1.00 44.97 ? 15  LYS A CE  1 
ATOM   103  N NZ  . LYS A 1 15  ? 13.480  16.424  11.514  1.00 41.60 ? 15  LYS A NZ  1 
ATOM   104  N N   . PRO A 1 16  ? 7.169   16.150  7.170   1.00 28.60 ? 16  PRO A N   1 
ATOM   105  C CA  . PRO A 1 16  ? 6.395   15.782  5.956   1.00 29.79 ? 16  PRO A CA  1 
ATOM   106  C C   . PRO A 1 16  ? 7.199   15.471  4.760   1.00 27.53 ? 16  PRO A C   1 
ATOM   107  O O   . PRO A 1 16  ? 8.095   16.229  4.435   1.00 30.60 ? 16  PRO A O   1 
ATOM   108  C CB  . PRO A 1 16  ? 5.561   17.054  5.645   1.00 30.48 ? 16  PRO A CB  1 
ATOM   109  C CG  . PRO A 1 16  ? 5.495   17.769  6.947   1.00 31.75 ? 16  PRO A CG  1 
ATOM   110  C CD  . PRO A 1 16  ? 6.711   17.433  7.738   1.00 31.38 ? 16  PRO A CD  1 
ATOM   111  N N   . LEU A 1 17  ? 6.904   14.389  4.073   1.00 22.35 ? 17  LEU A N   1 
ATOM   112  C CA  . LEU A 1 17  ? 7.517   14.103  2.786   1.00 22.49 ? 17  LEU A CA  1 
ATOM   113  C C   . LEU A 1 17  ? 6.623   14.514  1.631   1.00 22.72 ? 17  LEU A C   1 
ATOM   114  O O   . LEU A 1 17  ? 7.112   14.623  0.496   1.00 22.38 ? 17  LEU A O   1 
ATOM   115  C CB  . LEU A 1 17  ? 7.851   12.610  2.664   1.00 22.41 ? 17  LEU A CB  1 
ATOM   116  C CG  . LEU A 1 17  ? 8.685   12.009  3.790   1.00 23.48 ? 17  LEU A CG  1 
ATOM   117  C CD1 . LEU A 1 17  ? 8.892   10.513  3.565   1.00 23.92 ? 17  LEU A CD1 1 
ATOM   118  C CD2 . LEU A 1 17  ? 10.043  12.720  3.869   1.00 25.59 ? 17  LEU A CD2 1 
ATOM   119  N N   . GLY A 1 18  ? 5.299   14.623  1.904   1.00 23.47 ? 18  GLY A N   1 
ATOM   120  C CA  . GLY A 1 18  ? 4.315   15.012  0.957   1.00 20.56 ? 18  GLY A CA  1 
ATOM   121  C C   . GLY A 1 18  ? 3.217   13.955  0.789   1.00 18.99 ? 18  GLY A C   1 
ATOM   122  O O   . GLY A 1 18  ? 3.060   13.084  1.635   1.00 21.30 ? 18  GLY A O   1 
ATOM   123  N N   . ARG A 1 19  ? 2.582   14.017  -0.360  1.00 19.97 ? 19  ARG A N   1 
ATOM   124  C CA  . ARG A 1 19  ? 1.343   13.240  -0.682  1.00 19.20 ? 19  ARG A CA  1 
ATOM   125  C C   . ARG A 1 19  ? 1.570   12.261  -1.817  1.00 17.85 ? 19  ARG A C   1 
ATOM   126  O O   . ARG A 1 19  ? 1.953   12.628  -2.979  1.00 18.50 ? 19  ARG A O   1 
ATOM   127  C CB  . ARG A 1 19  ? 0.194   14.229  -1.082  1.00 19.26 ? 19  ARG A CB  1 
ATOM   128  C CG  . ARG A 1 19  ? -1.109  13.474  -1.323  1.00 18.48 ? 19  ARG A CG  1 
ATOM   129  C CD  . ARG A 1 19  ? -2.316  14.391  -1.329  1.00 18.89 ? 19  ARG A CD  1 
ATOM   130  N NE  . ARG A 1 19  ? -2.653  14.824  0.009   1.00 17.78 ? 19  ARG A NE  1 
ATOM   131  C CZ  . ARG A 1 19  ? -3.777  15.448  0.320   1.00 19.53 ? 19  ARG A CZ  1 
ATOM   132  N NH1 . ARG A 1 19  ? -4.677  15.716  -0.631  1.00 18.97 ? 19  ARG A NH1 1 
ATOM   133  N NH2 . ARG A 1 19  ? -3.998  15.772  1.570   1.00 20.36 ? 19  ARG A NH2 1 
ATOM   134  N N   . VAL A 1 20  ? 1.200   10.977  -1.571  1.00 16.03 ? 20  VAL A N   1 
ATOM   135  C CA  . VAL A 1 20  ? 1.032   10.000  -2.651  1.00 15.76 ? 20  VAL A CA  1 
ATOM   136  C C   . VAL A 1 20  ? -0.454  9.891   -2.995  1.00 15.96 ? 20  VAL A C   1 
ATOM   137  O O   . VAL A 1 20  ? -1.242  9.673   -2.081  1.00 15.40 ? 20  VAL A O   1 
ATOM   138  C CB  . VAL A 1 20  ? 1.553   8.616   -2.249  1.00 15.74 ? 20  VAL A CB  1 
ATOM   139  C CG1 . VAL A 1 20  ? 1.594   7.658   -3.430  1.00 16.44 ? 20  VAL A CG1 1 
ATOM   140  C CG2 . VAL A 1 20  ? 2.995   8.802   -1.749  1.00 16.18 ? 20  VAL A CG2 1 
ATOM   141  N N   . VAL A 1 21  ? -0.762  10.167  -4.253  1.00 15.89 ? 21  VAL A N   1 
ATOM   142  C CA  . VAL A 1 21  ? -2.152  9.983   -4.793  1.00 15.97 ? 21  VAL A CA  1 
ATOM   143  C C   . VAL A 1 21  ? -2.168  8.664   -5.541  1.00 13.47 ? 21  VAL A C   1 
ATOM   144  O O   . VAL A 1 21  ? -1.458  8.428   -6.517  1.00 15.16 ? 21  VAL A O   1 
ATOM   145  C CB  . VAL A 1 21  ? -2.644  11.225  -5.614  1.00 15.00 ? 21  VAL A CB  1 
ATOM   146  C CG1 . VAL A 1 21  ? -4.097  10.993  -6.062  1.00 16.30 ? 21  VAL A CG1 1 
ATOM   147  C CG2 . VAL A 1 21  ? -2.511  12.505  -4.802  1.00 16.62 ? 21  VAL A CG2 1 
ATOM   148  N N   . LEU A 1 22  ? -3.162  7.814   -5.245  1.00 14.81 ? 22  LEU A N   1 
ATOM   149  C CA  . LEU A 1 22  ? -3.336  6.570   -5.861  1.00 14.26 ? 22  LEU A CA  1 
ATOM   150  C C   . LEU A 1 22  ? -4.728  6.385   -6.542  1.00 12.82 ? 22  LEU A C   1 
ATOM   151  O O   . LEU A 1 22  ? -5.703  6.783   -5.942  1.00 13.58 ? 22  LEU A O   1 
ATOM   152  C CB  . LEU A 1 22  ? -3.285  5.502   -4.738  1.00 14.57 ? 22  LEU A CB  1 
ATOM   153  C CG  . LEU A 1 22  ? -1.921  5.485   -3.974  1.00 14.20 ? 22  LEU A CG  1 
ATOM   154  C CD1 . LEU A 1 22  ? -2.136  4.767   -2.635  1.00 15.92 ? 22  LEU A CD1 1 
ATOM   155  C CD2 . LEU A 1 22  ? -0.918  4.793   -4.898  1.00 15.49 ? 22  LEU A CD2 1 
ATOM   156  N N   . GLU A 1 23  ? -4.725  5.853   -7.738  1.00 13.41 ? 23  GLU A N   1 
ATOM   157  C CA  . GLU A 1 23  ? -5.942  5.369   -8.370  1.00 14.17 ? 23  GLU A CA  1 
ATOM   158  C C   . GLU A 1 23  ? -6.188  3.914   -7.973  1.00 15.18 ? 23  GLU A C   1 
ATOM   159  O O   . GLU A 1 23  ? -5.332  3.068   -8.172  1.00 14.64 ? 23  GLU A O   1 
ATOM   160  C CB  . GLU A 1 23  ? -5.869  5.447   -9.932  1.00 16.52 ? 23  GLU A CB  1 
ATOM   161  C CG  . GLU A 1 23  ? -7.161  4.913   -10.606 1.00 16.35 ? 23  GLU A CG  1 
ATOM   162  C CD  . GLU A 1 23  ? -7.208  5.047   -12.135 1.00 18.12 ? 23  GLU A CD  1 
ATOM   163  O OE1 . GLU A 1 23  ? -6.355  5.804   -12.691 1.00 17.37 ? 23  GLU A OE1 1 
ATOM   164  O OE2 . GLU A 1 23  ? -8.113  4.420   -12.755 1.00 16.81 ? 23  GLU A OE2 1 
ATOM   165  N N   . LEU A 1 24  ? -7.420  3.601   -7.592  1.00 14.61 ? 24  LEU A N   1 
ATOM   166  C CA  . LEU A 1 24  ? -7.782  2.212   -7.223  1.00 14.73 ? 24  LEU A CA  1 
ATOM   167  C C   . LEU A 1 24  ? -8.681  1.623   -8.325  1.00 15.21 ? 24  LEU A C   1 
ATOM   168  O O   . LEU A 1 24  ? -9.681  2.233   -8.698  1.00 16.56 ? 24  LEU A O   1 
ATOM   169  C CB  . LEU A 1 24  ? -8.475  2.190   -5.870  1.00 14.58 ? 24  LEU A CB  1 
ATOM   170  C CG  . LEU A 1 24  ? -7.867  2.895   -4.687  1.00 14.02 ? 24  LEU A CG  1 
ATOM   171  C CD1 . LEU A 1 24  ? -8.652  2.775   -3.387  1.00 15.35 ? 24  LEU A CD1 1 
ATOM   172  C CD2 . LEU A 1 24  ? -6.397  2.508   -4.404  1.00 13.88 ? 24  LEU A CD2 1 
ATOM   173  N N   . LYS A 1 25  ? -8.279  0.506   -8.869  1.00 12.98 ? 25  LYS A N   1 
ATOM   174  C CA  . LYS A 1 25  ? -8.831  -0.071  -10.055 1.00 14.37 ? 25  LYS A CA  1 
ATOM   175  C C   . LYS A 1 25  ? -10.091 -0.932  -9.739  1.00 13.25 ? 25  LYS A C   1 
ATOM   176  O O   . LYS A 1 25  ? -10.104 -2.125  -9.976  1.00 14.63 ? 25  LYS A O   1 
ATOM   177  C CB  . LYS A 1 25  ? -7.786  -0.862  -10.789 1.00 15.83 ? 25  LYS A CB  1 
ATOM   178  C CG  . LYS A 1 25  ? -6.701  0.052   -11.422 1.00 16.43 ? 25  LYS A CG  1 
ATOM   179  C CD  . LYS A 1 25  ? -7.131  0.826   -12.642 1.00 20.13 ? 25  LYS A CD  1 
ATOM   180  C CE  . LYS A 1 25  ? -7.182  -0.136  -13.823 1.00 25.11 ? 25  LYS A CE  1 
ATOM   181  N NZ  . LYS A 1 25  ? -7.973  0.518   -14.929 1.00 31.37 ? 25  LYS A NZ  1 
ATOM   182  N N   . ALA A 1 26  ? -11.088 -0.230  -9.275  1.00 14.24 ? 26  ALA A N   1 
ATOM   183  C CA  . ALA A 1 26  ? -12.404 -0.781  -8.850  1.00 15.27 ? 26  ALA A CA  1 
ATOM   184  C C   . ALA A 1 26  ? -13.100 -1.388  -10.047 1.00 18.96 ? 26  ALA A C   1 
ATOM   185  O O   . ALA A 1 26  ? -13.869 -2.311  -9.907  1.00 18.01 ? 26  ALA A O   1 
ATOM   186  C CB  . ALA A 1 26  ? -13.258 0.224   -8.175  1.00 15.17 ? 26  ALA A CB  1 
ATOM   187  N N   . ASP A 1 27  ? -12.787 -0.900  -11.254 1.00 19.07 ? 27  ASP A N   1 
ATOM   188  C CA  . ASP A 1 27  ? -13.285 -1.489  -12.446 1.00 19.40 ? 27  ASP A CA  1 
ATOM   189  C C   . ASP A 1 27  ? -12.749 -2.884  -12.748 1.00 20.33 ? 27  ASP A C   1 
ATOM   190  O O   . ASP A 1 27  ? -13.312 -3.599  -13.594 1.00 22.70 ? 27  ASP A O   1 
ATOM   191  C CB  . ASP A 1 27  ? -13.062 -0.495  -13.600 1.00 21.48 ? 27  ASP A CB  1 
ATOM   192  C CG  . ASP A 1 27  ? -11.604 -0.239  -13.884 1.00 24.16 ? 27  ASP A CG  1 
ATOM   193  O OD1 . ASP A 1 27  ? -10.759 -0.370  -12.993 1.00 23.01 ? 27  ASP A OD1 1 
ATOM   194  O OD2 . ASP A 1 27  ? -11.294 0.139   -15.015 1.00 30.62 ? 27  ASP A OD2 1 
ATOM   195  N N   . VAL A 1 28  ? -11.624 -3.304  -12.123 1.00 16.99 ? 28  VAL A N   1 
ATOM   196  C CA  . VAL A 1 28  ? -11.041 -4.594  -12.391 1.00 16.55 ? 28  VAL A CA  1 
ATOM   197  C C   . VAL A 1 28  ? -11.054 -5.478  -11.124 1.00 15.06 ? 28  VAL A C   1 
ATOM   198  O O   . VAL A 1 28  ? -11.367 -6.644  -11.241 1.00 14.89 ? 28  VAL A O   1 
ATOM   199  C CB  . VAL A 1 28  ? -9.547  -4.458  -12.852 1.00 15.64 ? 28  VAL A CB  1 
ATOM   200  C CG1 . VAL A 1 28  ? -8.896  -5.813  -13.071 1.00 15.97 ? 28  VAL A CG1 1 
ATOM   201  C CG2 . VAL A 1 28  ? -9.431  -3.646  -14.137 1.00 17.29 ? 28  VAL A CG2 1 
ATOM   202  N N   . VAL A 1 29  ? -10.797 -4.864  -9.987  1.00 16.01 ? 29  VAL A N   1 
ATOM   203  C CA  . VAL A 1 29  ? -10.758 -5.551  -8.652  1.00 16.11 ? 29  VAL A CA  1 
ATOM   204  C C   . VAL A 1 29  ? -11.523 -4.767  -7.645  1.00 14.36 ? 29  VAL A C   1 
ATOM   205  O O   . VAL A 1 29  ? -11.018 -4.134  -6.742  1.00 15.38 ? 29  VAL A O   1 
ATOM   206  C CB  . VAL A 1 29  ? -9.298  -5.789  -8.202  1.00 14.17 ? 29  VAL A CB  1 
ATOM   207  C CG1 . VAL A 1 29  ? -8.747  -6.966  -8.921  1.00 14.61 ? 29  VAL A CG1 1 
ATOM   208  C CG2 . VAL A 1 29  ? -8.384  -4.607  -8.398  1.00 15.51 ? 29  VAL A CG2 1 
ATOM   209  N N   . PRO A 1 30  ? -12.863 -4.772  -7.790  1.00 14.08 ? 30  PRO A N   1 
ATOM   210  C CA  . PRO A 1 30  ? -13.695 -4.019  -6.895  1.00 13.14 ? 30  PRO A CA  1 
ATOM   211  C C   . PRO A 1 30  ? -13.611 -4.287  -5.409  1.00 13.04 ? 30  PRO A C   1 
ATOM   212  O O   . PRO A 1 30  ? -13.591 -3.372  -4.607  1.00 13.47 ? 30  PRO A O   1 
ATOM   213  C CB  . PRO A 1 30  ? -15.113 -4.274  -7.468  1.00 13.80 ? 30  PRO A CB  1 
ATOM   214  C CG  . PRO A 1 30  ? -14.999 -5.466  -8.223  1.00 13.97 ? 30  PRO A CG  1 
ATOM   215  C CD  . PRO A 1 30  ? -13.612 -5.564  -8.768  1.00 14.88 ? 30  PRO A CD  1 
ATOM   216  N N   . LYS A 1 31  ? -13.485 -5.536  -5.048  1.00 13.87 ? 31  LYS A N   1 
ATOM   217  C CA  . LYS A 1 31  ? -13.433 -5.910  -3.648  1.00 13.58 ? 31  LYS A CA  1 
ATOM   218  C C   . LYS A 1 31  ? -12.113 -5.456  -2.970  1.00 12.18 ? 31  LYS A C   1 
ATOM   219  O O   . LYS A 1 31  ? -12.147 -4.916  -1.880  1.00 12.43 ? 31  LYS A O   1 
ATOM   220  C CB  . LYS A 1 31  ? -13.661 -7.420  -3.482  1.00 17.31 ? 31  LYS A CB  1 
ATOM   221  C CG  . LYS A 1 31  ? -15.018 -7.951  -4.040  1.00 18.83 ? 31  LYS A CG  1 
ATOM   222  C CD  . LYS A 1 31  ? -15.020 -9.475  -4.076  1.00 21.86 ? 31  LYS A CD  1 
ATOM   223  C CE  . LYS A 1 31  ? -16.380 -10.048 -4.426  1.00 26.68 ? 31  LYS A CE  1 
ATOM   224  N NZ  . LYS A 1 31  ? -16.666 -9.689  -5.848  1.00 30.32 ? 31  LYS A NZ  1 
ATOM   225  N N   . THR A 1 32  ? -11.048 -5.631  -3.698  1.00 12.66 ? 32  THR A N   1 
ATOM   226  C CA  . THR A 1 32  ? -9.676  -5.223  -3.247  1.00 12.38 ? 32  THR A CA  1 
ATOM   227  C C   . THR A 1 32  ? -9.556  -3.698  -3.228  1.00 13.35 ? 32  THR A C   1 
ATOM   228  O O   . THR A 1 32  ? -9.108  -3.104  -2.278  1.00 12.00 ? 32  THR A O   1 
ATOM   229  C CB  . THR A 1 32  ? -8.642  -5.857  -4.136  1.00 12.61 ? 32  THR A CB  1 
ATOM   230  O OG1 . THR A 1 32  ? -8.899  -7.259  -4.286  1.00 13.73 ? 32  THR A OG1 1 
ATOM   231  C CG2 . THR A 1 32  ? -7.226  -5.633  -3.574  1.00 13.21 ? 32  THR A CG2 1 
ATOM   232  N N   . ALA A 1 33  ? -10.034 -3.058  -4.284  1.00 12.64 ? 33  ALA A N   1 
ATOM   233  C CA  . ALA A 1 33  ? -10.114 -1.622  -4.295  1.00 12.46 ? 33  ALA A CA  1 
ATOM   234  C C   . ALA A 1 33  ? -10.904 -1.055  -3.127  1.00 13.44 ? 33  ALA A C   1 
ATOM   235  O O   . ALA A 1 33  ? -10.494 -0.132  -2.440  1.00 12.84 ? 33  ALA A O   1 
ATOM   236  C CB  . ALA A 1 33  ? -10.682 -1.107  -5.608  1.00 12.37 ? 33  ALA A CB  1 
ATOM   237  N N   . GLU A 1 34  ? -12.096 -1.615  -2.882  1.00 12.92 ? 34  GLU A N   1 
ATOM   238  C CA  . GLU A 1 34  ? -12.970 -1.116  -1.839  1.00 12.44 ? 34  GLU A CA  1 
ATOM   239  C C   . GLU A 1 34  ? -12.339 -1.240  -0.443  1.00 12.78 ? 34  GLU A C   1 
ATOM   240  O O   . GLU A 1 34  ? -12.444 -0.337  0.364   1.00 13.60 ? 34  GLU A O   1 
ATOM   241  C CB  . GLU A 1 34  ? -14.356 -1.838  -1.891  1.00 13.64 ? 34  GLU A CB  1 
ATOM   242  C CG  . GLU A 1 34  ? -15.269 -1.447  -0.723  1.00 15.87 ? 34  GLU A CG  1 
ATOM   243  C CD  . GLU A 1 34  ? -15.685 0.000   -0.650  1.00 17.29 ? 34  GLU A CD  1 
ATOM   244  O OE1 . GLU A 1 34  ? -15.524 0.735   -1.666  1.00 18.09 ? 34  GLU A OE1 1 
ATOM   245  O OE2 . GLU A 1 34  ? -16.195 0.411   0.405   1.00 18.39 ? 34  GLU A OE2 1 
ATOM   246  N N   . ASN A 1 35  ? -11.668 -2.366  -0.198  1.00 12.79 ? 35  ASN A N   1 
ATOM   247  C CA  . ASN A 1 35  ? -10.954 -2.571  1.035   1.00 12.36 ? 35  ASN A CA  1 
ATOM   248  C C   . ASN A 1 35  ? -9.953  -1.397  1.284   1.00 12.65 ? 35  ASN A C   1 
ATOM   249  O O   . ASN A 1 35  ? -9.948  -0.764  2.305   1.00 12.95 ? 35  ASN A O   1 
ATOM   250  C CB  . ASN A 1 35  ? -10.221 -3.894  0.953   1.00 13.00 ? 35  ASN A CB  1 
ATOM   251  C CG  . ASN A 1 35  ? -9.452  -4.197  2.248   1.00 12.91 ? 35  ASN A CG  1 
ATOM   252  O OD1 . ASN A 1 35  ? -10.008 -4.175  3.352   1.00 14.32 ? 35  ASN A OD1 1 
ATOM   253  N ND2 . ASN A 1 35  ? -8.139  -4.409  2.117   1.00 12.42 ? 35  ASN A ND2 1 
ATOM   254  N N   . PHE A 1 36  ? -9.093  -1.172  0.300   1.00 11.40 ? 36  PHE A N   1 
ATOM   255  C CA  . PHE A 1 36  ? -8.070  -0.104  0.417   1.00 12.33 ? 36  PHE A CA  1 
ATOM   256  C C   . PHE A 1 36  ? -8.699  1.300   0.627   1.00 12.91 ? 36  PHE A C   1 
ATOM   257  O O   . PHE A 1 36  ? -8.328  2.030   1.511   1.00 12.63 ? 36  PHE A O   1 
ATOM   258  C CB  . PHE A 1 36  ? -7.143  -0.163  -0.748  1.00 12.91 ? 36  PHE A CB  1 
ATOM   259  C CG  . PHE A 1 36  ? -5.907  0.675   -0.570  1.00 12.99 ? 36  PHE A CG  1 
ATOM   260  C CD1 . PHE A 1 36  ? -5.889  2.051   -0.942  1.00 13.51 ? 36  PHE A CD1 1 
ATOM   261  C CD2 . PHE A 1 36  ? -4.777  0.137   -0.011  1.00 13.32 ? 36  PHE A CD2 1 
ATOM   262  C CE1 . PHE A 1 36  ? -4.728  2.791   -0.842  1.00 14.33 ? 36  PHE A CE1 1 
ATOM   263  C CE2 . PHE A 1 36  ? -3.629  0.878   0.111   1.00 14.35 ? 36  PHE A CE2 1 
ATOM   264  C CZ  . PHE A 1 36  ? -3.606  2.216   -0.224  1.00 13.78 ? 36  PHE A CZ  1 
ATOM   265  N N   . ARG A 1 37  ? -9.763  1.601   -0.156  1.00 12.97 ? 37  ARG A N   1 
ATOM   266  C CA  . ARG A 1 37  ? -10.441 2.873   -0.111  1.00 13.26 ? 37  ARG A CA  1 
ATOM   267  C C   . ARG A 1 37  ? -10.961 3.147   1.268   1.00 12.39 ? 37  ARG A C   1 
ATOM   268  O O   . ARG A 1 37  ? -10.702 4.202   1.869   1.00 11.97 ? 37  ARG A O   1 
ATOM   269  C CB  . ARG A 1 37  ? -11.596 2.874   -1.124  1.00 13.85 ? 37  ARG A CB  1 
ATOM   270  C CG  . ARG A 1 37  ? -12.317 4.242   -1.249  1.00 15.09 ? 37  ARG A CG  1 
ATOM   271  C CD  . ARG A 1 37  ? -13.706 4.089   -1.912  1.00 16.00 ? 37  ARG A CD  1 
ATOM   272  N NE  . ARG A 1 37  ? -14.586 3.387   -1.017  1.00 15.43 ? 37  ARG A NE  1 
ATOM   273  C CZ  . ARG A 1 37  ? -15.027 3.896   0.124   1.00 15.47 ? 37  ARG A CZ  1 
ATOM   274  N NH1 . ARG A 1 37  ? -14.806 5.129   0.527   1.00 17.30 ? 37  ARG A NH1 1 
ATOM   275  N NH2 . ARG A 1 37  ? -15.659 3.090   0.968   1.00 16.49 ? 37  ARG A NH2 1 
ATOM   276  N N   . ALA A 1 38  ? -11.698 2.155   1.807   1.00 13.37 ? 38  ALA A N   1 
ATOM   277  C CA  . ALA A 1 38  ? -12.248 2.243   3.146   1.00 13.61 ? 38  ALA A CA  1 
ATOM   278  C C   . ALA A 1 38  ? -11.209 2.329   4.274   1.00 13.63 ? 38  ALA A C   1 
ATOM   279  O O   . ALA A 1 38  ? -11.437 3.078   5.257   1.00 14.73 ? 38  ALA A O   1 
ATOM   280  C CB  . ALA A 1 38  ? -13.247 1.080   3.390   1.00 13.98 ? 38  ALA A CB  1 
ATOM   281  N N   . LEU A 1 39  ? -10.043 1.679   4.098   1.00 13.76 ? 39  LEU A N   1 
ATOM   282  C CA  . LEU A 1 39  ? -8.978  1.776   5.078   1.00 13.73 ? 39  LEU A CA  1 
ATOM   283  C C   . LEU A 1 39  ? -8.294  3.153   5.074   1.00 12.78 ? 39  LEU A C   1 
ATOM   284  O O   . LEU A 1 39  ? -7.824  3.592   6.072   1.00 15.44 ? 39  LEU A O   1 
ATOM   285  C CB  . LEU A 1 39  ? -7.960  0.608   4.935   1.00 13.85 ? 39  LEU A CB  1 
ATOM   286  C CG  . LEU A 1 39  ? -8.524  -0.799  5.231   1.00 14.00 ? 39  LEU A CG  1 
ATOM   287  C CD1 . LEU A 1 39  ? -7.645  -1.920  4.698   1.00 13.98 ? 39  LEU A CD1 1 
ATOM   288  C CD2 . LEU A 1 39  ? -8.789  -0.947  6.677   1.00 15.22 ? 39  LEU A CD2 1 
ATOM   289  N N   . CYS A 1 40  ? -8.325  3.833   3.911   1.00 14.19 ? 40  CYS A N   1 
ATOM   290  C CA  . CYS A 1 40  ? -7.862  5.211   3.770   1.00 15.78 ? 40  CYS A CA  1 
ATOM   291  C C   . CYS A 1 40  ? -8.803  6.185   4.397   1.00 16.19 ? 40  CYS A C   1 
ATOM   292  O O   . CYS A 1 40  ? -8.361  7.105   5.089   1.00 17.14 ? 40  CYS A O   1 
ATOM   293  C CB  . CYS A 1 40  ? -7.701  5.559   2.290   1.00 14.42 ? 40  CYS A CB  1 
ATOM   294  S SG  . CYS A 1 40  ? -6.264  4.788   1.444   1.00 15.13 ? 40  CYS A SG  1 
ATOM   295  N N   . THR A 1 41  ? -10.112 5.996   4.205   1.00 16.43 ? 41  THR A N   1 
ATOM   296  C CA  . THR A 1 41  ? -11.036 6.929   4.864   1.00 18.57 ? 41  THR A CA  1 
ATOM   297  C C   . THR A 1 41  ? -11.185 6.697   6.372   1.00 19.35 ? 41  THR A C   1 
ATOM   298  O O   . THR A 1 41  ? -11.532 7.603   7.052   1.00 21.55 ? 41  THR A O   1 
ATOM   299  C CB  . THR A 1 41  ? -12.438 6.911   4.225   1.00 18.28 ? 41  THR A CB  1 
ATOM   300  O OG1 . THR A 1 41  ? -13.028 5.634   4.468   1.00 18.10 ? 41  THR A OG1 1 
ATOM   301  C CG2 . THR A 1 41  ? -12.354 7.111   2.724   1.00 16.46 ? 41  THR A CG2 1 
ATOM   302  N N   . GLY A 1 42  ? -10.994 5.476   6.875   1.00 18.23 ? 42  GLY A N   1 
ATOM   303  C CA  . GLY A 1 42  ? -11.170 5.176   8.294   1.00 18.62 ? 42  GLY A CA  1 
ATOM   304  C C   . GLY A 1 42  ? -12.649 4.943   8.628   1.00 20.02 ? 42  GLY A C   1 
ATOM   305  O O   . GLY A 1 42  ? -12.983 4.744   9.762   1.00 22.61 ? 42  GLY A O   1 
ATOM   306  N N   . GLU A 1 43  ? -13.487 4.861   7.602   1.00 20.55 ? 43  GLU A N   1 
ATOM   307  C CA  . GLU A 1 43  ? -14.967 4.856   7.766   1.00 21.22 ? 43  GLU A CA  1 
ATOM   308  C C   . GLU A 1 43  ? -15.513 3.660   8.484   1.00 25.27 ? 43  GLU A C   1 
ATOM   309  O O   . GLU A 1 43  ? -16.619 3.757   8.991   1.00 24.81 ? 43  GLU A O   1 
ATOM   310  C CB  . GLU A 1 43  ? -15.684 5.012   6.452   1.00 20.15 ? 43  GLU A CB  1 
ATOM   311  C CG  . GLU A 1 43  ? -15.551 3.884   5.463   1.00 19.77 ? 43  GLU A CG  1 
ATOM   312  C CD  . GLU A 1 43  ? -16.017 4.352   4.133   1.00 22.55 ? 43  GLU A CD  1 
ATOM   313  O OE1 . GLU A 1 43  ? -15.367 5.278   3.547   1.00 22.48 ? 43  GLU A OE1 1 
ATOM   314  O OE2 . GLU A 1 43  ? -17.046 3.869   3.685   1.00 21.29 ? 43  GLU A OE2 1 
ATOM   315  N N   . LYS A 1 44  ? -14.762 2.544   8.527   1.00 23.01 ? 44  LYS A N   1 
ATOM   316  C CA  . LYS A 1 44  ? -15.155 1.367   9.340   1.00 22.87 ? 44  LYS A CA  1 
ATOM   317  C C   . LYS A 1 44  ? -14.689 1.444   10.762  1.00 23.15 ? 44  LYS A C   1 
ATOM   318  O O   . LYS A 1 44  ? -14.928 0.466   11.521  1.00 24.51 ? 44  LYS A O   1 
ATOM   319  C CB  . LYS A 1 44  ? -14.674 0.041   8.714   1.00 23.44 ? 44  LYS A CB  1 
ATOM   320  C CG  . LYS A 1 44  ? -14.916 -0.173  7.256   1.00 22.86 ? 44  LYS A CG  1 
ATOM   321  C CD  . LYS A 1 44  ? -16.355 -0.085  6.932   1.00 24.81 ? 44  LYS A CD  1 
ATOM   322  C CE  . LYS A 1 44  ? -16.538 -0.428  5.490   1.00 25.43 ? 44  LYS A CE  1 
ATOM   323  N NZ  . LYS A 1 44  ? -17.978 -0.298  5.207   1.00 28.84 ? 44  LYS A NZ  1 
ATOM   324  N N   . GLY A 1 45  ? -13.971 2.517   11.142  1.00 22.03 ? 45  GLY A N   1 
ATOM   325  C CA  . GLY A 1 45  ? -13.453 2.677   12.512  1.00 23.52 ? 45  GLY A CA  1 
ATOM   326  C C   . GLY A 1 45  ? -12.056 2.115   12.762  1.00 23.62 ? 45  GLY A C   1 
ATOM   327  O O   . GLY A 1 45  ? -11.566 2.107   13.912  1.00 26.36 ? 45  GLY A O   1 
ATOM   328  N N   . PHE A 1 46  ? -11.413 1.681   11.681  1.00 22.42 ? 46  PHE A N   1 
ATOM   329  C CA  . PHE A 1 46  ? -9.977  1.357   11.702  1.00 19.46 ? 46  PHE A CA  1 
ATOM   330  C C   . PHE A 1 46  ? -9.386  1.664   10.329  1.00 18.54 ? 46  PHE A C   1 
ATOM   331  O O   . PHE A 1 46  ? -10.106 1.817   9.331   1.00 18.63 ? 46  PHE A O   1 
ATOM   332  C CB  . PHE A 1 46  ? -9.751  -0.066  12.124  1.00 19.16 ? 46  PHE A CB  1 
ATOM   333  C CG  . PHE A 1 46  ? -10.522 -1.064  11.341  1.00 21.18 ? 46  PHE A CG  1 
ATOM   334  C CD1 . PHE A 1 46  ? -10.027 -1.574  10.141  1.00 20.50 ? 46  PHE A CD1 1 
ATOM   335  C CD2 . PHE A 1 46  ? -11.780 -1.519  11.796  1.00 21.17 ? 46  PHE A CD2 1 
ATOM   336  C CE1 . PHE A 1 46  ? -10.697 -2.505  9.432   1.00 21.37 ? 46  PHE A CE1 1 
ATOM   337  C CE2 . PHE A 1 46  ? -12.488 -2.431  11.067  1.00 25.23 ? 46  PHE A CE2 1 
ATOM   338  C CZ  . PHE A 1 46  ? -11.955 -2.952  9.895   1.00 25.95 ? 46  PHE A CZ  1 
ATOM   339  N N   . GLY A 1 47  ? -8.065  1.727   10.267  1.00 18.83 ? 47  GLY A N   1 
ATOM   340  C CA  . GLY A 1 47  ? -7.450  1.912   8.966   1.00 19.01 ? 47  GLY A CA  1 
ATOM   341  C C   . GLY A 1 47  ? -6.057  2.434   9.083   1.00 17.05 ? 47  GLY A C   1 
ATOM   342  O O   . GLY A 1 47  ? -5.402  2.268   10.101  1.00 16.47 ? 47  GLY A O   1 
ATOM   343  N N   . TYR A 1 48  ? -5.602  3.028   7.971   1.00 15.15 ? 48  TYR A N   1 
ATOM   344  C CA  . TYR A 1 48  ? -4.165  3.314   7.820   1.00 14.71 ? 48  TYR A CA  1 
ATOM   345  C C   . TYR A 1 48  ? -3.674  4.515   8.557   1.00 15.39 ? 48  TYR A C   1 
ATOM   346  O O   . TYR A 1 48  ? -2.461  4.645   8.789   1.00 15.63 ? 48  TYR A O   1 
ATOM   347  C CB  . TYR A 1 48  ? -3.882  3.490   6.313   1.00 14.26 ? 48  TYR A CB  1 
ATOM   348  C CG  . TYR A 1 48  ? -4.071  2.263   5.486   1.00 13.00 ? 48  TYR A CG  1 
ATOM   349  C CD1 . TYR A 1 48  ? -3.669  0.978   5.937   1.00 12.43 ? 48  TYR A CD1 1 
ATOM   350  C CD2 . TYR A 1 48  ? -4.672  2.315   4.221   1.00 11.87 ? 48  TYR A CD2 1 
ATOM   351  C CE1 . TYR A 1 48  ? -3.821  -0.143  5.122   1.00 12.35 ? 48  TYR A CE1 1 
ATOM   352  C CE2 . TYR A 1 48  ? -4.784  1.184   3.394   1.00 12.38 ? 48  TYR A CE2 1 
ATOM   353  C CZ  . TYR A 1 48  ? -4.404  -0.048  3.846   1.00 11.04 ? 48  TYR A CZ  1 
ATOM   354  O OH  . TYR A 1 48  ? -4.557  -1.133  3.075   1.00 12.01 ? 48  TYR A OH  1 
ATOM   355  N N   . LYS A 1 49  ? -4.553  5.478   8.886   1.00 16.58 ? 49  LYS A N   1 
ATOM   356  C CA  . LYS A 1 49  ? -4.065  6.763   9.493   1.00 17.48 ? 49  LYS A CA  1 
ATOM   357  C C   . LYS A 1 49  ? -3.290  6.451   10.786  1.00 16.61 ? 49  LYS A C   1 
ATOM   358  O O   . LYS A 1 49  ? -3.761  5.685   11.621  1.00 17.98 ? 49  LYS A O   1 
ATOM   359  C CB  . LYS A 1 49  ? -5.225  7.732   9.769   1.00 18.30 ? 49  LYS A CB  1 
ATOM   360  C CG  . LYS A 1 49  ? -4.733  9.104   10.197  1.00 20.40 ? 49  LYS A CG  1 
ATOM   361  C CD  . LYS A 1 49  ? -5.886  10.121  10.280  1.00 25.09 ? 49  LYS A CD  1 
ATOM   362  C CE  . LYS A 1 49  ? -5.242  11.472  10.463  1.00 32.48 ? 49  LYS A CE  1 
ATOM   363  N NZ  . LYS A 1 49  ? -6.207  12.576  10.451  1.00 41.66 ? 49  LYS A NZ  1 
ATOM   364  N N   . GLY A 1 50  ? -2.074  6.973   10.903  1.00 18.51 ? 50  GLY A N   1 
ATOM   365  C CA  . GLY A 1 50  ? -1.236  6.781   12.105  1.00 19.77 ? 50  GLY A CA  1 
ATOM   366  C C   . GLY A 1 50  ? -0.364  5.532   12.066  1.00 23.02 ? 50  GLY A C   1 
ATOM   367  O O   . GLY A 1 50  ? 0.344   5.229   13.016  1.00 24.87 ? 50  GLY A O   1 
ATOM   368  N N   . SER A 1 51  ? -0.453  4.770   10.991  1.00 18.21 ? 51  SER A N   1 
ATOM   369  C CA  . SER A 1 51  ? 0.355   3.564   10.827  1.00 18.90 ? 51  SER A CA  1 
ATOM   370  C C   . SER A 1 51  ? 1.589   3.873   9.960   1.00 16.16 ? 51  SER A C   1 
ATOM   371  O O   . SER A 1 51  ? 1.855   5.031   9.619   1.00 16.02 ? 51  SER A O   1 
ATOM   372  C CB  . SER A 1 51  ? -0.502  2.441   10.291  1.00 18.68 ? 51  SER A CB  1 
ATOM   373  O OG  . SER A 1 51  ? -0.857  2.654   8.961   1.00 18.83 ? 51  SER A OG  1 
ATOM   374  N N   . THR A 1 52  ? 2.395   2.846   9.661   1.00 16.73 ? 52  THR A N   1 
ATOM   375  C CA  . THR A 1 52  ? 3.766   3.043   9.156   1.00 16.80 ? 52  THR A CA  1 
ATOM   376  C C   . THR A 1 52  ? 4.054   2.296   7.846   1.00 15.03 ? 52  THR A C   1 
ATOM   377  O O   . THR A 1 52  ? 3.360   1.311   7.522   1.00 16.64 ? 52  THR A O   1 
ATOM   378  C CB  . THR A 1 52  ? 4.860   2.579   10.179  1.00 16.75 ? 52  THR A CB  1 
ATOM   379  O OG1 . THR A 1 52  ? 4.917   1.135   10.276  1.00 17.97 ? 52  THR A OG1 1 
ATOM   380  C CG2 . THR A 1 52  ? 4.637   3.155   11.540  1.00 16.94 ? 52  THR A CG2 1 
ATOM   381  N N   . PHE A 1 53  ? 5.120   2.738   7.143   1.00 14.14 ? 53  PHE A N   1 
ATOM   382  C CA  . PHE A 1 53  ? 5.782   1.901   6.129   1.00 14.12 ? 53  PHE A CA  1 
ATOM   383  C C   . PHE A 1 53  ? 6.821   1.112   6.968   1.00 14.49 ? 53  PHE A C   1 
ATOM   384  O O   . PHE A 1 53  ? 7.846   1.683   7.314   1.00 16.60 ? 53  PHE A O   1 
ATOM   385  C CB  . PHE A 1 53  ? 6.405   2.706   4.971   1.00 14.36 ? 53  PHE A CB  1 
ATOM   386  C CG  . PHE A 1 53  ? 5.420   3.150   3.916   1.00 14.30 ? 53  PHE A CG  1 
ATOM   387  C CD1 . PHE A 1 53  ? 4.549   4.206   4.130   1.00 17.49 ? 53  PHE A CD1 1 
ATOM   388  C CD2 . PHE A 1 53  ? 5.360   2.481   2.699   1.00 14.73 ? 53  PHE A CD2 1 
ATOM   389  C CE1 . PHE A 1 53  ? 3.620   4.578   3.134   1.00 14.38 ? 53  PHE A CE1 1 
ATOM   390  C CE2 . PHE A 1 53  ? 4.461   2.866   1.714   1.00 14.22 ? 53  PHE A CE2 1 
ATOM   391  C CZ  . PHE A 1 53  ? 3.577   3.905   1.973   1.00 14.30 ? 53  PHE A CZ  1 
ATOM   392  N N   . HIS A 1 54  ? 6.586   -0.152  7.240   1.00 14.93 ? 54  HIS A N   1 
ATOM   393  C CA  . HIS A 1 54  ? 7.482   -0.959  8.101   1.00 15.66 ? 54  HIS A CA  1 
ATOM   394  C C   . HIS A 1 54  ? 8.568   -1.706  7.342   1.00 18.05 ? 54  HIS A C   1 
ATOM   395  O O   . HIS A 1 54  ? 9.456   -2.270  7.985   1.00 17.41 ? 54  HIS A O   1 
ATOM   396  C CB  . HIS A 1 54  ? 6.682   -1.986  8.903   1.00 17.31 ? 54  HIS A CB  1 
ATOM   397  C CG  . HIS A 1 54  ? 6.057   -3.078  8.074   1.00 16.90 ? 54  HIS A CG  1 
ATOM   398  N ND1 . HIS A 1 54  ? 4.834   -2.917  7.430   1.00 17.28 ? 54  HIS A ND1 1 
ATOM   399  C CD2 . HIS A 1 54  ? 6.499   -4.310  7.720   1.00 16.68 ? 54  HIS A CD2 1 
ATOM   400  C CE1 . HIS A 1 54  ? 4.560   -4.008  6.742   1.00 16.99 ? 54  HIS A CE1 1 
ATOM   401  N NE2 . HIS A 1 54  ? 5.562   -4.859  6.892   1.00 16.91 ? 54  HIS A NE2 1 
ATOM   402  N N   . ARG A 1 55  ? 8.450   -1.843  6.005   1.00 16.06 ? 55  ARG A N   1 
ATOM   403  C CA  . ARG A 1 55  ? 9.400   -2.580  5.204   1.00 15.87 ? 55  ARG A CA  1 
ATOM   404  C C   . ARG A 1 55  ? 9.600   -1.873  3.908   1.00 16.89 ? 55  ARG A C   1 
ATOM   405  O O   . ARG A 1 55  ? 8.696   -1.817  3.069   1.00 16.84 ? 55  ARG A O   1 
ATOM   406  C CB  . ARG A 1 55  ? 8.952   -4.000  5.005   1.00 17.37 ? 55  ARG A CB  1 
ATOM   407  C CG  . ARG A 1 55  ? 9.909   -4.806  4.173   1.00 19.54 ? 55  ARG A CG  1 
ATOM   408  C CD  . ARG A 1 55  ? 9.724   -6.279  4.354   1.00 25.41 ? 55  ARG A CD  1 
ATOM   409  N NE  . ARG A 1 55  ? 8.967   -6.745  3.306   1.00 27.62 ? 55  ARG A NE  1 
ATOM   410  C CZ  . ARG A 1 55  ? 9.297   -7.534  2.282   1.00 26.68 ? 55  ARG A CZ  1 
ATOM   411  N NH1 . ARG A 1 55  ? 8.334   -7.823  1.388   1.00 23.09 ? 55  ARG A NH1 1 
ATOM   412  N NH2 . ARG A 1 55  ? 10.480  -8.030  2.090   1.00 34.08 ? 55  ARG A NH2 1 
ATOM   413  N N   . VAL A 1 56  ? 10.795  -1.317  3.742   1.00 14.53 ? 56  VAL A N   1 
ATOM   414  C CA  . VAL A 1 56  ? 11.106  -0.522  2.571   1.00 14.71 ? 56  VAL A CA  1 
ATOM   415  C C   . VAL A 1 56  ? 12.457  -0.985  2.030   1.00 16.31 ? 56  VAL A C   1 
ATOM   416  O O   . VAL A 1 56  ? 13.412  -0.972  2.789   1.00 17.34 ? 56  VAL A O   1 
ATOM   417  C CB  . VAL A 1 56  ? 11.154  0.939   2.964   1.00 14.77 ? 56  VAL A CB  1 
ATOM   418  C CG1 . VAL A 1 56  ? 11.597  1.812   1.781   1.00 16.21 ? 56  VAL A CG1 1 
ATOM   419  C CG2 . VAL A 1 56  ? 9.793   1.372   3.514   1.00 13.35 ? 56  VAL A CG2 1 
ATOM   420  N N   . ILE A 1 57  ? 12.475  -1.493  0.804   1.00 14.46 ? 57  ILE A N   1 
ATOM   421  C CA  . ILE A 1 57  ? 13.659  -2.088  0.216   1.00 15.53 ? 57  ILE A CA  1 
ATOM   422  C C   . ILE A 1 57  ? 13.985  -1.284  -1.052  1.00 17.82 ? 57  ILE A C   1 
ATOM   423  O O   . ILE A 1 57  ? 13.266  -1.380  -2.090  1.00 16.25 ? 57  ILE A O   1 
ATOM   424  C CB  . ILE A 1 57  ? 13.540  -3.553  -0.101  1.00 16.53 ? 57  ILE A CB  1 
ATOM   425  C CG1 . ILE A 1 57  ? 13.252  -4.367  1.201   1.00 16.72 ? 57  ILE A CG1 1 
ATOM   426  C CG2 . ILE A 1 57  ? 14.817  -4.015  -0.855  1.00 16.93 ? 57  ILE A CG2 1 
ATOM   427  C CD1 . ILE A 1 57  ? 13.005  -5.796  0.936   1.00 17.33 ? 57  ILE A CD1 1 
ATOM   428  N N   . PRO A 1 58  ? 15.119  -0.532  -1.002  1.00 17.10 ? 58  PRO A N   1 
ATOM   429  C CA  . PRO A 1 58  ? 15.511  0.277   -2.181  1.00 16.61 ? 58  PRO A CA  1 
ATOM   430  C C   . PRO A 1 58  ? 15.650  -0.537  -3.411  1.00 16.90 ? 58  PRO A C   1 
ATOM   431  O O   . PRO A 1 58  ? 16.030  -1.680  -3.348  1.00 16.58 ? 58  PRO A O   1 
ATOM   432  C CB  . PRO A 1 58  ? 16.830  0.943   -1.718  1.00 17.37 ? 58  PRO A CB  1 
ATOM   433  C CG  . PRO A 1 58  ? 16.670  1.089   -0.237  1.00 18.55 ? 58  PRO A CG  1 
ATOM   434  C CD  . PRO A 1 58  ? 15.996  -0.225  0.157   1.00 17.73 ? 58  PRO A CD  1 
ATOM   435  N N   . SER A 1 59  ? 15.244  0.011   -4.576  1.00 16.96 ? 59  SER A N   1 
ATOM   436  C CA  . SER A 1 59  ? 15.247  -0.737  -5.806  1.00 17.13 ? 59  SER A CA  1 
ATOM   437  C C   . SER A 1 59  ? 14.278  -1.905  -5.864  1.00 15.49 ? 59  SER A C   1 
ATOM   438  O O   . SER A 1 59  ? 14.480  -2.867  -6.576  1.00 17.87 ? 59  SER A O   1 
ATOM   439  C CB  . SER A 1 59  ? 16.682  -1.141  -6.237  1.00 20.70 ? 59  SER A CB  1 
ATOM   440  O OG  . SER A 1 59  ? 17.374  0.079   -6.495  1.00 21.98 ? 59  SER A OG  1 
ATOM   441  N N   . PHE A 1 60  ? 13.231  -1.852  -5.025  1.00 18.01 ? 60  PHE A N   1 
ATOM   442  C CA  . PHE A 1 60  ? 12.239  -2.904  -5.029  1.00 16.42 ? 60  PHE A CA  1 
ATOM   443  C C   . PHE A 1 60  ? 10.843  -2.349  -4.749  1.00 15.51 ? 60  PHE A C   1 
ATOM   444  O O   . PHE A 1 60  ? 10.036  -2.155  -5.701  1.00 15.98 ? 60  PHE A O   1 
ATOM   445  C CB  . PHE A 1 60  ? 12.622  -4.037  -4.024  1.00 16.81 ? 60  PHE A CB  1 
ATOM   446  C CG  . PHE A 1 60  ? 11.651  -5.198  -3.943  1.00 15.88 ? 60  PHE A CG  1 
ATOM   447  C CD1 . PHE A 1 60  ? 10.664  -5.463  -4.915  1.00 15.14 ? 60  PHE A CD1 1 
ATOM   448  C CD2 . PHE A 1 60  ? 11.738  -6.072  -2.819  1.00 15.70 ? 60  PHE A CD2 1 
ATOM   449  C CE1 . PHE A 1 60  ? 9.810   -6.542  -4.756  1.00 15.50 ? 60  PHE A CE1 1 
ATOM   450  C CE2 . PHE A 1 60  ? 10.871  -7.142  -2.668  1.00 15.75 ? 60  PHE A CE2 1 
ATOM   451  C CZ  . PHE A 1 60  ? 9.962   -7.423  -3.657  1.00 15.68 ? 60  PHE A CZ  1 
ATOM   452  N N   . MET A 1 61  ? 10.561  -2.063  -3.473  1.00 14.01 ? 61  MET A N   1 
ATOM   453  C CA  . MET A 1 61  ? 9.195   -1.643  -3.107  1.00 14.11 ? 61  MET A CA  1 
ATOM   454  C C   . MET A 1 61  ? 9.148   -1.033  -1.710  1.00 15.72 ? 61  MET A C   1 
ATOM   455  O O   . MET A 1 61  ? 10.075  -1.182  -0.908  1.00 15.65 ? 61  MET A O   1 
ATOM   456  C CB  . MET A 1 61  ? 8.137   -2.758  -3.279  1.00 14.49 ? 61  MET A CB  1 
ATOM   457  C CG  . MET A 1 61  ? 8.447   -4.008  -2.417  1.00 14.41 ? 61  MET A CG  1 
ATOM   458  S SD  . MET A 1 61  ? 7.847   -3.752  -0.735  1.00 15.04 ? 61  MET A SD  1 
ATOM   459  C CE  . MET A 1 61  ? 9.234   -4.414  0.290   1.00 14.39 ? 61  MET A CE  1 
ATOM   460  N N   . CYS A 1 62  ? 8.077   -0.308  -1.451  1.00 13.26 ? 62  CYS A N   1 
ATOM   461  C CA  . CYS A 1 62  ? 7.789   0.226   -0.165  1.00 14.06 ? 62  CYS A CA  1 
ATOM   462  C C   . CYS A 1 62  ? 6.550   -0.405  0.367   1.00 13.52 ? 62  CYS A C   1 
ATOM   463  O O   . CYS A 1 62  ? 5.522   -0.269  -0.275  1.00 12.31 ? 62  CYS A O   1 
ATOM   464  C CB  . CYS A 1 62  ? 7.523   1.733   -0.268  1.00 14.52 ? 62  CYS A CB  1 
ATOM   465  S SG  . CYS A 1 62  ? 8.887   2.736   -1.004  1.00 15.66 ? 62  CYS A SG  1 
ATOM   466  N N   . GLN A 1 63  ? 6.609   -0.993  1.572   1.00 14.91 ? 63  GLN A N   1 
ATOM   467  C CA  . GLN A 1 63  ? 5.469   -1.807  2.105   1.00 13.99 ? 63  GLN A CA  1 
ATOM   468  C C   . GLN A 1 63  ? 4.892   -1.160  3.386   1.00 13.38 ? 63  GLN A C   1 
ATOM   469  O O   . GLN A 1 63  ? 5.616   -0.726  4.279   1.00 12.55 ? 63  GLN A O   1 
ATOM   470  C CB  . GLN A 1 63  ? 5.895   -3.251  2.362   1.00 14.30 ? 63  GLN A CB  1 
ATOM   471  C CG  . GLN A 1 63  ? 4.778   -4.193  2.857   1.00 15.45 ? 63  GLN A CG  1 
ATOM   472  C CD  . GLN A 1 63  ? 5.219   -5.625  2.889   1.00 16.63 ? 63  GLN A CD  1 
ATOM   473  O OE1 . GLN A 1 63  ? 6.125   -6.009  2.153   1.00 19.46 ? 63  GLN A OE1 1 
ATOM   474  N NE2 . GLN A 1 63  ? 4.522   -6.451  3.663   1.00 16.37 ? 63  GLN A NE2 1 
ATOM   475  N N   . ALA A 1 64  ? 3.562   -1.153  3.481   1.00 11.26 ? 64  ALA A N   1 
ATOM   476  C CA  . ALA A 1 64  ? 2.853   -0.604  4.593   1.00 11.40 ? 64  ALA A CA  1 
ATOM   477  C C   . ALA A 1 64  ? 1.580   -1.422  4.846   1.00 12.14 ? 64  ALA A C   1 
ATOM   478  O O   . ALA A 1 64  ? 1.379   -2.500  4.292   1.00 11.31 ? 64  ALA A O   1 
ATOM   479  C CB  . ALA A 1 64  ? 2.514   0.843   4.275   1.00 11.85 ? 64  ALA A CB  1 
ATOM   480  N N   . GLY A 1 65  ? 0.762   -0.916  5.751   1.00 13.28 ? 65  GLY A N   1 
ATOM   481  C CA  . GLY A 1 65  ? -0.589  -1.424  5.900   1.00 14.45 ? 65  GLY A CA  1 
ATOM   482  C C   . GLY A 1 65  ? -0.775  -2.279  7.147   1.00 16.06 ? 65  GLY A C   1 
ATOM   483  O O   . GLY A 1 65  ? -1.847  -2.773  7.392   1.00 14.16 ? 65  GLY A O   1 
ATOM   484  N N   . ASP A 1 66  ? 0.300   -2.550  7.879   1.00 14.72 ? 66  ASP A N   1 
ATOM   485  C CA  . ASP A 1 66  ? 0.123   -3.366  9.138   1.00 16.79 ? 66  ASP A CA  1 
ATOM   486  C C   . ASP A 1 66  ? -0.189  -2.416  10.268  1.00 17.79 ? 66  ASP A C   1 
ATOM   487  O O   . ASP A 1 66  ? 0.670   -1.964  11.049  1.00 16.59 ? 66  ASP A O   1 
ATOM   488  C CB  . ASP A 1 66  ? 1.367   -4.190  9.466   1.00 16.03 ? 66  ASP A CB  1 
ATOM   489  C CG  . ASP A 1 66  ? 1.191   -4.979  10.749  1.00 17.41 ? 66  ASP A CG  1 
ATOM   490  O OD1 . ASP A 1 66  ? 0.132   -4.814  11.400  1.00 19.17 ? 66  ASP A OD1 1 
ATOM   491  O OD2 . ASP A 1 66  ? 2.129   -5.711  11.144  1.00 18.07 ? 66  ASP A OD2 1 
ATOM   492  N N   . PHE A 1 67  ? -1.477  -2.076  10.382  1.00 20.06 ? 67  PHE A N   1 
ATOM   493  C CA  . PHE A 1 67  ? -1.856  -1.000  11.283  1.00 17.71 ? 67  PHE A CA  1 
ATOM   494  C C   . PHE A 1 67  ? -2.150  -1.580  12.684  1.00 20.08 ? 67  PHE A C   1 
ATOM   495  O O   . PHE A 1 67  ? -2.514  -0.785  13.582  1.00 19.42 ? 67  PHE A O   1 
ATOM   496  C CB  . PHE A 1 67  ? -3.029  -0.124  10.741  1.00 17.39 ? 67  PHE A CB  1 
ATOM   497  C CG  . PHE A 1 67  ? -4.245  -0.896  10.396  1.00 16.39 ? 67  PHE A CG  1 
ATOM   498  C CD1 . PHE A 1 67  ? -5.151  -1.288  11.376  1.00 16.86 ? 67  PHE A CD1 1 
ATOM   499  C CD2 . PHE A 1 67  ? -4.496  -1.250  9.098   1.00 16.33 ? 67  PHE A CD2 1 
ATOM   500  C CE1 . PHE A 1 67  ? -6.307  -1.961  11.022  1.00 15.98 ? 67  PHE A CE1 1 
ATOM   501  C CE2 . PHE A 1 67  ? -5.662  -1.979  8.764   1.00 17.03 ? 67  PHE A CE2 1 
ATOM   502  C CZ  . PHE A 1 67  ? -6.539  -2.348  9.732   1.00 15.72 ? 67  PHE A CZ  1 
ATOM   503  N N   . THR A 1 68  ? -2.061  -2.912  12.875  1.00 21.53 ? 68  THR A N   1 
ATOM   504  C CA  . THR A 1 68  ? -2.257  -3.499  14.228  1.00 22.90 ? 68  THR A CA  1 
ATOM   505  C C   . THR A 1 68  ? -0.944  -3.766  14.975  1.00 26.85 ? 68  THR A C   1 
ATOM   506  O O   . THR A 1 68  ? -0.761  -3.345  16.139  1.00 25.86 ? 68  THR A O   1 
ATOM   507  C CB  . THR A 1 68  ? -3.103  -4.759  14.166  1.00 22.33 ? 68  THR A CB  1 
ATOM   508  O OG1 . THR A 1 68  ? -2.502  -5.743  13.337  1.00 24.29 ? 68  THR A OG1 1 
ATOM   509  C CG2 . THR A 1 68  ? -4.483  -4.443  13.514  1.00 24.35 ? 68  THR A CG2 1 
ATOM   510  N N   . ASN A 1 69  ? 0.006   -4.364  14.266  1.00 24.41 ? 69  ASN A N   1 
ATOM   511  C CA  . ASN A 1 69  ? 1.288   -4.794  14.847  1.00 22.99 ? 69  ASN A CA  1 
ATOM   512  C C   . ASN A 1 69  ? 2.477   -4.016  14.320  1.00 22.09 ? 69  ASN A C   1 
ATOM   513  O O   . ASN A 1 69  ? 3.538   -4.081  14.911  1.00 22.67 ? 69  ASN A O   1 
ATOM   514  C CB  . ASN A 1 69  ? 1.478   -6.285  14.628  1.00 24.19 ? 69  ASN A CB  1 
ATOM   515  C CG  . ASN A 1 69  ? 0.491   -7.159  15.382  1.00 25.60 ? 69  ASN A CG  1 
ATOM   516  O OD1 . ASN A 1 69  ? -0.189  -6.726  16.294  1.00 37.25 ? 69  ASN A OD1 1 
ATOM   517  N ND2 . ASN A 1 69  ? 0.402   -8.372  14.985  1.00 28.85 ? 69  ASN A ND2 1 
ATOM   518  N N   . HIS A 1 70  ? 2.334   -3.221  13.242  1.00 19.45 ? 70  HIS A N   1 
ATOM   519  C CA  . HIS A 1 70  ? 3.353   -2.327  12.773  1.00 20.14 ? 70  HIS A CA  1 
ATOM   520  C C   . HIS A 1 70  ? 4.691   -3.005  12.439  1.00 18.78 ? 70  HIS A C   1 
ATOM   521  O O   . HIS A 1 70  ? 5.701   -2.350  12.466  1.00 19.97 ? 70  HIS A O   1 
ATOM   522  C CB  . HIS A 1 70  ? 3.589   -1.227  13.749  1.00 23.19 ? 70  HIS A CB  1 
ATOM   523  C CG  . HIS A 1 70  ? 2.335   -0.558  14.200  1.00 24.45 ? 70  HIS A CG  1 
ATOM   524  N ND1 . HIS A 1 70  ? 1.665   0.351   13.388  1.00 25.37 ? 70  HIS A ND1 1 
ATOM   525  C CD2 . HIS A 1 70  ? 1.640   -0.614  15.371  1.00 27.57 ? 70  HIS A CD2 1 
ATOM   526  C CE1 . HIS A 1 70  ? 0.605   0.813   14.038  1.00 27.18 ? 70  HIS A CE1 1 
ATOM   527  N NE2 . HIS A 1 70  ? 0.560   0.243   15.236  1.00 27.29 ? 70  HIS A NE2 1 
ATOM   528  N N   . ASN A 1 71  ? 4.630   -4.255  12.036  1.00 17.10 ? 71  ASN A N   1 
ATOM   529  C CA  . ASN A 1 71  ? 5.840   -5.010  11.731  1.00 17.85 ? 71  ASN A CA  1 
ATOM   530  C C   . ASN A 1 71  ? 5.700   -6.115  10.682  1.00 18.76 ? 71  ASN A C   1 
ATOM   531  O O   . ASN A 1 71  ? 6.655   -6.899  10.507  1.00 16.85 ? 71  ASN A O   1 
ATOM   532  C CB  . ASN A 1 71  ? 6.375   -5.573  13.056  1.00 19.47 ? 71  ASN A CB  1 
ATOM   533  C CG  . ASN A 1 71  ? 5.473   -6.637  13.658  1.00 18.70 ? 71  ASN A CG  1 
ATOM   534  O OD1 . ASN A 1 71  ? 4.525   -7.181  13.060  1.00 19.62 ? 71  ASN A OD1 1 
ATOM   535  N ND2 . ASN A 1 71  ? 5.811   -7.030  14.879  1.00 20.87 ? 71  ASN A ND2 1 
ATOM   536  N N   . GLY A 1 72  ? 4.577   -6.211  9.930   1.00 15.75 ? 72  GLY A N   1 
ATOM   537  C CA  . GLY A 1 72  ? 4.409   -7.256  8.949   1.00 15.62 ? 72  GLY A CA  1 
ATOM   538  C C   . GLY A 1 72  ? 3.660   -8.505  9.370   1.00 17.77 ? 72  GLY A C   1 
ATOM   539  O O   . GLY A 1 72  ? 3.349   -9.377  8.538   1.00 20.20 ? 72  GLY A O   1 
ATOM   540  N N   . THR A 1 73  ? 3.409   -8.638  10.669  1.00 18.96 ? 73  THR A N   1 
ATOM   541  C CA  . THR A 1 73  ? 2.675   -9.785  11.143  1.00 18.71 ? 73  THR A CA  1 
ATOM   542  C C   . THR A 1 73  ? 1.175   -9.570  11.208  1.00 22.78 ? 73  THR A C   1 
ATOM   543  O O   . THR A 1 73  ? 0.458   -10.560 11.382  1.00 23.50 ? 73  THR A O   1 
ATOM   544  C CB  . THR A 1 73  ? 3.133   -10.201 12.559  1.00 19.39 ? 73  THR A CB  1 
ATOM   545  O OG1 . THR A 1 73  ? 2.894   -9.157  13.492  1.00 18.06 ? 73  THR A OG1 1 
ATOM   546  C CG2 . THR A 1 73  ? 4.636   -10.487 12.574  1.00 19.84 ? 73  THR A CG2 1 
ATOM   547  N N   . GLY A 1 74  ? 0.723   -8.305  11.173  1.00 20.10 ? 74  GLY A N   1 
ATOM   548  C CA  . GLY A 1 74  ? -0.689  -7.936  11.440  1.00 20.96 ? 74  GLY A CA  1 
ATOM   549  C C   . GLY A 1 74  ? -1.441  -7.339  10.266  1.00 19.47 ? 74  GLY A C   1 
ATOM   550  O O   . GLY A 1 74  ? -1.130  -7.647  9.096   1.00 20.34 ? 74  GLY A O   1 
ATOM   551  N N   . GLY A 1 75  ? -2.380  -6.462  10.602  1.00 21.68 ? 75  GLY A N   1 
ATOM   552  C CA  . GLY A 1 75  ? -3.414  -5.983  9.630   1.00 21.30 ? 75  GLY A CA  1 
ATOM   553  C C   . GLY A 1 75  ? -4.672  -6.826  9.538   1.00 21.65 ? 75  GLY A C   1 
ATOM   554  O O   . GLY A 1 75  ? -4.735  -8.020  9.981   1.00 19.23 ? 75  GLY A O   1 
ATOM   555  N N   . LYS A 1 76  ? -5.694  -6.223  8.939   1.00 18.88 ? 76  LYS A N   1 
ATOM   556  C CA  . LYS A 1 76  ? -6.946  -6.926  8.718   1.00 18.48 ? 76  LYS A CA  1 
ATOM   557  C C   . LYS A 1 76  ? -7.704  -6.163  7.679   1.00 16.59 ? 76  LYS A C   1 
ATOM   558  O O   . LYS A 1 76  ? -7.441  -4.983  7.467   1.00 14.56 ? 76  LYS A O   1 
ATOM   559  C CB  . LYS A 1 76  ? -7.779  -7.053  9.966   1.00 20.14 ? 76  LYS A CB  1 
ATOM   560  C CG  . LYS A 1 76  ? -8.156  -5.778  10.618  1.00 21.25 ? 76  LYS A CG  1 
ATOM   561  C CD  . LYS A 1 76  ? -9.035  -5.910  11.842  1.00 24.16 ? 76  LYS A CD  1 
ATOM   562  C CE  . LYS A 1 76  ? -9.230  -4.562  12.489  1.00 26.38 ? 76  LYS A CE  1 
ATOM   563  N NZ  . LYS A 1 76  ? -10.080 -4.755  13.724  1.00 24.92 ? 76  LYS A NZ  1 
ATOM   564  N N   . SER A 1 77  ? -8.624  -6.839  7.031   1.00 14.76 ? 77  SER A N   1 
ATOM   565  C CA  . SER A 1 77  ? -9.428  -6.146  6.023   1.00 14.34 ? 77  SER A CA  1 
ATOM   566  C C   . SER A 1 77  ? -10.743 -5.646  6.608   1.00 15.14 ? 77  SER A C   1 
ATOM   567  O O   . SER A 1 77  ? -11.164 -5.931  7.741   1.00 14.00 ? 77  SER A O   1 
ATOM   568  C CB  . SER A 1 77  ? -9.686  -7.028  4.837   1.00 14.33 ? 77  SER A CB  1 
ATOM   569  O OG  . SER A 1 77  ? -10.710 -7.958  5.101   1.00 17.33 ? 77  SER A OG  1 
ATOM   570  N N   . ILE A 1 78  ? -11.455 -4.906  5.773   1.00 14.00 ? 78  ILE A N   1 
ATOM   571  C CA  . ILE A 1 78  ? -12.759 -4.426  6.161   1.00 13.98 ? 78  ILE A CA  1 
ATOM   572  C C   . ILE A 1 78  ? -13.751 -5.611  6.209   1.00 14.99 ? 78  ILE A C   1 
ATOM   573  O O   . ILE A 1 78  ? -14.873 -5.411  6.728   1.00 15.93 ? 78  ILE A O   1 
ATOM   574  C CB  . ILE A 1 78  ? -13.272 -3.360  5.144   1.00 14.04 ? 78  ILE A CB  1 
ATOM   575  C CG1 . ILE A 1 78  ? -13.575 -3.888  3.738   1.00 14.91 ? 78  ILE A CG1 1 
ATOM   576  C CG2 . ILE A 1 78  ? -12.268 -2.226  5.126   1.00 15.36 ? 78  ILE A CG2 1 
ATOM   577  C CD1 . ILE A 1 78  ? -14.264 -2.769  2.889   1.00 14.73 ? 78  ILE A CD1 1 
ATOM   578  N N   . TYR A 1 79  ? -13.393 -6.735  5.622   1.00 12.72 ? 79  TYR A N   1 
ATOM   579  C CA  . TYR A 1 79  ? -14.271 -7.935  5.461   1.00 13.31 ? 79  TYR A CA  1 
ATOM   580  C C   . TYR A 1 79  ? -14.127 -8.911  6.656   1.00 15.64 ? 79  TYR A C   1 
ATOM   581  O O   . TYR A 1 79  ? -15.045 -9.717  6.947   1.00 15.61 ? 79  TYR A O   1 
ATOM   582  C CB  . TYR A 1 79  ? -14.040 -8.682  4.186   1.00 13.02 ? 79  TYR A CB  1 
ATOM   583  C CG  . TYR A 1 79  ? -14.094 -7.764  2.955   1.00 12.53 ? 79  TYR A CG  1 
ATOM   584  C CD1 . TYR A 1 79  ? -15.287 -7.104  2.614   1.00 12.70 ? 79  TYR A CD1 1 
ATOM   585  C CD2 . TYR A 1 79  ? -12.977 -7.559  2.167   1.00 13.49 ? 79  TYR A CD2 1 
ATOM   586  C CE1 . TYR A 1 79  ? -15.309 -6.262  1.556   1.00 12.80 ? 79  TYR A CE1 1 
ATOM   587  C CE2 . TYR A 1 79  ? -13.004 -6.684  1.034   1.00 14.53 ? 79  TYR A CE2 1 
ATOM   588  C CZ  . TYR A 1 79  ? -14.163 -6.044  0.763   1.00 14.40 ? 79  TYR A CZ  1 
ATOM   589  O OH  . TYR A 1 79  ? -14.306 -5.205  -0.367  1.00 14.16 ? 79  TYR A OH  1 
ATOM   590  N N   . GLY A 1 80  ? -12.979 -8.831  7.307   1.00 14.35 ? 80  GLY A N   1 
ATOM   591  C CA  . GLY A 1 80  ? -12.537 -9.872  8.267   1.00 14.53 ? 80  GLY A CA  1 
ATOM   592  C C   . GLY A 1 80  ? -11.034 -9.925  8.175   1.00 15.77 ? 80  GLY A C   1 
ATOM   593  O O   . GLY A 1 80  ? -10.373 -8.984  7.694   1.00 14.59 ? 80  GLY A O   1 
ATOM   594  N N   . SER A 1 81  ? -10.453 -10.997 8.691   1.00 15.95 ? 81  SER A N   1 
ATOM   595  C CA  . SER A 1 81  ? -9.002  -10.988 8.923   1.00 17.68 ? 81  SER A CA  1 
ATOM   596  C C   . SER A 1 81  ? -8.269  -11.182 7.631   1.00 20.02 ? 81  SER A C   1 
ATOM   597  O O   . SER A 1 81  ? -7.138  -10.699 7.469   1.00 20.17 ? 81  SER A O   1 
ATOM   598  C CB  . SER A 1 81  ? -8.605  -12.057 9.964   1.00 18.87 ? 81  SER A CB  1 
ATOM   599  O OG  . SER A 1 81  ? -8.741  -13.368 9.481   1.00 21.07 ? 81  SER A OG  1 
ATOM   600  N N   . ARG A 1 82  ? -8.881  -11.896 6.723   1.00 16.97 ? 82  ARG A N   1 
ATOM   601  C CA  . ARG A 1 82  ? -8.317  -12.149 5.407   1.00 18.19 ? 82  ARG A CA  1 
ATOM   602  C C   . ARG A 1 82  ? -9.393  -12.319 4.343   1.00 20.17 ? 82  ARG A C   1 
ATOM   603  O O   . ARG A 1 82  ? -10.531 -12.702 4.655   1.00 16.37 ? 82  ARG A O   1 
ATOM   604  C CB  . ARG A 1 82  ? -7.440  -13.408 5.465   1.00 21.52 ? 82  ARG A CB  1 
ATOM   605  C CG  . ARG A 1 82  ? -8.194  -14.569 6.100   1.00 27.66 ? 82  ARG A CG  1 
ATOM   606  C CD  . ARG A 1 82  ? -7.484  -15.911 6.130   1.00 34.09 ? 82  ARG A CD  1 
ATOM   607  N NE  . ARG A 1 82  ? -6.157  -15.912 6.775   1.00 31.25 ? 82  ARG A NE  1 
ATOM   608  C CZ  . ARG A 1 82  ? -5.326  -16.952 6.717   1.00 28.06 ? 82  ARG A CZ  1 
ATOM   609  N NH1 . ARG A 1 82  ? -4.159  -16.842 7.282   1.00 27.49 ? 82  ARG A NH1 1 
ATOM   610  N NH2 . ARG A 1 82  ? -5.643  -18.073 6.069   1.00 32.08 ? 82  ARG A NH2 1 
ATOM   611  N N   . PHE A 1 83  ? -9.017  -12.095 3.081   1.00 14.85 ? 83  PHE A N   1 
ATOM   612  C CA  . PHE A 1 83  ? -9.926  -12.305 1.978   1.00 15.24 ? 83  PHE A CA  1 
ATOM   613  C C   . PHE A 1 83  ? -9.268  -12.854 0.737   1.00 15.00 ? 83  PHE A C   1 
ATOM   614  O O   . PHE A 1 83  ? -8.024  -12.727 0.578   1.00 15.59 ? 83  PHE A O   1 
ATOM   615  C CB  . PHE A 1 83  ? -10.774 -11.024 1.742   1.00 16.24 ? 83  PHE A CB  1 
ATOM   616  C CG  . PHE A 1 83  ? -10.012 -9.838  1.145   1.00 14.22 ? 83  PHE A CG  1 
ATOM   617  C CD1 . PHE A 1 83  ? -9.279  -8.935  1.942   1.00 13.25 ? 83  PHE A CD1 1 
ATOM   618  C CD2 . PHE A 1 83  ? -10.122 -9.540  -0.189  1.00 15.68 ? 83  PHE A CD2 1 
ATOM   619  C CE1 . PHE A 1 83  ? -8.600  -7.824  1.398   1.00 12.39 ? 83  PHE A CE1 1 
ATOM   620  C CE2 . PHE A 1 83  ? -9.384  -8.458  -0.742  1.00 14.05 ? 83  PHE A CE2 1 
ATOM   621  C CZ  . PHE A 1 83  ? -8.679  -7.594  0.044   1.00 12.42 ? 83  PHE A CZ  1 
ATOM   622  N N   . PRO A 1 84  ? -10.036 -13.493 -0.142  1.00 13.84 ? 84  PRO A N   1 
ATOM   623  C CA  . PRO A 1 84  ? -9.422  -14.174 -1.232  1.00 14.90 ? 84  PRO A CA  1 
ATOM   624  C C   . PRO A 1 84  ? -8.726  -13.242 -2.235  1.00 15.77 ? 84  PRO A C   1 
ATOM   625  O O   . PRO A 1 84  ? -9.054  -12.012 -2.280  1.00 16.96 ? 84  PRO A O   1 
ATOM   626  C CB  . PRO A 1 84  ? -10.603 -14.834 -1.981  1.00 16.19 ? 84  PRO A CB  1 
ATOM   627  C CG  . PRO A 1 84  ? -11.683 -14.885 -0.985  1.00 15.87 ? 84  PRO A CG  1 
ATOM   628  C CD  . PRO A 1 84  ? -11.505 -13.746 -0.122  1.00 15.56 ? 84  PRO A CD  1 
ATOM   629  N N   . ASP A 1 85  ? -7.842  -13.873 -2.994  1.00 16.64 ? 85  ASP A N   1 
ATOM   630  C CA  . ASP A 1 85  ? -7.220  -13.251 -4.199  1.00 16.02 ? 85  ASP A CA  1 
ATOM   631  C C   . ASP A 1 85  ? -8.326  -13.039 -5.241  1.00 16.85 ? 85  ASP A C   1 
ATOM   632  O O   . ASP A 1 85  ? -8.909  -13.994 -5.713  1.00 13.86 ? 85  ASP A O   1 
ATOM   633  C CB  . ASP A 1 85  ? -6.119  -14.103 -4.776  1.00 15.09 ? 85  ASP A CB  1 
ATOM   634  C CG  . ASP A 1 85  ? -4.948  -14.253 -3.838  1.00 15.56 ? 85  ASP A CG  1 
ATOM   635  O OD1 . ASP A 1 85  ? -4.529  -13.259 -3.233  1.00 15.05 ? 85  ASP A OD1 1 
ATOM   636  O OD2 . ASP A 1 85  ? -4.433  -15.391 -3.814  1.00 15.72 ? 85  ASP A OD2 1 
ATOM   637  N N   . GLU A 1 86  ? -8.630  -11.786 -5.533  1.00 15.73 ? 86  GLU A N   1 
ATOM   638  C CA  . GLU A 1 86  ? -9.751  -11.420 -6.399  1.00 15.12 ? 86  GLU A CA  1 
ATOM   639  C C   . GLU A 1 86  ? -9.538  -11.867 -7.845  1.00 16.29 ? 86  GLU A C   1 
ATOM   640  O O   . GLU A 1 86  ? -10.388 -12.613 -8.407  1.00 18.27 ? 86  GLU A O   1 
ATOM   641  C CB  . GLU A 1 86  ? -10.008 -9.918  -6.281  1.00 15.85 ? 86  GLU A CB  1 
ATOM   642  C CG  . GLU A 1 86  ? -11.342 -9.496  -6.925  1.00 16.11 ? 86  GLU A CG  1 
ATOM   643  C CD  . GLU A 1 86  ? -11.774 -8.128  -6.543  1.00 17.57 ? 86  GLU A CD  1 
ATOM   644  O OE1 . GLU A 1 86  ? -10.931 -7.374  -6.007  1.00 16.26 ? 86  GLU A OE1 1 
ATOM   645  O OE2 . GLU A 1 86  ? -13.000 -7.789  -6.750  1.00 16.02 ? 86  GLU A OE2 1 
ATOM   646  N N   . ASN A 1 87  ? -8.435  -11.454 -8.470  1.00 14.80 ? 87  ASN A N   1 
ATOM   647  C CA  . ASN A 1 87  ? -7.990  -11.923 -9.754  1.00 15.95 ? 87  ASN A CA  1 
ATOM   648  C C   . ASN A 1 87  ? -6.563  -11.463 -9.941  1.00 15.22 ? 87  ASN A C   1 
ATOM   649  O O   . ASN A 1 87  ? -6.098  -10.668 -9.111  1.00 17.33 ? 87  ASN A O   1 
ATOM   650  C CB  . ASN A 1 87  ? -8.898  -11.433 -10.903 1.00 15.35 ? 87  ASN A CB  1 
ATOM   651  C CG  . ASN A 1 87  ? -8.948  -9.923  -11.013 1.00 16.15 ? 87  ASN A CG  1 
ATOM   652  O OD1 . ASN A 1 87  ? -7.928  -9.240  -11.167 1.00 15.42 ? 87  ASN A OD1 1 
ATOM   653  N ND2 . ASN A 1 87  ? -10.128 -9.402  -10.921 1.00 14.78 ? 87  ASN A ND2 1 
ATOM   654  N N   . PHE A 1 88  ? -5.870  -11.946 -10.959 1.00 15.77 ? 88  PHE A N   1 
ATOM   655  C CA  . PHE A 1 88  ? -4.489  -11.462 -11.229 1.00 16.16 ? 88  PHE A CA  1 
ATOM   656  C C   . PHE A 1 88  ? -4.409  -10.782 -12.591 1.00 15.87 ? 88  PHE A C   1 
ATOM   657  O O   . PHE A 1 88  ? -3.470  -10.991 -13.380 1.00 17.95 ? 88  PHE A O   1 
ATOM   658  C CB  . PHE A 1 88  ? -3.472  -12.576 -11.140 1.00 15.72 ? 88  PHE A CB  1 
ATOM   659  C CG  . PHE A 1 88  ? -3.443  -13.243 -9.786  1.00 16.18 ? 88  PHE A CG  1 
ATOM   660  C CD1 . PHE A 1 88  ? -2.824  -12.594 -8.728  1.00 17.41 ? 88  PHE A CD1 1 
ATOM   661  C CD2 . PHE A 1 88  ? -4.001  -14.507 -9.590  1.00 17.58 ? 88  PHE A CD2 1 
ATOM   662  C CE1 . PHE A 1 88  ? -2.812  -13.171 -7.447  1.00 15.18 ? 88  PHE A CE1 1 
ATOM   663  C CE2 . PHE A 1 88  ? -3.985  -15.107 -8.325  1.00 16.92 ? 88  PHE A CE2 1 
ATOM   664  C CZ  . PHE A 1 88  ? -3.423  -14.409 -7.242  1.00 15.20 ? 88  PHE A CZ  1 
ATOM   665  N N   . THR A 1 89  ? -5.474  -10.076 -12.921 1.00 16.08 ? 89  THR A N   1 
ATOM   666  C CA  . THR A 1 89  ? -5.624  -9.480  -14.271 1.00 17.21 ? 89  THR A CA  1 
ATOM   667  C C   . THR A 1 89  ? -4.565  -8.400  -14.516 1.00 18.11 ? 89  THR A C   1 
ATOM   668  O O   . THR A 1 89  ? -3.934  -8.346  -15.585 1.00 16.86 ? 89  THR A O   1 
ATOM   669  C CB  . THR A 1 89  ? -7.061  -8.881  -14.391 1.00 17.35 ? 89  THR A CB  1 
ATOM   670  O OG1 . THR A 1 89  ? -7.995  -9.956  -14.308 1.00 17.32 ? 89  THR A OG1 1 
ATOM   671  C CG2 . THR A 1 89  ? -7.293  -8.214  -15.768 1.00 18.53 ? 89  THR A CG2 1 
ATOM   672  N N   . LEU A 1 90  ? -4.406  -7.539  -13.517 1.00 15.25 ? 90  LEU A N   1 
ATOM   673  C CA  . LEU A 1 90  ? -3.442  -6.458  -13.543 1.00 15.66 ? 90  LEU A CA  1 
ATOM   674  C C   . LEU A 1 90  ? -2.069  -6.944  -13.148 1.00 18.85 ? 90  LEU A C   1 
ATOM   675  O O   . LEU A 1 90  ? -1.920  -7.851  -12.300 1.00 18.69 ? 90  LEU A O   1 
ATOM   676  C CB  . LEU A 1 90  ? -3.857  -5.326  -12.657 1.00 16.70 ? 90  LEU A CB  1 
ATOM   677  C CG  . LEU A 1 90  ? -5.087  -4.512  -13.142 1.00 17.69 ? 90  LEU A CG  1 
ATOM   678  C CD1 . LEU A 1 90  ? -5.568  -3.672  -12.013 1.00 16.89 ? 90  LEU A CD1 1 
ATOM   679  C CD2 . LEU A 1 90  ? -4.742  -3.656  -14.392 1.00 19.47 ? 90  LEU A CD2 1 
ATOM   680  N N   . LYS A 1 91  ? -1.050  -6.426  -13.820 1.00 19.14 ? 91  LYS A N   1 
ATOM   681  C CA  . LYS A 1 91  ? 0.320   -6.983  -13.701 1.00 16.62 ? 91  LYS A CA  1 
ATOM   682  C C   . LYS A 1 91  ? 1.269   -5.969  -13.114 1.00 16.30 ? 91  LYS A C   1 
ATOM   683  O O   . LYS A 1 91  ? 0.997   -4.771  -13.097 1.00 15.46 ? 91  LYS A O   1 
ATOM   684  C CB  . LYS A 1 91  ? 0.854   -7.461  -15.075 1.00 18.22 ? 91  LYS A CB  1 
ATOM   685  C CG  . LYS A 1 91  ? -0.002  -8.497  -15.827 1.00 18.54 ? 91  LYS A CG  1 
ATOM   686  C CD  . LYS A 1 91  ? -0.443  -9.685  -15.042 1.00 20.79 ? 91  LYS A CD  1 
ATOM   687  C CE  . LYS A 1 91  ? -1.200  -10.656 -15.944 1.00 22.96 ? 91  LYS A CE  1 
ATOM   688  N NZ  . LYS A 1 91  ? -1.591  -11.857 -15.163 1.00 28.45 ? 91  LYS A NZ  1 
ATOM   689  N N   . HIS A 1 92  ? 2.423   -6.453  -12.630 1.00 16.29 ? 92  HIS A N   1 
ATOM   690  C CA  . HIS A 1 92  ? 3.404   -5.630  -11.974 1.00 13.60 ? 92  HIS A CA  1 
ATOM   691  C C   . HIS A 1 92  ? 4.344   -5.084  -13.082 1.00 18.05 ? 92  HIS A C   1 
ATOM   692  O O   . HIS A 1 92  ? 5.340   -5.681  -13.399 1.00 18.77 ? 92  HIS A O   1 
ATOM   693  C CB  . HIS A 1 92  ? 4.213   -6.490  -10.997 1.00 13.39 ? 92  HIS A CB  1 
ATOM   694  C CG  . HIS A 1 92  ? 3.425   -6.957  -9.834  1.00 13.21 ? 92  HIS A CG  1 
ATOM   695  N ND1 . HIS A 1 92  ? 2.661   -8.110  -9.861  1.00 14.25 ? 92  HIS A ND1 1 
ATOM   696  C CD2 . HIS A 1 92  ? 3.259   -6.417  -8.606  1.00 13.69 ? 92  HIS A CD2 1 
ATOM   697  C CE1 . HIS A 1 92  ? 2.072   -8.250  -8.692  1.00 13.26 ? 92  HIS A CE1 1 
ATOM   698  N NE2 . HIS A 1 92  ? 2.430   -7.244  -7.912  1.00 13.88 ? 92  HIS A NE2 1 
ATOM   699  N N   . VAL A 1 93  ? 3.873   -4.025  -13.727 1.00 17.95 ? 93  VAL A N   1 
ATOM   700  C CA  . VAL A 1 93  ? 4.439   -3.592  -15.036 1.00 18.67 ? 93  VAL A CA  1 
ATOM   701  C C   . VAL A 1 93  ? 5.597   -2.594  -14.888 1.00 19.55 ? 93  VAL A C   1 
ATOM   702  O O   . VAL A 1 93  ? 6.351   -2.374  -15.842 1.00 20.45 ? 93  VAL A O   1 
ATOM   703  C CB  . VAL A 1 93  ? 3.304   -2.994  -15.897 1.00 17.12 ? 93  VAL A CB  1 
ATOM   704  C CG1 . VAL A 1 93  ? 2.340   -4.095  -16.292 1.00 20.04 ? 93  VAL A CG1 1 
ATOM   705  C CG2 . VAL A 1 93  ? 2.651   -1.810  -15.196 1.00 20.48 ? 93  VAL A CG2 1 
ATOM   706  N N   . GLY A 1 94  ? 5.758   -1.971  -13.720 1.00 17.36 ? 94  GLY A N   1 
ATOM   707  C CA  . GLY A 1 94  ? 6.827   -1.041  -13.475 1.00 17.28 ? 94  GLY A CA  1 
ATOM   708  C C   . GLY A 1 94  ? 6.671   -0.317  -12.155 1.00 17.36 ? 94  GLY A C   1 
ATOM   709  O O   . GLY A 1 94  ? 5.795   -0.677  -11.311 1.00 15.93 ? 94  GLY A O   1 
ATOM   710  N N   . PRO A 1 95  ? 7.459   0.733   -11.940 1.00 18.40 ? 95  PRO A N   1 
ATOM   711  C CA  . PRO A 1 95  ? 7.340   1.560   -10.774 1.00 17.82 ? 95  PRO A CA  1 
ATOM   712  C C   . PRO A 1 95  ? 5.967   2.212   -10.667 1.00 18.25 ? 95  PRO A C   1 
ATOM   713  O O   . PRO A 1 95  ? 5.400   2.568   -11.684 1.00 18.41 ? 95  PRO A O   1 
ATOM   714  C CB  . PRO A 1 95  ? 8.414   2.659   -10.966 1.00 21.27 ? 95  PRO A CB  1 
ATOM   715  C CG  . PRO A 1 95  ? 9.265   2.175   -12.052 1.00 21.76 ? 95  PRO A CG  1 
ATOM   716  C CD  . PRO A 1 95  ? 8.539   1.210   -12.871 1.00 21.46 ? 95  PRO A CD  1 
ATOM   717  N N   . GLY A 1 96  ? 5.462   2.299   -9.453  1.00 13.32 ? 96  GLY A N   1 
ATOM   718  C CA  . GLY A 1 96  ? 4.210   2.984   -9.113  1.00 14.16 ? 96  GLY A CA  1 
ATOM   719  C C   . GLY A 1 96  ? 3.029   2.062   -9.006  1.00 13.45 ? 96  GLY A C   1 
ATOM   720  O O   . GLY A 1 96  ? 1.954   2.522   -8.691  1.00 13.98 ? 96  GLY A O   1 
ATOM   721  N N   . VAL A 1 97  ? 3.218   0.800   -9.336  1.00 13.34 ? 97  VAL A N   1 
ATOM   722  C CA  . VAL A 1 97  ? 2.179   -0.250  -9.170  1.00 13.75 ? 97  VAL A CA  1 
ATOM   723  C C   . VAL A 1 97  ? 1.898   -0.372  -7.683  1.00 13.62 ? 97  VAL A C   1 
ATOM   724  O O   . VAL A 1 97  ? 2.815   -0.427  -6.849  1.00 11.99 ? 97  VAL A O   1 
ATOM   725  C CB  . VAL A 1 97  ? 2.640   -1.597  -9.753  1.00 13.87 ? 97  VAL A CB  1 
ATOM   726  C CG1 . VAL A 1 97  ? 1.820   -2.804  -9.192  1.00 13.37 ? 97  VAL A CG1 1 
ATOM   727  C CG2 . VAL A 1 97  ? 2.630   -1.585  -11.275 1.00 15.02 ? 97  VAL A CG2 1 
ATOM   728  N N   . LEU A 1 98  ? 0.598   -0.383  -7.356  1.00 13.42 ? 98  LEU A N   1 
ATOM   729  C CA  . LEU A 1 98  ? 0.053   -0.687  -6.031  1.00 13.43 ? 98  LEU A CA  1 
ATOM   730  C C   . LEU A 1 98  ? -0.527  -2.145  -5.962  1.00 12.18 ? 98  LEU A C   1 
ATOM   731  O O   . LEU A 1 98  ? -1.343  -2.518  -6.786  1.00 13.96 ? 98  LEU A O   1 
ATOM   732  C CB  . LEU A 1 98  ? -1.009  0.324   -5.720  1.00 13.12 ? 98  LEU A CB  1 
ATOM   733  C CG  . LEU A 1 98  ? -1.815  0.197   -4.424  1.00 13.95 ? 98  LEU A CG  1 
ATOM   734  C CD1 . LEU A 1 98  ? -0.969  0.568   -3.231  1.00 14.14 ? 98  LEU A CD1 1 
ATOM   735  C CD2 . LEU A 1 98  ? -3.004  1.165   -4.455  1.00 14.42 ? 98  LEU A CD2 1 
ATOM   736  N N   . SER A 1 99  ? -0.031  -2.973  -5.022  1.00 11.19 ? 99  SER A N   1 
ATOM   737  C CA  . SER A 1 99  ? -0.288  -4.384  -5.018  1.00 10.37 ? 99  SER A CA  1 
ATOM   738  C C   . SER A 1 99  ? -0.432  -4.850  -3.577  1.00 11.09 ? 99  SER A C   1 
ATOM   739  O O   . SER A 1 99  ? 0.032   -4.180  -2.648  1.00 9.97  ? 99  SER A O   1 
ATOM   740  C CB  . SER A 1 99  ? 0.822   -5.170  -5.761  1.00 11.92 ? 99  SER A CB  1 
ATOM   741  O OG  . SER A 1 99  ? 0.551   -6.533  -5.855  1.00 12.09 ? 99  SER A OG  1 
ATOM   742  N N   . MET A 1 100 ? -1.145  -5.961  -3.405  1.00 10.76 ? 100 MET A N   1 
ATOM   743  C CA  . MET A 1 100 ? -1.372  -6.504  -2.048  1.00 10.95 ? 100 MET A CA  1 
ATOM   744  C C   . MET A 1 100 ? -0.219  -7.394  -1.608  1.00 10.35 ? 100 MET A C   1 
ATOM   745  O O   . MET A 1 100 ? 0.152   -8.316  -2.311  1.00 12.21 ? 100 MET A O   1 
ATOM   746  C CB  . MET A 1 100 ? -2.624  -7.350  -2.044  1.00 10.65 ? 100 MET A CB  1 
ATOM   747  C CG  . MET A 1 100 ? -3.904  -6.445  -2.002  1.00 10.81 ? 100 MET A CG  1 
ATOM   748  S SD  . MET A 1 100 ? -4.112  -5.221  -0.812  1.00 12.58 ? 100 MET A SD  1 
ATOM   749  C CE  . MET A 1 100 ? -4.503  -6.300  0.628   1.00 13.32 ? 100 MET A CE  1 
ATOM   750  N N   . ALA A 1 101 ? 0.250   -7.158  -0.387  1.00 11.22 ? 101 ALA A N   1 
ATOM   751  C CA  . ALA A 1 101 ? 1.249   -8.069  0.239   1.00 11.86 ? 101 ALA A CA  1 
ATOM   752  C C   . ALA A 1 101 ? 0.440   -9.276  0.705   1.00 12.94 ? 101 ALA A C   1 
ATOM   753  O O   . ALA A 1 101 ? -0.758  -9.146  0.938   1.00 14.49 ? 101 ALA A O   1 
ATOM   754  C CB  . ALA A 1 101 ? 1.851   -7.390  1.464   1.00 12.84 ? 101 ALA A CB  1 
ATOM   755  N N   . ASN A 1 102 ? 1.073   -10.445 0.843   1.00 12.69 ? 102 ASN A N   1 
ATOM   756  C CA  . ASN A 1 102 ? 0.325   -11.573 1.362   1.00 14.89 ? 102 ASN A CA  1 
ATOM   757  C C   . ASN A 1 102 ? 1.251   -12.574 2.005   1.00 14.95 ? 102 ASN A C   1 
ATOM   758  O O   . ASN A 1 102 ? 2.497   -12.363 2.015   1.00 14.72 ? 102 ASN A O   1 
ATOM   759  C CB  . ASN A 1 102 ? -0.554  -12.198 0.280   1.00 13.03 ? 102 ASN A CB  1 
ATOM   760  C CG  . ASN A 1 102 ? 0.228   -12.836 -0.832  1.00 14.52 ? 102 ASN A CG  1 
ATOM   761  O OD1 . ASN A 1 102 ? 1.129   -13.606 -0.592  1.00 15.51 ? 102 ASN A OD1 1 
ATOM   762  N ND2 . ASN A 1 102 ? -0.165  -12.562 -2.070  1.00 14.27 ? 102 ASN A ND2 1 
ATOM   763  N N   . ALA A 1 103 ? 0.637   -13.614 2.574   1.00 14.96 ? 103 ALA A N   1 
ATOM   764  C CA  . ALA A 1 103 ? 1.399   -14.716 3.262   1.00 13.78 ? 103 ALA A CA  1 
ATOM   765  C C   . ALA A 1 103 ? 1.059   -16.050 2.565   1.00 14.69 ? 103 ALA A C   1 
ATOM   766  O O   . ALA A 1 103 ? 0.855   -17.128 3.184   1.00 14.63 ? 103 ALA A O   1 
ATOM   767  C CB  . ALA A 1 103 ? 1.120   -14.713 4.781   1.00 14.36 ? 103 ALA A CB  1 
ATOM   768  N N   . GLY A 1 104 ? 0.883   -15.990 1.244   1.00 13.36 ? 104 GLY A N   1 
ATOM   769  C CA  . GLY A 1 104 ? 0.369   -17.109 0.515   1.00 14.40 ? 104 GLY A CA  1 
ATOM   770  C C   . GLY A 1 104 ? -0.952  -16.874 -0.187  1.00 14.51 ? 104 GLY A C   1 
ATOM   771  O O   . GLY A 1 104 ? -1.598  -15.808 -0.039  1.00 14.20 ? 104 GLY A O   1 
ATOM   772  N N   . PRO A 1 105 ? -1.433  -17.904 -0.883  1.00 16.25 ? 105 PRO A N   1 
ATOM   773  C CA  . PRO A 1 105 ? -2.772  -17.725 -1.536  1.00 16.25 ? 105 PRO A CA  1 
ATOM   774  C C   . PRO A 1 105 ? -3.886  -17.388 -0.604  1.00 16.00 ? 105 PRO A C   1 
ATOM   775  O O   . PRO A 1 105 ? -3.964  -17.876 0.542   1.00 13.97 ? 105 PRO A O   1 
ATOM   776  C CB  . PRO A 1 105 ? -3.023  -19.067 -2.199  1.00 16.99 ? 105 PRO A CB  1 
ATOM   777  C CG  . PRO A 1 105 ? -1.692  -19.608 -2.498  1.00 17.17 ? 105 PRO A CG  1 
ATOM   778  C CD  . PRO A 1 105 ? -0.806  -19.172 -1.313  1.00 16.81 ? 105 PRO A CD  1 
ATOM   779  N N   . ASN A 1 106 ? -4.735  -16.489 -1.036  1.00 14.48 ? 106 ASN A N   1 
ATOM   780  C CA  . ASN A 1 106 ? -5.919  -16.090 -0.257  1.00 15.13 ? 106 ASN A CA  1 
ATOM   781  C C   . ASN A 1 106 ? -5.681  -15.609 1.164   1.00 14.55 ? 106 ASN A C   1 
ATOM   782  O O   . ASN A 1 106 ? -6.399  -16.014 2.154   1.00 15.67 ? 106 ASN A O   1 
ATOM   783  C CB  . ASN A 1 106 ? -6.992  -17.200 -0.372  1.00 16.44 ? 106 ASN A CB  1 
ATOM   784  C CG  . ASN A 1 106 ? -7.229  -17.569 -1.785  1.00 16.90 ? 106 ASN A CG  1 
ATOM   785  O OD1 . ASN A 1 106 ? -7.722  -16.741 -2.604  1.00 14.60 ? 106 ASN A OD1 1 
ATOM   786  N ND2 . ASN A 1 106 ? -6.951  -18.777 -2.110  1.00 17.53 ? 106 ASN A ND2 1 
ATOM   787  N N   . THR A 1 107 ? -4.705  -14.702 1.292   1.00 13.80 ? 107 THR A N   1 
ATOM   788  C CA  . THR A 1 107 ? -4.327  -14.129 2.619   1.00 14.58 ? 107 THR A CA  1 
ATOM   789  C C   . THR A 1 107 ? -4.229  -12.629 2.583   1.00 13.46 ? 107 THR A C   1 
ATOM   790  O O   . THR A 1 107 ? -3.502  -11.991 3.401   1.00 14.20 ? 107 THR A O   1 
ATOM   791  C CB  . THR A 1 107 ? -2.998  -14.744 3.193   1.00 16.97 ? 107 THR A CB  1 
ATOM   792  O OG1 . THR A 1 107 ? -1.955  -14.500 2.297   1.00 13.67 ? 107 THR A OG1 1 
ATOM   793  C CG2 . THR A 1 107 ? -3.147  -16.258 3.386   1.00 17.26 ? 107 THR A CG2 1 
ATOM   794  N N   . ASN A 1 108 ? -4.999  -12.008 1.684   1.00 12.89 ? 108 ASN A N   1 
ATOM   795  C CA  . ASN A 1 108 ? -5.021  -10.510 1.685   1.00 14.34 ? 108 ASN A CA  1 
ATOM   796  C C   . ASN A 1 108 ? -5.661  -9.991  2.911   1.00 15.22 ? 108 ASN A C   1 
ATOM   797  O O   . ASN A 1 108 ? -6.674  -10.546 3.361   1.00 15.16 ? 108 ASN A O   1 
ATOM   798  C CB  . ASN A 1 108 ? -5.792  -9.982  0.442   1.00 13.62 ? 108 ASN A CB  1 
ATOM   799  C CG  . ASN A 1 108 ? -5.227  -10.526 -0.817  1.00 14.17 ? 108 ASN A CG  1 
ATOM   800  O OD1 . ASN A 1 108 ? -4.175  -10.093 -1.279  1.00 13.62 ? 108 ASN A OD1 1 
ATOM   801  N ND2 . ASN A 1 108 ? -5.918  -11.558 -1.405  1.00 14.32 ? 108 ASN A ND2 1 
ATOM   802  N N   . GLY A 1 109 ? -5.057  -8.963  3.516   1.00 13.57 ? 109 GLY A N   1 
ATOM   803  C CA  . GLY A 1 109 ? -5.586  -8.290  4.648   1.00 13.64 ? 109 GLY A CA  1 
ATOM   804  C C   . GLY A 1 109 ? -5.621  -6.805  4.381   1.00 15.64 ? 109 GLY A C   1 
ATOM   805  O O   . GLY A 1 109 ? -6.590  -6.316  3.777   1.00 15.29 ? 109 GLY A O   1 
ATOM   806  N N   . SER A 1 110 ? -4.620  -6.122  4.904   1.00 13.31 ? 110 SER A N   1 
ATOM   807  C CA  . SER A 1 110 ? -4.479  -4.669  4.751   1.00 12.92 ? 110 SER A CA  1 
ATOM   808  C C   . SER A 1 110 ? -3.101  -4.314  4.257   1.00 13.37 ? 110 SER A C   1 
ATOM   809  O O   . SER A 1 110 ? -2.882  -3.158  3.797   1.00 11.82 ? 110 SER A O   1 
ATOM   810  C CB  . SER A 1 110 ? -4.763  -3.935  6.042   1.00 13.23 ? 110 SER A CB  1 
ATOM   811  O OG  . SER A 1 110 ? -3.980  -4.451  7.100   1.00 13.88 ? 110 SER A OG  1 
ATOM   812  N N   . GLN A 1 111 ? -2.116  -5.236  4.346   1.00 11.64 ? 111 GLN A N   1 
ATOM   813  C CA  . GLN A 1 111 ? -0.797  -4.855  3.909   1.00 12.66 ? 111 GLN A CA  1 
ATOM   814  C C   . GLN A 1 111 ? -0.704  -4.741  2.376   1.00 11.07 ? 111 GLN A C   1 
ATOM   815  O O   . GLN A 1 111 ? -1.240  -5.551  1.610   1.00 11.53 ? 111 GLN A O   1 
ATOM   816  C CB  . GLN A 1 111 ? 0.234   -5.815  4.453   1.00 14.04 ? 111 GLN A CB  1 
ATOM   817  C CG  . GLN A 1 111 ? 0.345   -5.740  5.962   1.00 14.89 ? 111 GLN A CG  1 
ATOM   818  C CD  . GLN A 1 111 ? 1.499   -6.601  6.428   1.00 15.23 ? 111 GLN A CD  1 
ATOM   819  O OE1 . GLN A 1 111 ? 2.603   -6.553  5.869   1.00 14.88 ? 111 GLN A OE1 1 
ATOM   820  N NE2 . GLN A 1 111 ? 1.206   -7.500  7.358   1.00 14.17 ? 111 GLN A NE2 1 
ATOM   821  N N   . PHE A 1 112 ? 0.026   -3.745  1.973   1.00 10.41 ? 112 PHE A N   1 
ATOM   822  C CA  . PHE A 1 112 ? 0.183   -3.414  0.585   1.00 10.56 ? 112 PHE A CA  1 
ATOM   823  C C   . PHE A 1 112 ? 1.566   -2.922  0.308   1.00 10.14 ? 112 PHE A C   1 
ATOM   824  O O   . PHE A 1 112 ? 2.359   -2.561  1.226   1.00 10.68 ? 112 PHE A O   1 
ATOM   825  C CB  . PHE A 1 112 ? -0.840  -2.337  0.179   1.00 11.24 ? 112 PHE A CB  1 
ATOM   826  C CG  . PHE A 1 112 ? -0.621  -0.987  0.826   1.00 10.10 ? 112 PHE A CG  1 
ATOM   827  C CD1 . PHE A 1 112 ? -1.149  -0.661  2.052   1.00 10.92 ? 112 PHE A CD1 1 
ATOM   828  C CD2 . PHE A 1 112 ? 0.142   -0.022  0.165   1.00 11.05 ? 112 PHE A CD2 1 
ATOM   829  C CE1 . PHE A 1 112 ? -0.965  0.546   2.653   1.00 10.92 ? 112 PHE A CE1 1 
ATOM   830  C CE2 . PHE A 1 112 ? 0.318   1.240   0.744   1.00 10.77 ? 112 PHE A CE2 1 
ATOM   831  C CZ  . PHE A 1 112 ? -0.214  1.546   1.985   1.00 10.94 ? 112 PHE A CZ  1 
ATOM   832  N N   . PHE A 1 113 ? 1.856   -2.797  -0.978  1.00 10.19 ? 113 PHE A N   1 
ATOM   833  C CA  . PHE A 1 113 ? 3.149   -2.234  -1.397  1.00 11.43 ? 113 PHE A CA  1 
ATOM   834  C C   . PHE A 1 113 ? 3.033   -1.393  -2.653  1.00 11.68 ? 113 PHE A C   1 
ATOM   835  O O   . PHE A 1 113 ? 2.142   -1.620  -3.442  1.00 12.58 ? 113 PHE A O   1 
ATOM   836  C CB  . PHE A 1 113 ? 4.262   -3.317  -1.525  1.00 10.27 ? 113 PHE A CB  1 
ATOM   837  C CG  . PHE A 1 113 ? 4.006   -4.386  -2.546  1.00 10.76 ? 113 PHE A CG  1 
ATOM   838  C CD1 . PHE A 1 113 ? 3.166   -5.486  -2.290  1.00 10.71 ? 113 PHE A CD1 1 
ATOM   839  C CD2 . PHE A 1 113 ? 4.594   -4.343  -3.782  1.00 10.72 ? 113 PHE A CD2 1 
ATOM   840  C CE1 . PHE A 1 113 ? 3.042   -6.491  -3.232  1.00 12.41 ? 113 PHE A CE1 1 
ATOM   841  C CE2 . PHE A 1 113 ? 4.468   -5.337  -4.694  1.00 11.20 ? 113 PHE A CE2 1 
ATOM   842  C CZ  . PHE A 1 113 ? 3.617   -6.383  -4.461  1.00 12.24 ? 113 PHE A CZ  1 
ATOM   843  N N   . ILE A 1 114 ? 3.939   -0.410  -2.725  1.00 11.40 ? 114 ILE A N   1 
ATOM   844  C CA  . ILE A 1 114 ? 4.078   0.456   -3.935  1.00 12.97 ? 114 ILE A CA  1 
ATOM   845  C C   . ILE A 1 114 ? 5.442   0.102   -4.514  1.00 12.95 ? 114 ILE A C   1 
ATOM   846  O O   . ILE A 1 114 ? 6.499   0.236   -3.822  1.00 13.99 ? 114 ILE A O   1 
ATOM   847  C CB  . ILE A 1 114 ? 3.980   1.935   -3.626  1.00 14.34 ? 114 ILE A CB  1 
ATOM   848  C CG1 . ILE A 1 114 ? 2.637   2.271   -2.890  1.00 14.80 ? 114 ILE A CG1 1 
ATOM   849  C CG2 . ILE A 1 114 ? 4.176   2.721   -4.934  1.00 15.88 ? 114 ILE A CG2 1 
ATOM   850  C CD1 . ILE A 1 114 ? 2.555   3.662   -2.309  1.00 15.03 ? 114 ILE A CD1 1 
ATOM   851  N N   . CYS A 1 115 ? 5.452   -0.290  -5.773  1.00 12.77 ? 115 CYS A N   1 
ATOM   852  C CA  . CYS A 1 115 ? 6.661   -0.740  -6.437  1.00 14.07 ? 115 CYS A CA  1 
ATOM   853  C C   . CYS A 1 115 ? 7.517   0.421   -6.845  1.00 14.65 ? 115 CYS A C   1 
ATOM   854  O O   . CYS A 1 115 ? 7.017   1.476   -7.212  1.00 15.23 ? 115 CYS A O   1 
ATOM   855  C CB  . CYS A 1 115 ? 6.337   -1.546  -7.669  1.00 13.22 ? 115 CYS A CB  1 
ATOM   856  S SG  . CYS A 1 115 ? 5.379   -3.051  -7.305  1.00 15.55 ? 115 CYS A SG  1 
ATOM   857  N N   . THR A 1 116 ? 8.829   0.246   -6.729  1.00 13.05 ? 116 THR A N   1 
ATOM   858  C CA  . THR A 1 116 ? 9.755   1.305   -7.212  1.00 15.65 ? 116 THR A CA  1 
ATOM   859  C C   . THR A 1 116 ? 10.583  0.767   -8.399  1.00 14.53 ? 116 THR A C   1 
ATOM   860  O O   . THR A 1 116 ? 11.495  1.482   -8.924  1.00 17.34 ? 116 THR A O   1 
ATOM   861  C CB  . THR A 1 116 ? 10.667  1.822   -6.091  1.00 15.15 ? 116 THR A CB  1 
ATOM   862  O OG1 . THR A 1 116 ? 11.410  0.743   -5.562  1.00 17.59 ? 116 THR A OG1 1 
ATOM   863  C CG2 . THR A 1 116 ? 9.932   2.490   -5.011  1.00 16.96 ? 116 THR A CG2 1 
ATOM   864  N N   . ILE A 1 117 ? 10.286  -0.434  -8.821  1.00 15.70 ? 117 ILE A N   1 
ATOM   865  C CA  . ILE A 1 117 ? 10.765  -1.070  -10.050 1.00 15.58 ? 117 ILE A CA  1 
ATOM   866  C C   . ILE A 1 117 ? 9.708   -1.974  -10.641 1.00 18.09 ? 117 ILE A C   1 
ATOM   867  O O   . ILE A 1 117 ? 8.722   -2.251  -9.989  1.00 15.81 ? 117 ILE A O   1 
ATOM   868  C CB  . ILE A 1 117 ? 12.004  -1.971  -9.853  1.00 19.40 ? 117 ILE A CB  1 
ATOM   869  C CG1 . ILE A 1 117 ? 11.725  -3.141  -8.892  1.00 19.35 ? 117 ILE A CG1 1 
ATOM   870  C CG2 . ILE A 1 117 ? 13.221  -1.160  -9.449  1.00 24.11 ? 117 ILE A CG2 1 
ATOM   871  C CD1 . ILE A 1 117 ? 12.801  -4.189  -8.927  1.00 21.87 ? 117 ILE A CD1 1 
ATOM   872  N N   . LYS A 1 118 ? 9.940   -2.512  -11.831 1.00 16.43 ? 118 LYS A N   1 
ATOM   873  C CA  . LYS A 1 118 ? 9.070   -3.584  -12.354 1.00 17.30 ? 118 LYS A CA  1 
ATOM   874  C C   . LYS A 1 118 ? 9.246   -4.899  -11.589 1.00 16.38 ? 118 LYS A C   1 
ATOM   875  O O   . LYS A 1 118 ? 10.349  -5.437  -11.566 1.00 18.62 ? 118 LYS A O   1 
ATOM   876  C CB  . LYS A 1 118 ? 9.369   -3.831  -13.815 1.00 19.69 ? 118 LYS A CB  1 
ATOM   877  C CG  . LYS A 1 118 ? 8.514   -4.882  -14.524 1.00 23.47 ? 118 LYS A CG  1 
ATOM   878  C CD  . LYS A 1 118 ? 8.835   -4.812  -16.039 1.00 26.82 ? 118 LYS A CD  1 
ATOM   879  C CE  . LYS A 1 118 ? 8.092   -5.804  -16.887 1.00 37.78 ? 118 LYS A CE  1 
ATOM   880  N NZ  . LYS A 1 118 ? 8.866   -7.062  -17.015 1.00 47.74 ? 118 LYS A NZ  1 
ATOM   881  N N   . THR A 1 119 ? 8.158   -5.419  -10.992 1.00 15.99 ? 119 THR A N   1 
ATOM   882  C CA  . THR A 1 119 ? 8.219   -6.586  -10.084 1.00 14.68 ? 119 THR A CA  1 
ATOM   883  C C   . THR A 1 119 ? 7.397   -7.749  -10.691 1.00 16.01 ? 119 THR A C   1 
ATOM   884  O O   . THR A 1 119 ? 6.558   -8.383  -10.040 1.00 16.38 ? 119 THR A O   1 
ATOM   885  C CB  . THR A 1 119 ? 7.820   -6.242  -8.609  1.00 15.44 ? 119 THR A CB  1 
ATOM   886  O OG1 . THR A 1 119 ? 6.443   -5.855  -8.565  1.00 13.70 ? 119 THR A OG1 1 
ATOM   887  C CG2 . THR A 1 119 ? 8.659   -5.169  -7.988  1.00 15.18 ? 119 THR A CG2 1 
ATOM   888  N N   . ASP A 1 120 ? 7.694   -8.053  -11.970 1.00 15.23 ? 120 ASP A N   1 
ATOM   889  C CA  . ASP A 1 120 ? 6.938   -9.023  -12.746 1.00 17.77 ? 120 ASP A CA  1 
ATOM   890  C C   . ASP A 1 120 ? 6.954   -10.458 -12.211 1.00 16.06 ? 120 ASP A C   1 
ATOM   891  O O   . ASP A 1 120 ? 6.069   -11.257 -12.484 1.00 16.99 ? 120 ASP A O   1 
ATOM   892  C CB  . ASP A 1 120 ? 7.372   -8.946  -14.218 1.00 21.28 ? 120 ASP A CB  1 
ATOM   893  C CG  . ASP A 1 120 ? 8.824   -9.223  -14.397 1.00 22.74 ? 120 ASP A CG  1 
ATOM   894  O OD1 . ASP A 1 120 ? 9.635   -8.455  -13.907 1.00 24.06 ? 120 ASP A OD1 1 
ATOM   895  O OD2 . ASP A 1 120 ? 9.141   -10.265 -14.987 1.00 33.43 ? 120 ASP A OD2 1 
ATOM   896  N N   . TRP A 1 121 ? 7.994   -10.782 -11.436 1.00 16.36 ? 121 TRP A N   1 
ATOM   897  C CA  . TRP A 1 121 ? 8.042   -12.054 -10.743 1.00 16.59 ? 121 TRP A CA  1 
ATOM   898  C C   . TRP A 1 121 ? 6.920   -12.275 -9.729  1.00 15.99 ? 121 TRP A C   1 
ATOM   899  O O   . TRP A 1 121 ? 6.704   -13.401 -9.298  1.00 16.08 ? 121 TRP A O   1 
ATOM   900  C CB  . TRP A 1 121 ? 9.431   -12.257 -10.053 1.00 17.33 ? 121 TRP A CB  1 
ATOM   901  C CG  . TRP A 1 121 ? 9.727   -11.261 -9.065  1.00 16.61 ? 121 TRP A CG  1 
ATOM   902  C CD1 . TRP A 1 121 ? 9.456   -11.332 -7.708  1.00 15.17 ? 121 TRP A CD1 1 
ATOM   903  C CD2 . TRP A 1 121 ? 10.450  -10.078 -9.262  1.00 17.99 ? 121 TRP A CD2 1 
ATOM   904  N NE1 . TRP A 1 121 ? 9.901   -10.234 -7.084  1.00 15.73 ? 121 TRP A NE1 1 
ATOM   905  C CE2 . TRP A 1 121 ? 10.531  -9.435  -8.007  1.00 16.48 ? 121 TRP A CE2 1 
ATOM   906  C CE3 . TRP A 1 121 ? 10.998  -9.451  -10.392 1.00 18.45 ? 121 TRP A CE3 1 
ATOM   907  C CZ2 . TRP A 1 121 ? 11.122  -8.202  -7.847  1.00 19.08 ? 121 TRP A CZ2 1 
ATOM   908  C CZ3 . TRP A 1 121 ? 11.604  -8.277  -10.219 1.00 18.93 ? 121 TRP A CZ3 1 
ATOM   909  C CH2 . TRP A 1 121 ? 11.638  -7.618  -8.972  1.00 18.86 ? 121 TRP A CH2 1 
ATOM   910  N N   . LEU A 1 122 ? 6.213   -11.206 -9.380  1.00 14.16 ? 122 LEU A N   1 
ATOM   911  C CA  . LEU A 1 122 ? 5.048   -11.279 -8.505  1.00 14.29 ? 122 LEU A CA  1 
ATOM   912  C C   . LEU A 1 122 ? 3.699   -11.480 -9.207  1.00 14.06 ? 122 LEU A C   1 
ATOM   913  O O   . LEU A 1 122 ? 2.647   -11.626 -8.559  1.00 12.32 ? 122 LEU A O   1 
ATOM   914  C CB  . LEU A 1 122 ? 5.025   -10.066 -7.608  1.00 14.23 ? 122 LEU A CB  1 
ATOM   915  C CG  . LEU A 1 122 ? 6.296   -9.842  -6.763  1.00 14.04 ? 122 LEU A CG  1 
ATOM   916  C CD1 . LEU A 1 122 ? 6.126   -8.520  -5.995  1.00 13.02 ? 122 LEU A CD1 1 
ATOM   917  C CD2 . LEU A 1 122 ? 6.555   -10.994 -5.793  1.00 14.07 ? 122 LEU A CD2 1 
ATOM   918  N N   . ASP A 1 123 ? 3.736   -11.453 -10.535 1.00 16.41 ? 123 ASP A N   1 
ATOM   919  C CA  . ASP A 1 123 ? 2.533   -11.621 -11.331 1.00 15.53 ? 123 ASP A CA  1 
ATOM   920  C C   . ASP A 1 123 ? 1.921   -12.975 -11.058 1.00 15.11 ? 123 ASP A C   1 
ATOM   921  O O   . ASP A 1 123 ? 2.618   -13.978 -11.093 1.00 16.78 ? 123 ASP A O   1 
ATOM   922  C CB  . ASP A 1 123 ? 2.857   -11.527 -12.823 1.00 15.95 ? 123 ASP A CB  1 
ATOM   923  C CG  . ASP A 1 123 ? 3.159   -10.130 -13.254 1.00 17.44 ? 123 ASP A CG  1 
ATOM   924  O OD1 . ASP A 1 123 ? 2.969   -9.194  -12.472 1.00 16.06 ? 123 ASP A OD1 1 
ATOM   925  O OD2 . ASP A 1 123 ? 3.584   -9.913  -14.433 1.00 17.15 ? 123 ASP A OD2 1 
ATOM   926  N N   . GLY A 1 124 ? 0.629   -12.986 -10.845 1.00 16.25 ? 124 GLY A N   1 
ATOM   927  C CA  . GLY A 1 124 ? -0.087  -14.207 -10.544 1.00 16.61 ? 124 GLY A CA  1 
ATOM   928  C C   . GLY A 1 124 ? -0.004  -14.661 -9.107  1.00 16.40 ? 124 GLY A C   1 
ATOM   929  O O   . GLY A 1 124 ? -0.626  -15.679 -8.742  1.00 16.74 ? 124 GLY A O   1 
ATOM   930  N N   . LYS A 1 125 ? 0.718   -13.900 -8.285  1.00 15.16 ? 125 LYS A N   1 
ATOM   931  C CA  . LYS A 1 125 ? 0.874   -14.206 -6.870  1.00 16.59 ? 125 LYS A CA  1 
ATOM   932  C C   . LYS A 1 125 ? 0.404   -13.086 -5.931  1.00 14.66 ? 125 LYS A C   1 
ATOM   933  O O   . LYS A 1 125 ? -0.027  -13.386 -4.845  1.00 14.53 ? 125 LYS A O   1 
ATOM   934  C CB  . LYS A 1 125 ? 2.331   -14.569 -6.583  1.00 17.39 ? 125 LYS A CB  1 
ATOM   935  C CG  . LYS A 1 125 ? 2.815   -15.882 -7.171  1.00 21.24 ? 125 LYS A CG  1 
ATOM   936  C CD  . LYS A 1 125 ? 4.349   -15.830 -7.197  1.00 23.44 ? 125 LYS A CD  1 
ATOM   937  C CE  . LYS A 1 125 ? 5.025   -17.104 -7.588  1.00 29.09 ? 125 LYS A CE  1 
ATOM   938  N NZ  . LYS A 1 125 ? 4.666   -17.294 -9.019  1.00 29.54 ? 125 LYS A NZ  1 
ATOM   939  N N   . HIS A 1 126 ? 0.494   -11.818 -6.335  1.00 13.38 ? 126 HIS A N   1 
ATOM   940  C CA  . HIS A 1 126 ? 0.039   -10.669 -5.576  1.00 12.60 ? 126 HIS A CA  1 
ATOM   941  C C   . HIS A 1 126 ? -0.960  -9.941  -6.444  1.00 13.57 ? 126 HIS A C   1 
ATOM   942  O O   . HIS A 1 126 ? -0.703  -9.797  -7.657  1.00 12.61 ? 126 HIS A O   1 
ATOM   943  C CB  . HIS A 1 126 ? 1.197   -9.764  -5.277  1.00 12.59 ? 126 HIS A CB  1 
ATOM   944  C CG  . HIS A 1 126 ? 2.171   -10.414 -4.345  1.00 13.95 ? 126 HIS A CG  1 
ATOM   945  N ND1 . HIS A 1 126 ? 2.095   -10.247 -2.981  1.00 13.31 ? 126 HIS A ND1 1 
ATOM   946  C CD2 . HIS A 1 126 ? 3.105   -11.374 -4.566  1.00 14.33 ? 126 HIS A CD2 1 
ATOM   947  C CE1 . HIS A 1 126 ? 3.022   -10.998 -2.403  1.00 16.28 ? 126 HIS A CE1 1 
ATOM   948  N NE2 . HIS A 1 126 ? 3.655   -11.690 -3.329  1.00 13.81 ? 126 HIS A NE2 1 
ATOM   949  N N   . VAL A 1 127 ? -2.078  -9.571  -5.827  1.00 12.38 ? 127 VAL A N   1 
ATOM   950  C CA  . VAL A 1 127 ? -3.164  -8.855  -6.510  1.00 12.87 ? 127 VAL A CA  1 
ATOM   951  C C   . VAL A 1 127 ? -2.814  -7.367  -6.601  1.00 12.14 ? 127 VAL A C   1 
ATOM   952  O O   . VAL A 1 127 ? -2.734  -6.624  -5.613  1.00 11.61 ? 127 VAL A O   1 
ATOM   953  C CB  . VAL A 1 127 ? -4.493  -9.048  -5.804  1.00 14.00 ? 127 VAL A CB  1 
ATOM   954  C CG1 . VAL A 1 127 ? -5.590  -8.208  -6.468  1.00 13.68 ? 127 VAL A CG1 1 
ATOM   955  C CG2 . VAL A 1 127 ? -4.881  -10.555 -5.779  1.00 14.33 ? 127 VAL A CG2 1 
ATOM   956  N N   . VAL A 1 128 ? -2.605  -6.962  -7.853  1.00 11.97 ? 128 VAL A N   1 
ATOM   957  C CA  . VAL A 1 128 ? -2.418  -5.582  -8.212  1.00 13.37 ? 128 VAL A CA  1 
ATOM   958  C C   . VAL A 1 128 ? -3.776  -4.924  -8.275  1.00 11.97 ? 128 VAL A C   1 
ATOM   959  O O   . VAL A 1 128 ? -4.694  -5.503  -8.865  1.00 13.18 ? 128 VAL A O   1 
ATOM   960  C CB  . VAL A 1 128 ? -1.703  -5.440  -9.576  1.00 12.65 ? 128 VAL A CB  1 
ATOM   961  C CG1 . VAL A 1 128 ? -1.708  -3.965  -10.053 1.00 14.81 ? 128 VAL A CG1 1 
ATOM   962  C CG2 . VAL A 1 128 ? -0.295  -6.023  -9.512  1.00 12.62 ? 128 VAL A CG2 1 
ATOM   963  N N   . PHE A 1 129 ? -3.909  -3.750  -7.679  1.00 12.11 ? 129 PHE A N   1 
ATOM   964  C CA  . PHE A 1 129 ? -5.177  -3.059  -7.634  1.00 13.59 ? 129 PHE A CA  1 
ATOM   965  C C   . PHE A 1 129 ? -5.178  -1.571  -7.852  1.00 12.66 ? 129 PHE A C   1 
ATOM   966  O O   . PHE A 1 129 ? -6.200  -0.898  -7.608  1.00 12.27 ? 129 PHE A O   1 
ATOM   967  C CB  . PHE A 1 129 ? -5.956  -3.372  -6.284  1.00 13.96 ? 129 PHE A CB  1 
ATOM   968  C CG  . PHE A 1 129 ? -5.247  -2.880  -5.007  1.00 13.55 ? 129 PHE A CG  1 
ATOM   969  C CD1 . PHE A 1 129 ? -4.161  -3.589  -4.487  1.00 12.02 ? 129 PHE A CD1 1 
ATOM   970  C CD2 . PHE A 1 129 ? -5.634  -1.710  -4.356  1.00 11.79 ? 129 PHE A CD2 1 
ATOM   971  C CE1 . PHE A 1 129 ? -3.537  -3.119  -3.383  1.00 12.25 ? 129 PHE A CE1 1 
ATOM   972  C CE2 . PHE A 1 129 ? -4.998  -1.228  -3.210  1.00 12.10 ? 129 PHE A CE2 1 
ATOM   973  C CZ  . PHE A 1 129 ? -3.922  -1.975  -2.709  1.00 11.95 ? 129 PHE A CZ  1 
ATOM   974  N N   . GLY A 1 130 ? -4.048  -1.022  -8.249  1.00 13.00 ? 130 GLY A N   1 
ATOM   975  C CA  . GLY A 1 130 ? -3.977  0.416   -8.491  1.00 12.71 ? 130 GLY A CA  1 
ATOM   976  C C   . GLY A 1 130 ? -2.586  0.878   -8.879  1.00 12.98 ? 130 GLY A C   1 
ATOM   977  O O   . GLY A 1 130 ? -1.715  0.075   -9.153  1.00 11.81 ? 130 GLY A O   1 
ATOM   978  N N   . HIS A 1 131 ? -2.436  2.204   -8.945  1.00 13.61 ? 131 HIS A N   1 
ATOM   979  C CA  . HIS A 1 131 ? -1.131  2.807   -9.233  1.00 14.85 ? 131 HIS A CA  1 
ATOM   980  C C   . HIS A 1 131 ? -1.078  4.223   -8.805  1.00 13.37 ? 131 HIS A C   1 
ATOM   981  O O   . HIS A 1 131 ? -2.074  4.870   -8.454  1.00 13.51 ? 131 HIS A O   1 
ATOM   982  C CB  . HIS A 1 131 ? -0.798  2.706   -10.730 1.00 15.36 ? 131 HIS A CB  1 
ATOM   983  C CG  . HIS A 1 131 ? -1.696  3.557   -11.569 1.00 17.27 ? 131 HIS A CG  1 
ATOM   984  N ND1 . HIS A 1 131 ? -2.953  3.154   -11.988 1.00 20.34 ? 131 HIS A ND1 1 
ATOM   985  C CD2 . HIS A 1 131 ? -1.535  4.818   -12.026 1.00 19.54 ? 131 HIS A CD2 1 
ATOM   986  C CE1 . HIS A 1 131 ? -3.520  4.133   -12.681 1.00 22.09 ? 131 HIS A CE1 1 
ATOM   987  N NE2 . HIS A 1 131 ? -2.672  5.144   -12.730 1.00 19.87 ? 131 HIS A NE2 1 
ATOM   988  N N   . VAL A 1 132 ? 0.150   4.723   -8.745  1.00 13.41 ? 132 VAL A N   1 
ATOM   989  C CA  . VAL A 1 132 ? 0.438   6.095   -8.375  1.00 13.66 ? 132 VAL A CA  1 
ATOM   990  C C   . VAL A 1 132 ? 0.090   7.066   -9.502  1.00 13.59 ? 132 VAL A C   1 
ATOM   991  O O   . VAL A 1 132 ? 0.574   6.952   -10.619 1.00 12.94 ? 132 VAL A O   1 
ATOM   992  C CB  . VAL A 1 132 ? 1.948   6.288   -8.038  1.00 13.49 ? 132 VAL A CB  1 
ATOM   993  C CG1 . VAL A 1 132 ? 2.165   7.744   -7.633  1.00 13.51 ? 132 VAL A CG1 1 
ATOM   994  C CG2 . VAL A 1 132 ? 2.308   5.423   -6.831  1.00 15.58 ? 132 VAL A CG2 1 
ATOM   995  N N   . ILE A 1 133 ? -0.811  7.944   -9.152  1.00 15.43 ? 133 ILE A N   1 
ATOM   996  C CA  . ILE A 1 133 ? -1.238  9.074   -10.010 1.00 16.64 ? 133 ILE A CA  1 
ATOM   997  C C   . ILE A 1 133 ? -0.290  10.281  -9.920  1.00 16.87 ? 133 ILE A C   1 
ATOM   998  O O   . ILE A 1 133 ? 0.058   10.890  -10.972 1.00 16.39 ? 133 ILE A O   1 
ATOM   999  C CB  . ILE A 1 133 ? -2.644  9.519   -9.621  1.00 17.74 ? 133 ILE A CB  1 
ATOM   1000 C CG1 . ILE A 1 133 ? -3.614  8.448   -10.082 1.00 15.90 ? 133 ILE A CG1 1 
ATOM   1001 C CG2 . ILE A 1 133 ? -3.024  10.866  -10.357 1.00 16.57 ? 133 ILE A CG2 1 
ATOM   1002 C CD1 . ILE A 1 133 ? -3.806  8.296   -11.545 1.00 15.79 ? 133 ILE A CD1 1 
ATOM   1003 N N   . GLU A 1 134 ? 0.135   10.539  -8.714  1.00 16.03 ? 134 GLU A N   1 
ATOM   1004 C CA  . GLU A 1 134 ? 0.969   11.661  -8.309  1.00 18.01 ? 134 GLU A CA  1 
ATOM   1005 C C   . GLU A 1 134 ? 1.762   11.312  -7.072  1.00 22.53 ? 134 GLU A C   1 
ATOM   1006 O O   . GLU A 1 134 ? 1.249   10.533  -6.220  1.00 18.36 ? 134 GLU A O   1 
ATOM   1007 C CB  . GLU A 1 134 ? 0.049   12.807  -7.939  1.00 21.39 ? 134 GLU A CB  1 
ATOM   1008 C CG  . GLU A 1 134 ? 0.735   14.102  -7.789  1.00 23.99 ? 134 GLU A CG  1 
ATOM   1009 C CD  . GLU A 1 134 ? -0.159  15.149  -7.129  1.00 25.36 ? 134 GLU A CD  1 
ATOM   1010 O OE1 . GLU A 1 134 ? -1.130  15.523  -7.825  1.00 20.71 ? 134 GLU A OE1 1 
ATOM   1011 O OE2 . GLU A 1 134 ? 0.124   15.592  -5.968  1.00 22.30 ? 134 GLU A OE2 1 
ATOM   1012 N N   . GLY A 1 135 ? 2.988   11.903  -6.929  1.00 19.19 ? 135 GLY A N   1 
ATOM   1013 C CA  . GLY A 1 135 ? 3.815   11.671  -5.738  1.00 20.04 ? 135 GLY A CA  1 
ATOM   1014 C C   . GLY A 1 135 ? 4.771   10.509  -5.868  1.00 19.74 ? 135 GLY A C   1 
ATOM   1015 O O   . GLY A 1 135 ? 5.189   9.934   -4.856  1.00 20.04 ? 135 GLY A O   1 
ATOM   1016 N N   . MET A 1 136 ? 5.129   10.128  -7.076  1.00 19.03 ? 136 MET A N   1 
ATOM   1017 C CA  . MET A 1 136 ? 6.217   9.154   -7.196  1.00 20.39 ? 136 MET A CA  1 
ATOM   1018 C C   . MET A 1 136 ? 7.500   9.680   -6.575  1.00 22.57 ? 136 MET A C   1 
ATOM   1019 O O   . MET A 1 136 ? 8.289   8.892   -6.067  1.00 22.16 ? 136 MET A O   1 
ATOM   1020 C CB  . MET A 1 136 ? 6.472   8.788   -8.592  1.00 21.74 ? 136 MET A CB  1 
ATOM   1021 C CG  . MET A 1 136 ? 7.225   7.490   -8.740  1.00 25.01 ? 136 MET A CG  1 
ATOM   1022 S SD  . MET A 1 136 ? 6.242   6.046   -8.042  1.00 24.28 ? 136 MET A SD  1 
ATOM   1023 C CE  . MET A 1 136 ? 7.746   5.115   -7.690  1.00 24.49 ? 136 MET A CE  1 
ATOM   1024 N N   . ASP A 1 137 ? 7.720   11.003  -6.638  1.00 21.95 ? 137 ASP A N   1 
ATOM   1025 C CA  . ASP A 1 137 ? 8.838   11.623  -5.884  1.00 24.63 ? 137 ASP A CA  1 
ATOM   1026 C C   . ASP A 1 137 ? 8.763   11.420  -4.385  1.00 24.75 ? 137 ASP A C   1 
ATOM   1027 O O   . ASP A 1 137 ? 9.788   11.243  -3.705  1.00 22.40 ? 137 ASP A O   1 
ATOM   1028 C CB  . ASP A 1 137 ? 8.927   13.147  -6.195  1.00 25.00 ? 137 ASP A CB  1 
ATOM   1029 C CG  . ASP A 1 137 ? 7.683   13.961  -5.733  1.00 32.39 ? 137 ASP A CG  1 
ATOM   1030 O OD1 . ASP A 1 137 ? 6.526   13.518  -5.881  1.00 29.43 ? 137 ASP A OD1 1 
ATOM   1031 O OD2 . ASP A 1 137 ? 7.863   15.071  -5.210  1.00 33.97 ? 137 ASP A OD2 1 
ATOM   1032 N N   . VAL A 1 138 ? 7.545   11.451  -3.835  1.00 20.77 ? 138 VAL A N   1 
ATOM   1033 C CA  . VAL A 1 138 ? 7.342   11.118  -2.439  1.00 19.37 ? 138 VAL A CA  1 
ATOM   1034 C C   . VAL A 1 138 ? 7.645   9.629   -2.107  1.00 16.47 ? 138 VAL A C   1 
ATOM   1035 O O   . VAL A 1 138 ? 8.241   9.314   -1.040  1.00 18.91 ? 138 VAL A O   1 
ATOM   1036 C CB  . VAL A 1 138 ? 5.893   11.497  -1.952  1.00 20.69 ? 138 VAL A CB  1 
ATOM   1037 C CG1 . VAL A 1 138 ? 5.713   11.255  -0.461  1.00 20.88 ? 138 VAL A CG1 1 
ATOM   1038 C CG2 . VAL A 1 138 ? 5.567   12.974  -2.255  1.00 22.46 ? 138 VAL A CG2 1 
ATOM   1039 N N   . VAL A 1 139 ? 7.253   8.753   -3.010  1.00 16.12 ? 139 VAL A N   1 
ATOM   1040 C CA  . VAL A 1 139 ? 7.556   7.319   -2.898  1.00 16.14 ? 139 VAL A CA  1 
ATOM   1041 C C   . VAL A 1 139 ? 9.061   7.138   -2.895  1.00 17.00 ? 139 VAL A C   1 
ATOM   1042 O O   . VAL A 1 139 ? 9.596   6.406   -2.059  1.00 17.09 ? 139 VAL A O   1 
ATOM   1043 C CB  . VAL A 1 139 ? 6.875   6.468   -3.953  1.00 17.81 ? 139 VAL A CB  1 
ATOM   1044 C CG1 . VAL A 1 139 ? 7.238   5.007   -3.865  1.00 17.51 ? 139 VAL A CG1 1 
ATOM   1045 C CG2 . VAL A 1 139 ? 5.340   6.601   -3.890  1.00 17.63 ? 139 VAL A CG2 1 
ATOM   1046 N N   . LYS A 1 140 ? 9.728   7.885   -3.754  1.00 18.49 ? 140 LYS A N   1 
ATOM   1047 C CA  . LYS A 1 140 ? 11.197  7.808   -3.848  1.00 20.29 ? 140 LYS A CA  1 
ATOM   1048 C C   . LYS A 1 140 ? 11.869  8.297   -2.593  1.00 17.74 ? 140 LYS A C   1 
ATOM   1049 O O   . LYS A 1 140 ? 12.908  7.771   -2.168  1.00 20.66 ? 140 LYS A O   1 
ATOM   1050 C CB  . LYS A 1 140 ? 11.667  8.602   -5.046  1.00 20.86 ? 140 LYS A CB  1 
ATOM   1051 C CG  . LYS A 1 140 ? 11.251  8.073   -6.407  1.00 22.51 ? 140 LYS A CG  1 
ATOM   1052 C CD  . LYS A 1 140 ? 11.767  6.746   -6.817  1.00 22.42 ? 140 LYS A CD  1 
ATOM   1053 C CE  . LYS A 1 140 ? 13.284  6.672   -6.934  1.00 23.21 ? 140 LYS A CE  1 
ATOM   1054 N NZ  . LYS A 1 140 ? 13.572  5.293   -7.313  1.00 21.11 ? 140 LYS A NZ  1 
ATOM   1055 N N   . LYS A 1 141 ? 11.311  9.311   -1.958  1.00 18.88 ? 141 LYS A N   1 
ATOM   1056 C CA  . LYS A 1 141 ? 11.749  9.699   -0.628  1.00 20.51 ? 141 LYS A CA  1 
ATOM   1057 C C   . LYS A 1 141 ? 11.589  8.651   0.421   1.00 21.73 ? 141 LYS A C   1 
ATOM   1058 O O   . LYS A 1 141 ? 12.524  8.378   1.192   1.00 19.56 ? 141 LYS A O   1 
ATOM   1059 C CB  . LYS A 1 141 ? 11.037  10.950  -0.144  1.00 23.26 ? 141 LYS A CB  1 
ATOM   1060 C CG  . LYS A 1 141 ? 11.418  12.193  -0.926  1.00 26.90 ? 141 LYS A CG  1 
ATOM   1061 C CD  . LYS A 1 141 ? 10.775  13.423  -0.293  1.00 31.85 ? 141 LYS A CD  1 
ATOM   1062 C CE  . LYS A 1 141 ? 10.276  14.334  -1.383  1.00 35.70 ? 141 LYS A CE  1 
ATOM   1063 N NZ  . LYS A 1 141 ? 9.579   15.478  -0.771  1.00 39.61 ? 141 LYS A NZ  1 
ATOM   1064 N N   . ILE A 1 142 ? 10.382  8.058   0.518   1.00 18.24 ? 142 ILE A N   1 
ATOM   1065 C CA  . ILE A 1 142 ? 10.209  6.906   1.430   1.00 17.01 ? 142 ILE A CA  1 
ATOM   1066 C C   . ILE A 1 142 ? 11.301  5.834   1.162   1.00 17.00 ? 142 ILE A C   1 
ATOM   1067 O O   . ILE A 1 142 ? 11.978  5.341   2.111   1.00 18.13 ? 142 ILE A O   1 
ATOM   1068 C CB  . ILE A 1 142 ? 8.781   6.271   1.242   1.00 17.09 ? 142 ILE A CB  1 
ATOM   1069 C CG1 . ILE A 1 142 ? 7.685   7.265   1.645   1.00 16.83 ? 142 ILE A CG1 1 
ATOM   1070 C CG2 . ILE A 1 142 ? 8.645   4.966   2.032   1.00 16.93 ? 142 ILE A CG2 1 
ATOM   1071 C CD1 . ILE A 1 142 ? 6.281   6.915   1.153   1.00 17.05 ? 142 ILE A CD1 1 
ATOM   1072 N N   . GLU A 1 143 ? 11.465  5.470   -0.104  1.00 17.32 ? 143 GLU A N   1 
ATOM   1073 C CA  . GLU A 1 143 ? 12.422  4.436   -0.609  1.00 17.14 ? 143 GLU A CA  1 
ATOM   1074 C C   . GLU A 1 143 ? 13.829  4.711   -0.090  1.00 20.31 ? 143 GLU A C   1 
ATOM   1075 O O   . GLU A 1 143 ? 14.521  3.790   0.356   1.00 17.36 ? 143 GLU A O   1 
ATOM   1076 C CB  . GLU A 1 143 ? 12.478  4.425   -2.132  1.00 18.69 ? 143 GLU A CB  1 
ATOM   1077 C CG  . GLU A 1 143 ? 13.407  3.373   -2.720  1.00 19.29 ? 143 GLU A CG  1 
ATOM   1078 C CD  . GLU A 1 143 ? 13.453  3.353   -4.207  1.00 20.34 ? 143 GLU A CD  1 
ATOM   1079 O OE1 . GLU A 1 143 ? 13.262  4.423   -4.834  1.00 22.35 ? 143 GLU A OE1 1 
ATOM   1080 O OE2 . GLU A 1 143 ? 13.654  2.258   -4.756  1.00 22.04 ? 143 GLU A OE2 1 
ATOM   1081 N N   . SER A 1 144 ? 14.185  5.998   -0.113  1.00 21.21 ? 144 SER A N   1 
ATOM   1082 C CA  . SER A 1 144 ? 15.485  6.519   0.410   1.00 21.26 ? 144 SER A CA  1 
ATOM   1083 C C   . SER A 1 144 ? 15.747  6.230   1.892   1.00 21.05 ? 144 SER A C   1 
ATOM   1084 O O   . SER A 1 144 ? 16.967  6.146   2.322   1.00 22.62 ? 144 SER A O   1 
ATOM   1085 C CB  . SER A 1 144 ? 15.616  8.037   0.060   1.00 19.59 ? 144 SER A CB  1 
ATOM   1086 O OG  . SER A 1 144 ? 15.139  8.839   1.130   1.00 19.86 ? 144 SER A OG  1 
ATOM   1087 N N   . PHE A 1 145 ? 14.700  6.084   2.718   1.00 18.26 ? 145 PHE A N   1 
ATOM   1088 C CA  . PHE A 1 145 ? 14.852  5.685   4.110   1.00 18.62 ? 145 PHE A CA  1 
ATOM   1089 C C   . PHE A 1 145 ? 14.803  4.178   4.407   1.00 17.92 ? 145 PHE A C   1 
ATOM   1090 O O   . PHE A 1 145 ? 14.843  3.766   5.548   1.00 17.66 ? 145 PHE A O   1 
ATOM   1091 C CB  . PHE A 1 145 ? 13.866  6.411   4.950   1.00 21.41 ? 145 PHE A CB  1 
ATOM   1092 C CG  . PHE A 1 145 ? 13.957  7.908   4.789   1.00 25.09 ? 145 PHE A CG  1 
ATOM   1093 C CD1 . PHE A 1 145 ? 15.191  8.542   4.956   1.00 32.98 ? 145 PHE A CD1 1 
ATOM   1094 C CD2 . PHE A 1 145 ? 12.862  8.667   4.356   1.00 26.13 ? 145 PHE A CD2 1 
ATOM   1095 C CE1 . PHE A 1 145 ? 15.310  9.892   4.757   1.00 34.62 ? 145 PHE A CE1 1 
ATOM   1096 C CE2 . PHE A 1 145 ? 12.970  10.040  4.157   1.00 27.69 ? 145 PHE A CE2 1 
ATOM   1097 C CZ  . PHE A 1 145 ? 14.201  10.649  4.389   1.00 32.20 ? 145 PHE A CZ  1 
ATOM   1098 N N   . GLY A 1 146 ? 14.741  3.348   3.389   1.00 17.92 ? 146 GLY A N   1 
ATOM   1099 C CA  . GLY A 1 146 ? 14.762  1.898   3.568   1.00 15.36 ? 146 GLY A CA  1 
ATOM   1100 C C   . GLY A 1 146 ? 16.194  1.374   3.562   1.00 16.47 ? 146 GLY A C   1 
ATOM   1101 O O   . GLY A 1 146 ? 17.176  2.170   3.556   1.00 18.53 ? 146 GLY A O   1 
ATOM   1102 N N   . SER A 1 147 ? 16.297  0.066   3.470   1.00 16.21 ? 147 SER A N   1 
ATOM   1103 C CA  . SER A 1 147 ? 17.544  -0.620  3.378   1.00 15.53 ? 147 SER A CA  1 
ATOM   1104 C C   . SER A 1 147 ? 17.341  -1.926  2.755   1.00 16.11 ? 147 SER A C   1 
ATOM   1105 O O   . SER A 1 147 ? 16.213  -2.428  2.607   1.00 15.12 ? 147 SER A O   1 
ATOM   1106 C CB  . SER A 1 147 ? 18.089  -0.791  4.797   1.00 16.63 ? 147 SER A CB  1 
ATOM   1107 O OG  . SER A 1 147 ? 17.340  -1.684  5.600   1.00 15.82 ? 147 SER A OG  1 
ATOM   1108 N N   . LYS A 1 148 ? 18.457  -2.591  2.437   1.00 15.55 ? 148 LYS A N   1 
ATOM   1109 C CA  . LYS A 1 148 ? 18.348  -3.854  1.798   1.00 15.81 ? 148 LYS A CA  1 
ATOM   1110 C C   . LYS A 1 148 ? 17.664  -4.949  2.666   1.00 15.58 ? 148 LYS A C   1 
ATOM   1111 O O   . LYS A 1 148 ? 16.983  -5.859  2.160   1.00 16.55 ? 148 LYS A O   1 
ATOM   1112 C CB  . LYS A 1 148 ? 19.733  -4.255  1.312   1.00 19.90 ? 148 LYS A CB  1 
ATOM   1113 C CG  . LYS A 1 148 ? 19.756  -5.310  0.270   1.00 26.46 ? 148 LYS A CG  1 
ATOM   1114 C CD  . LYS A 1 148 ? 21.078  -5.287  -0.559  1.00 30.63 ? 148 LYS A CD  1 
ATOM   1115 C CE  . LYS A 1 148 ? 21.067  -6.469  -1.543  1.00 35.49 ? 148 LYS A CE  1 
ATOM   1116 N NZ  . LYS A 1 148 ? 22.324  -6.665  -2.348  1.00 36.94 ? 148 LYS A NZ  1 
ATOM   1117 N N   . SER A 1 149 ? 17.816  -4.828  3.957   1.00 15.29 ? 149 SER A N   1 
ATOM   1118 C CA  . SER A 1 149 ? 17.083  -5.676  4.944   1.00 16.16 ? 149 SER A CA  1 
ATOM   1119 C C   . SER A 1 149 ? 15.566  -5.372  5.031   1.00 15.63 ? 149 SER A C   1 
ATOM   1120 O O   . SER A 1 149 ? 14.810  -6.142  5.630   1.00 15.16 ? 149 SER A O   1 
ATOM   1121 C CB  . SER A 1 149 ? 17.663  -5.429  6.339   1.00 18.24 ? 149 SER A CB  1 
ATOM   1122 O OG  . SER A 1 149 ? 17.186  -4.207  6.925   1.00 18.98 ? 149 SER A OG  1 
ATOM   1123 N N   . GLY A 1 150 ? 15.179  -4.179  4.592   1.00 17.37 ? 150 GLY A N   1 
ATOM   1124 C CA  . GLY A 1 150 ? 13.794  -3.690  4.691   1.00 16.97 ? 150 GLY A CA  1 
ATOM   1125 C C   . GLY A 1 150 ? 13.568  -2.813  5.894   1.00 17.84 ? 150 GLY A C   1 
ATOM   1126 O O   . GLY A 1 150 ? 12.590  -2.071  5.966   1.00 16.11 ? 150 GLY A O   1 
ATOM   1127 N N   . ARG A 1 151 ? 14.493  -2.807  6.851   1.00 16.97 ? 151 ARG A N   1 
ATOM   1128 C CA  . ARG A 1 151 ? 14.350  -1.901  7.996   1.00 18.12 ? 151 ARG A CA  1 
ATOM   1129 C C   . ARG A 1 151 ? 14.580  -0.482  7.583   1.00 17.65 ? 151 ARG A C   1 
ATOM   1130 O O   . ARG A 1 151 ? 15.490  -0.168  6.792   1.00 19.04 ? 151 ARG A O   1 
ATOM   1131 C CB  . ARG A 1 151 ? 15.416  -2.137  9.080   1.00 20.59 ? 151 ARG A CB  1 
ATOM   1132 C CG  . ARG A 1 151 ? 15.172  -3.340  9.843   1.00 24.71 ? 151 ARG A CG  1 
ATOM   1133 C CD  . ARG A 1 151 ? 15.691  -3.127  11.315  1.00 27.75 ? 151 ARG A CD  1 
ATOM   1134 N NE  . ARG A 1 151 ? 15.395  -4.426  11.864  1.00 28.94 ? 151 ARG A NE  1 
ATOM   1135 C CZ  . ARG A 1 151 ? 16.004  -5.008  12.876  1.00 25.88 ? 151 ARG A CZ  1 
ATOM   1136 N NH1 . ARG A 1 151 ? 15.584  -6.214  13.220  1.00 28.36 ? 151 ARG A NH1 1 
ATOM   1137 N NH2 . ARG A 1 151 ? 17.014  -4.404  13.504  1.00 27.16 ? 151 ARG A NH2 1 
ATOM   1138 N N   . THR A 1 152 ? 13.810  0.406   8.166   1.00 18.93 ? 152 THR A N   1 
ATOM   1139 C CA  . THR A 1 152 ? 13.879  1.801   7.816   1.00 17.56 ? 152 THR A CA  1 
ATOM   1140 C C   . THR A 1 152 ? 14.751  2.500   8.832   1.00 19.02 ? 152 THR A C   1 
ATOM   1141 O O   . THR A 1 152 ? 14.807  2.085   9.982   1.00 21.24 ? 152 THR A O   1 
ATOM   1142 C CB  . THR A 1 152 ? 12.450  2.514   7.760   1.00 18.26 ? 152 THR A CB  1 
ATOM   1143 O OG1 . THR A 1 152 ? 11.799  2.357   9.010   1.00 16.82 ? 152 THR A OG1 1 
ATOM   1144 C CG2 . THR A 1 152 ? 11.605  1.851   6.730   1.00 20.02 ? 152 THR A CG2 1 
ATOM   1145 N N   . SER A 1 153 ? 15.393  3.546   8.371   1.00 22.10 ? 153 SER A N   1 
ATOM   1146 C CA  . SER A 1 153 ? 16.331  4.304   9.193   1.00 26.52 ? 153 SER A CA  1 
ATOM   1147 C C   . SER A 1 153 ? 15.633  5.457   9.889   1.00 28.70 ? 153 SER A C   1 
ATOM   1148 O O   . SER A 1 153 ? 16.213  6.118   10.765  1.00 27.79 ? 153 SER A O   1 
ATOM   1149 C CB  . SER A 1 153 ? 17.469  4.774   8.312   1.00 25.34 ? 153 SER A CB  1 
ATOM   1150 O OG  . SER A 1 153 ? 17.009  5.661   7.339   1.00 23.25 ? 153 SER A OG  1 
ATOM   1151 N N   . LYS A 1 154 ? 14.390  5.734   9.497   1.00 25.78 ? 154 LYS A N   1 
ATOM   1152 C CA  . LYS A 1 154 ? 13.564  6.759   10.136  1.00 26.92 ? 154 LYS A CA  1 
ATOM   1153 C C   . LYS A 1 154 ? 12.165  6.191   10.236  1.00 29.60 ? 154 LYS A C   1 
ATOM   1154 O O   . LYS A 1 154 ? 11.846  5.238   9.512   1.00 24.49 ? 154 LYS A O   1 
ATOM   1155 C CB  . LYS A 1 154 ? 13.519  7.992   9.276   1.00 29.35 ? 154 LYS A CB  1 
ATOM   1156 C CG  . LYS A 1 154 ? 14.841  8.726   9.262   1.00 37.92 ? 154 LYS A CG  1 
ATOM   1157 C CD  . LYS A 1 154 ? 14.609  10.217  9.214   1.00 42.88 ? 154 LYS A CD  1 
ATOM   1158 C CE  . LYS A 1 154 ? 14.398  10.691  7.796   1.00 48.71 ? 154 LYS A CE  1 
ATOM   1159 N NZ  . LYS A 1 154 ? 15.637  11.412  7.369   1.00 54.97 ? 154 LYS A NZ  1 
ATOM   1160 N N   . LYS A 1 155 ? 11.372  6.700   11.180  1.00 26.70 ? 155 LYS A N   1 
ATOM   1161 C CA  . LYS A 1 155 ? 10.015  6.176   11.366  1.00 26.57 ? 155 LYS A CA  1 
ATOM   1162 C C   . LYS A 1 155 ? 9.145   6.801   10.266  1.00 24.76 ? 155 LYS A C   1 
ATOM   1163 O O   . LYS A 1 155 ? 8.965   8.052   10.209  1.00 21.38 ? 155 LYS A O   1 
ATOM   1164 C CB  . LYS A 1 155 ? 9.457   6.482   12.756  1.00 28.34 ? 155 LYS A CB  1 
ATOM   1165 C CG  . LYS A 1 155 ? 8.227   5.664   13.067  1.00 31.59 ? 155 LYS A CG  1 
ATOM   1166 C CD  . LYS A 1 155 ? 7.476   6.190   14.295  1.00 35.22 ? 155 LYS A CD  1 
ATOM   1167 C CE  . LYS A 1 155 ? 6.195   5.419   14.540  1.00 36.18 ? 155 LYS A CE  1 
ATOM   1168 N NZ  . LYS A 1 155 ? 5.831   5.486   15.976  1.00 38.93 ? 155 LYS A NZ  1 
ATOM   1169 N N   . ILE A 1 156 ? 8.539   5.946   9.429   1.00 19.04 ? 156 ILE A N   1 
ATOM   1170 C CA  . ILE A 1 156 ? 7.845   6.471   8.228   1.00 18.87 ? 156 ILE A CA  1 
ATOM   1171 C C   . ILE A 1 156 ? 6.349   6.308   8.477   1.00 17.82 ? 156 ILE A C   1 
ATOM   1172 O O   . ILE A 1 156 ? 5.882   5.157   8.571   1.00 18.36 ? 156 ILE A O   1 
ATOM   1173 C CB  . ILE A 1 156 ? 8.270   5.770   6.915   1.00 17.49 ? 156 ILE A CB  1 
ATOM   1174 C CG1 . ILE A 1 156 ? 9.805   5.777   6.722   1.00 20.06 ? 156 ILE A CG1 1 
ATOM   1175 C CG2 . ILE A 1 156 ? 7.534   6.352   5.712   1.00 18.24 ? 156 ILE A CG2 1 
ATOM   1176 C CD1 . ILE A 1 156 ? 10.404  7.170   6.678   1.00 21.38 ? 156 ILE A CD1 1 
ATOM   1177 N N   . VAL A 1 157 ? 5.620   7.420   8.570   1.00 18.09 ? 157 VAL A N   1 
ATOM   1178 C CA  . VAL A 1 157 ? 4.240   7.411   9.145   1.00 17.98 ? 157 VAL A CA  1 
ATOM   1179 C C   . VAL A 1 157 ? 3.258   7.977   8.161   1.00 17.05 ? 157 VAL A C   1 
ATOM   1180 O O   . VAL A 1 157 ? 3.526   8.961   7.526   1.00 18.15 ? 157 VAL A O   1 
ATOM   1181 C CB  . VAL A 1 157 ? 4.144   8.138   10.508  1.00 20.84 ? 157 VAL A CB  1 
ATOM   1182 C CG1 . VAL A 1 157 ? 2.717   8.188   10.987  1.00 20.92 ? 157 VAL A CG1 1 
ATOM   1183 C CG2 . VAL A 1 157 ? 5.002   7.434   11.526  1.00 21.86 ? 157 VAL A CG2 1 
ATOM   1184 N N   . ILE A 1 158 ? 2.127   7.278   7.978   1.00 15.87 ? 158 ILE A N   1 
ATOM   1185 C CA  . ILE A 1 158 ? 0.991   7.802   7.189   1.00 16.60 ? 158 ILE A CA  1 
ATOM   1186 C C   . ILE A 1 158 ? 0.235   8.671   8.174   1.00 19.36 ? 158 ILE A C   1 
ATOM   1187 O O   . ILE A 1 158 ? -0.507  8.174   9.041   1.00 19.57 ? 158 ILE A O   1 
ATOM   1188 C CB  . ILE A 1 158 ? 0.089   6.669   6.646   1.00 16.26 ? 158 ILE A CB  1 
ATOM   1189 C CG1 . ILE A 1 158 ? 0.863   5.812   5.634   1.00 14.96 ? 158 ILE A CG1 1 
ATOM   1190 C CG2 . ILE A 1 158 ? -1.179  7.262   6.008   1.00 16.25 ? 158 ILE A CG2 1 
ATOM   1191 C CD1 . ILE A 1 158 ? 0.188   4.484   5.340   1.00 14.73 ? 158 ILE A CD1 1 
ATOM   1192 N N   . THR A 1 159 ? 0.491   9.977   8.086   1.00 20.12 ? 159 THR A N   1 
ATOM   1193 C CA  . THR A 1 159 ? -0.062  10.891  9.095   1.00 21.21 ? 159 THR A CA  1 
ATOM   1194 C C   . THR A 1 159 ? -1.510  11.238  8.823   1.00 21.14 ? 159 THR A C   1 
ATOM   1195 O O   . THR A 1 159 ? -2.222  11.603  9.709   1.00 21.87 ? 159 THR A O   1 
ATOM   1196 C CB  . THR A 1 159 ? 0.700   12.228  9.156   1.00 20.85 ? 159 THR A CB  1 
ATOM   1197 O OG1 . THR A 1 159 ? 0.683   12.821  7.922   1.00 21.67 ? 159 THR A OG1 1 
ATOM   1198 C CG2 . THR A 1 159 ? 2.055   11.970  9.457   1.00 26.56 ? 159 THR A CG2 1 
ATOM   1199 N N   . ASP A 1 160 ? -1.864  11.205  7.557   1.00 21.70 ? 160 ASP A N   1 
ATOM   1200 C CA  . ASP A 1 160 ? -3.222  11.321  7.142   1.00 21.88 ? 160 ASP A CA  1 
ATOM   1201 C C   . ASP A 1 160 ? -3.480  10.508  5.902   1.00 19.63 ? 160 ASP A C   1 
ATOM   1202 O O   . ASP A 1 160 ? -2.553  10.222  5.115   1.00 19.72 ? 160 ASP A O   1 
ATOM   1203 C CB  . ASP A 1 160 ? -3.504  12.808  6.869   1.00 23.35 ? 160 ASP A CB  1 
ATOM   1204 C CG  . ASP A 1 160 ? -5.012  13.174  6.972   1.00 25.88 ? 160 ASP A CG  1 
ATOM   1205 O OD1 . ASP A 1 160 ? -5.896  12.330  7.347   1.00 24.00 ? 160 ASP A OD1 1 
ATOM   1206 O OD2 . ASP A 1 160 ? -5.315  14.313  6.599   1.00 29.48 ? 160 ASP A OD2 1 
ATOM   1207 N N   . CYS A 1 161 ? -4.763  10.208  5.652   1.00 16.64 ? 161 CYS A N   1 
ATOM   1208 C CA  . CYS A 1 161 ? -5.123  9.549   4.414   1.00 16.84 ? 161 CYS A CA  1 
ATOM   1209 C C   . CYS A 1 161 ? -6.596  9.678   4.166   1.00 16.51 ? 161 CYS A C   1 
ATOM   1210 O O   . CYS A 1 161 ? -7.318  10.084  5.108   1.00 18.25 ? 161 CYS A O   1 
ATOM   1211 C CB  . CYS A 1 161 ? -4.684  8.084   4.458   1.00 16.28 ? 161 CYS A CB  1 
ATOM   1212 S SG  . CYS A 1 161 ? -5.144  7.198   5.955   1.00 17.91 ? 161 CYS A SG  1 
ATOM   1213 N N   . GLY A 1 162 ? -7.029  9.448   2.935   1.00 16.92 ? 162 GLY A N   1 
ATOM   1214 C CA  . GLY A 1 162 ? -8.434  9.581   2.565   1.00 17.10 ? 162 GLY A CA  1 
ATOM   1215 C C   . GLY A 1 162 ? -8.768  9.497   1.117   1.00 17.23 ? 162 GLY A C   1 
ATOM   1216 O O   . GLY A 1 162 ? -7.956  9.024   0.342   1.00 16.34 ? 162 GLY A O   1 
ATOM   1217 N N   . GLN A 1 163 ? -9.960  10.008  0.753   1.00 17.19 ? 163 GLN A N   1 
ATOM   1218 C CA  . GLN A 1 163 ? -10.470 9.838   -0.581  1.00 18.74 ? 163 GLN A CA  1 
ATOM   1219 C C   . GLN A 1 163 ? -10.723 11.208  -1.170  1.00 17.93 ? 163 GLN A C   1 
ATOM   1220 O O   . GLN A 1 163 ? -11.253 12.050  -0.490  1.00 21.04 ? 163 GLN A O   1 
ATOM   1221 C CB  . GLN A 1 163 ? -11.751 8.981   -0.578  1.00 18.49 ? 163 GLN A CB  1 
ATOM   1222 C CG  . GLN A 1 163 ? -12.306 8.845   -1.949  1.00 17.82 ? 163 GLN A CG  1 
ATOM   1223 C CD  . GLN A 1 163 ? -13.415 7.839   -2.077  1.00 17.31 ? 163 GLN A CD  1 
ATOM   1224 O OE1 . GLN A 1 163 ? -13.920 7.366   -1.048  1.00 18.84 ? 163 GLN A OE1 1 
ATOM   1225 N NE2 . GLN A 1 163 ? -13.710 7.431   -3.289  1.00 18.16 ? 163 GLN A NE2 1 
ATOM   1226 N N   . LEU A 1 164 ? -10.176 11.436  -2.338  1.00 18.23 ? 164 LEU A N   1 
ATOM   1227 C CA  . LEU A 1 164 ? -10.332 12.713  -3.070  1.00 18.85 ? 164 LEU A CA  1 
ATOM   1228 C C   . LEU A 1 164 ? -11.544 12.706  -3.995  1.00 19.87 ? 164 LEU A C   1 
ATOM   1229 O O   . LEU A 1 164 ? -12.066 13.793  -4.283  1.00 21.87 ? 164 LEU A O   1 
ATOM   1230 C CB  . LEU A 1 164 ? -9.109  12.958  -3.954  1.00 21.52 ? 164 LEU A CB  1 
ATOM   1231 C CG  . LEU A 1 164 ? -7.806  13.167  -3.178  1.00 19.52 ? 164 LEU A CG  1 
ATOM   1232 C CD1 . LEU A 1 164 ? -6.661  13.348  -4.190  1.00 22.55 ? 164 LEU A CD1 1 
ATOM   1233 C CD2 . LEU A 1 164 ? -7.866  14.300  -2.141  1.00 21.51 ? 164 LEU A CD2 1 
ATOM   1234 N N   . SER A 1 165 ? -11.854 11.575  -4.606  1.00 15.56 ? 165 SER A N   1 
ATOM   1235 C CA  . SER A 1 165 ? -13.013 11.417  -5.510  1.00 18.88 ? 165 SER A CA  1 
ATOM   1236 C C   . SER A 1 165 ? -13.290 9.957   -5.783  1.00 20.61 ? 165 SER A C   1 
ATOM   1237 O O   . SER A 1 165 ? -14.251 9.555   -6.536  1.00 18.58 ? 165 SER A O   1 
ATOM   1238 C CB  . SER A 1 165 ? -12.790 12.160  -6.847  1.00 19.72 ? 165 SER A CB  1 
ATOM   1239 O OG  . SER A 1 165 ? -11.717 11.594  -7.571  1.00 17.87 ? 165 SER A OG  1 
ATOM   1240 O OXT . SER A 1 165 ? -12.475 9.094   -5.306  1.00 18.57 ? 165 SER A OXT 1 
HETATM 1241 K K   . K   B 2 .   ? 16.890  -8.871  -4.342  0.50 30.55 ? 201 K   A K   1 
HETATM 1242 K K   . K   C 2 .   ? -8.605  12.148  6.313   1.00 37.00 ? 202 K   A K   1 
HETATM 1243 C C   . FMT D 3 .   ? -8.615  8.680   7.803   1.00 40.47 ? 203 FMT A C   1 
HETATM 1244 O O1  . FMT D 3 .   ? -9.015  9.826   8.033   1.00 44.51 ? 203 FMT A O1  1 
HETATM 1245 O O2  . FMT D 3 .   ? -8.580  7.801   8.808   1.00 34.82 ? 203 FMT A O2  1 
HETATM 1246 O O1  . PG4 E 4 .   ? 4.190   0.046   -18.811 1.00 54.28 ? 204 PG4 A O1  1 
HETATM 1247 C C1  . PG4 E 4 .   ? 5.245   0.577   -18.004 1.00 54.26 ? 204 PG4 A C1  1 
HETATM 1248 C C2  . PG4 E 4 .   ? 4.677   1.714   -17.157 1.00 59.34 ? 204 PG4 A C2  1 
HETATM 1249 O O2  . PG4 E 4 .   ? 5.168   1.672   -15.803 1.00 58.90 ? 204 PG4 A O2  1 
HETATM 1250 C C3  . PG4 E 4 .   ? 4.498   2.550   -14.850 1.00 50.35 ? 204 PG4 A C3  1 
HETATM 1251 C C4  . PG4 E 4 .   ? 3.529   1.791   -13.910 1.00 42.32 ? 204 PG4 A C4  1 
HETATM 1252 O O3  . PG4 E 4 .   ? 2.198   1.923   -14.379 1.00 36.82 ? 204 PG4 A O3  1 
HETATM 1253 C C5  . PG4 E 4 .   ? 1.138   1.176   -13.778 1.00 32.46 ? 204 PG4 A C5  1 
HETATM 1254 C C6  . PG4 E 4 .   ? 0.027   1.130   -14.820 1.00 33.06 ? 204 PG4 A C6  1 
HETATM 1255 O O4  . PG4 E 4 .   ? -0.388  2.479   -15.027 1.00 32.52 ? 204 PG4 A O4  1 
HETATM 1256 C C7  . PG4 E 4 .   ? -1.706  2.686   -15.535 1.00 31.42 ? 204 PG4 A C7  1 
HETATM 1257 C C8  . PG4 E 4 .   ? -1.802  4.192   -15.742 1.00 29.99 ? 204 PG4 A C8  1 
HETATM 1258 O O5  . PG4 E 4 .   ? -1.084  4.607   -16.912 1.00 29.89 ? 204 PG4 A O5  1 
HETATM 1259 C C1  . PGE F 5 .   ? 13.693  -10.856 -4.006  1.00 40.72 ? 205 PGE A C1  1 
HETATM 1260 O O1  . PGE F 5 .   ? 14.077  -10.111 -2.815  1.00 37.74 ? 205 PGE A O1  1 
HETATM 1261 C C2  . PGE F 5 .   ? 13.439  -9.969  -5.220  1.00 38.92 ? 205 PGE A C2  1 
HETATM 1262 O O2  . PGE F 5 .   ? 14.401  -8.919  -5.384  1.00 37.65 ? 205 PGE A O2  1 
HETATM 1263 C C3  . PGE F 5 .   ? 13.922  -7.810  -6.202  1.00 36.98 ? 205 PGE A C3  1 
HETATM 1264 C C4  . PGE F 5 .   ? 14.857  -6.612  -6.385  1.00 36.54 ? 205 PGE A C4  1 
HETATM 1265 O O4  . PGE F 5 .   ? 17.693  -6.220  -3.633  1.00 43.63 ? 205 PGE A O4  1 
HETATM 1266 C C6  . PGE F 5 .   ? 17.040  -4.987  -3.948  1.00 41.16 ? 205 PGE A C6  1 
HETATM 1267 C C5  . PGE F 5 .   ? 16.197  -5.188  -5.174  1.00 40.21 ? 205 PGE A C5  1 
HETATM 1268 O O3  . PGE F 5 .   ? 15.573  -6.478  -5.178  1.00 35.50 ? 205 PGE A O3  1 
HETATM 1269 C C3  . 4ZO G 6 .   ? -2.945  -12.412 6.621   1.00 54.79 ? 206 4ZO A C3  1 
HETATM 1270 C C5  . 4ZO G 6 .   ? -2.390  -13.324 7.700   1.00 51.29 ? 206 4ZO A C5  1 
HETATM 1271 C CAA . 4ZO G 6 .   ? 1.509   -11.177 6.593   1.00 33.57 ? 206 4ZO A CAA 1 
HETATM 1272 C CAB . 4ZO G 6 .   ? 0.171   -11.591 6.743   1.00 33.54 ? 206 4ZO A CAB 1 
HETATM 1273 C CAC . 4ZO G 6 .   ? -0.847  -11.224 5.814   1.00 39.21 ? 206 4ZO A CAC 1 
HETATM 1274 C CAD . 4ZO G 6 .   ? -0.448  -10.350 4.752   1.00 30.06 ? 206 4ZO A CAD 1 
HETATM 1275 C CAE . 4ZO G 6 .   ? 0.893   -9.965  4.591   1.00 27.93 ? 206 4ZO A CAE 1 
HETATM 1276 C CAF . 4ZO G 6 .   ? 1.864   -10.366 5.519   1.00 30.79 ? 206 4ZO A CAF 1 
HETATM 1277 C CAG . 4ZO G 6 .   ? 3.311   -9.950  5.337   1.00 29.15 ? 206 4ZO A CAG 1 
HETATM 1278 N NAH . 4ZO G 6 .   ? 3.813   -10.856 4.249   1.00 28.74 ? 206 4ZO A NAH 1 
HETATM 1279 C CAI . 4ZO G 6 .   ? 4.789   -10.326 3.425   1.00 27.60 ? 206 4ZO A CAI 1 
HETATM 1280 O OAO . 4ZO G 6 .   ? 5.300   -9.260  3.607   1.00 25.06 ? 206 4ZO A OAO 1 
HETATM 1281 N NAJ . 4ZO G 6 .   ? 5.195   -11.174 2.382   1.00 29.81 ? 206 4ZO A NAJ 1 
HETATM 1282 C CAK . 4ZO G 6 .   ? 6.087   -10.646 1.326   1.00 29.65 ? 206 4ZO A CAK 1 
HETATM 1283 C CAL . 4ZO G 6 .   ? 5.253   -9.761  0.424   1.00 30.04 ? 206 4ZO A CAL 1 
HETATM 1284 O OAQ . 4ZO G 6 .   ? 3.989   -9.794  0.536   1.00 18.88 ? 206 4ZO A OAQ 1 
HETATM 1285 O OAM . 4ZO G 6 .   ? 6.082   -9.011  -0.520  1.00 28.77 ? 206 4ZO A OAM 1 
HETATM 1286 C CAN . 4ZO G 6 .   ? 5.607   -7.734  -0.964  1.00 25.39 ? 206 4ZO A CAN 1 
HETATM 1287 C CAP . 4ZO G 6 .   ? 6.608   -7.349  -1.983  1.00 22.05 ? 206 4ZO A CAP 1 
HETATM 1288 N N2  . 4ZO G 6 .   ? -2.198  -11.574 5.833   1.00 38.28 ? 206 4ZO A N2  1 
HETATM 1289 O O4  . 4ZO G 6 .   ? -4.182  -12.456 6.439   1.00 54.53 ? 206 4ZO A O4  1 
HETATM 1290 O O   . HOH H 7 .   ? -0.780  5.783   -18.563 1.00 39.17 ? 301 HOH A O   1 
HETATM 1291 O O   . HOH H 7 .   ? 7.334   9.726   11.529  1.00 35.79 ? 302 HOH A O   1 
HETATM 1292 O O   . HOH H 7 .   ? -3.317  -12.835 -16.564 1.00 38.58 ? 303 HOH A O   1 
HETATM 1293 O O   . HOH H 7 .   ? -7.496  5.651   8.159   1.00 20.68 ? 304 HOH A O   1 
HETATM 1294 O O   . HOH H 7 .   ? -14.721 7.137   -6.953  1.00 27.56 ? 305 HOH A O   1 
HETATM 1295 O O   . HOH H 7 .   ? -5.268  -10.607 9.128   1.00 26.00 ? 306 HOH A O   1 
HETATM 1296 O O   . HOH H 7 .   ? -14.629 -9.349  -7.897  1.00 22.68 ? 307 HOH A O   1 
HETATM 1297 O O   . HOH H 7 .   ? 12.164  -8.271  -14.053 1.00 39.71 ? 308 HOH A O   1 
HETATM 1298 O O   . HOH H 7 .   ? 12.627  -5.465  -12.688 1.00 24.01 ? 309 HOH A O   1 
HETATM 1299 O O   . HOH H 7 .   ? -3.341  16.098  5.440   1.00 35.45 ? 310 HOH A O   1 
HETATM 1300 O O   . HOH H 7 .   ? -4.942  3.571   12.442  1.00 17.11 ? 311 HOH A O   1 
HETATM 1301 O O   . HOH H 7 .   ? -10.500 -9.580  -14.697 1.00 32.22 ? 312 HOH A O   1 
HETATM 1302 O O   . HOH H 7 .   ? -16.683 -4.923  -1.359  1.00 26.34 ? 313 HOH A O   1 
HETATM 1303 O O   . HOH H 7 .   ? 16.171  5.202   -7.346  1.00 35.23 ? 314 HOH A O   1 
HETATM 1304 O O   . HOH H 7 .   ? 5.058   -14.856 -11.331 1.00 29.21 ? 315 HOH A O   1 
HETATM 1305 O O   . HOH H 7 .   ? -14.883 1.980   -11.339 1.00 25.84 ? 316 HOH A O   1 
HETATM 1306 O O   . HOH H 7 .   ? -6.617  -14.872 9.624   1.00 30.39 ? 317 HOH A O   1 
HETATM 1307 O O   . HOH H 7 .   ? 3.767   -11.730 -16.303 1.00 32.88 ? 318 HOH A O   1 
HETATM 1308 O O   . HOH H 7 .   ? 3.899   -4.813  17.394  1.00 37.43 ? 319 HOH A O   1 
HETATM 1309 O O   . HOH H 7 .   ? -12.754 -13.381 -9.211  1.00 15.76 ? 320 HOH A O   1 
HETATM 1310 O O   . HOH H 7 .   ? 7.005   0.202   11.550  1.00 26.30 ? 321 HOH A O   1 
HETATM 1311 O O   . HOH H 7 .   ? 17.058  -7.013  15.237  1.00 17.16 ? 322 HOH A O   1 
HETATM 1312 O O   . HOH H 7 .   ? 0.675   1.326   7.290   1.00 17.67 ? 323 HOH A O   1 
HETATM 1313 O O   . HOH H 7 .   ? 19.483  5.800   3.023   1.00 28.20 ? 324 HOH A O   1 
HETATM 1314 O O   . HOH H 7 .   ? -1.768  10.863  12.212  1.00 32.61 ? 325 HOH A O   1 
HETATM 1315 O O   . HOH H 7 .   ? 2.465   0.296   10.836  1.00 19.87 ? 326 HOH A O   1 
HETATM 1316 O O   . HOH H 7 .   ? -15.740 -3.813  -14.646 1.00 40.09 ? 327 HOH A O   1 
HETATM 1317 O O   . HOH H 7 .   ? 2.263   14.676  -4.642  1.00 18.33 ? 328 HOH A O   1 
HETATM 1318 O O   . HOH H 7 .   ? -12.479 -7.665  -13.430 1.00 27.94 ? 329 HOH A O   1 
HETATM 1319 O O   . HOH H 7 .   ? -11.632 10.232  7.450   1.00 27.05 ? 330 HOH A O   1 
HETATM 1320 O O   . HOH H 7 .   ? -4.735  -17.461 -5.469  1.00 27.48 ? 331 HOH A O   1 
HETATM 1321 O O   . HOH H 7 .   ? -17.372 -9.358  5.693   1.00 27.25 ? 332 HOH A O   1 
HETATM 1322 O O   . HOH H 7 .   ? -1.915  -17.241 -10.482 1.00 21.94 ? 333 HOH A O   1 
HETATM 1323 O O   . HOH H 7 .   ? -18.675 2.308   5.113   1.00 29.92 ? 334 HOH A O   1 
HETATM 1324 O O   . HOH H 7 .   ? 4.500   -7.662  -15.548 1.00 20.95 ? 335 HOH A O   1 
HETATM 1325 O O   . HOH H 7 .   ? 12.183  12.131  -4.499  1.00 28.20 ? 336 HOH A O   1 
HETATM 1326 O O   . HOH H 7 .   ? -11.646 -7.267  10.011  1.00 22.80 ? 337 HOH A O   1 
HETATM 1327 O O   . HOH H 7 .   ? -12.161 1.750   7.596   1.00 20.87 ? 338 HOH A O   1 
HETATM 1328 O O   . HOH H 7 .   ? 9.135   3.099   9.203   1.00 17.08 ? 339 HOH A O   1 
HETATM 1329 O O   . HOH H 7 .   ? -0.302  -5.119  18.449  1.00 42.95 ? 340 HOH A O   1 
HETATM 1330 O O   . HOH H 7 .   ? 6.032   -3.856  -18.069 1.00 31.36 ? 341 HOH A O   1 
HETATM 1331 O O   . HOH H 7 .   ? -17.575 -1.007  2.236   1.00 23.23 ? 342 HOH A O   1 
HETATM 1332 O O   . HOH H 7 .   ? -2.360  -10.887 -3.108  1.00 16.11 ? 343 HOH A O   1 
HETATM 1333 O O   . HOH H 7 .   ? -14.909 -1.177  -5.472  1.00 22.69 ? 344 HOH A O   1 
HETATM 1334 O O   . HOH H 7 .   ? 4.520   15.312  -6.160  1.00 35.13 ? 345 HOH A O   1 
HETATM 1335 O O   . HOH H 7 .   ? -0.759  -2.767  -13.600 1.00 18.92 ? 346 HOH A O   1 
HETATM 1336 O O   . HOH H 7 .   ? -1.962  15.160  -10.381 1.00 18.10 ? 347 HOH A O   1 
HETATM 1337 O O   . HOH H 7 .   ? 10.263  16.340  -5.204  1.00 37.69 ? 348 HOH A O   1 
HETATM 1338 O O   . HOH H 7 .   ? -3.997  -6.170  -17.227 1.00 38.27 ? 349 HOH A O   1 
HETATM 1339 O O   . HOH H 7 .   ? -3.088  -13.697 -0.913  1.00 13.25 ? 350 HOH A O   1 
HETATM 1340 O O   . HOH H 7 .   ? -3.324  -8.684  -10.114 1.00 13.97 ? 351 HOH A O   1 
HETATM 1341 O O   . HOH H 7 .   ? 2.834   -1.312  8.365   1.00 13.89 ? 352 HOH A O   1 
HETATM 1342 O O   . HOH H 7 .   ? -19.589 -1.739  6.880   1.00 41.45 ? 353 HOH A O   1 
HETATM 1343 O O   . HOH H 7 .   ? 14.141  -6.496  10.589  1.00 31.61 ? 354 HOH A O   1 
HETATM 1344 O O   . HOH H 7 .   ? -1.895  16.732  -4.506  1.00 22.15 ? 355 HOH A O   1 
HETATM 1345 O O   . HOH H 7 .   ? 3.717   -9.262  16.106  1.00 35.92 ? 356 HOH A O   1 
HETATM 1346 O O   . HOH H 7 .   ? -15.743 5.138   -6.800  1.00 38.14 ? 357 HOH A O   1 
HETATM 1347 O O   . HOH H 7 .   ? -13.521 8.131   8.871   1.00 40.54 ? 358 HOH A O   1 
HETATM 1348 O O   . HOH H 7 .   ? 11.248  4.221   -8.996  1.00 34.32 ? 359 HOH A O   1 
HETATM 1349 O O   . HOH H 7 .   ? -10.013 13.360  3.401   1.00 40.12 ? 360 HOH A O   1 
HETATM 1350 O O   . HOH H 7 .   ? -2.344  -7.945  2.855   1.00 11.47 ? 361 HOH A O   1 
HETATM 1351 O O   . HOH H 7 .   ? 13.963  2.269   -7.507  1.00 24.11 ? 362 HOH A O   1 
HETATM 1352 O O   . HOH H 7 .   ? 17.169  -8.578  2.652   1.00 18.31 ? 363 HOH A O   1 
HETATM 1353 O O   . HOH H 7 .   ? -15.985 -3.489  -11.257 1.00 24.09 ? 364 HOH A O   1 
HETATM 1354 O O   . HOH H 7 .   ? -4.706  -10.103 -17.587 1.00 37.87 ? 365 HOH A O   1 
HETATM 1355 O O   . HOH H 7 .   ? 14.976  6.687   -3.667  1.00 21.98 ? 366 HOH A O   1 
HETATM 1356 O O   . HOH H 7 .   ? 18.105  -2.583  -1.743  1.00 26.86 ? 367 HOH A O   1 
HETATM 1357 O O   . HOH H 7 .   ? -0.016  13.517  -11.876 1.00 17.51 ? 368 HOH A O   1 
HETATM 1358 O O   . HOH H 7 .   ? -1.922  18.193  -7.884  1.00 20.36 ? 369 HOH A O   1 
HETATM 1359 O O   . HOH H 7 .   ? 12.545  3.006   11.621  1.00 32.72 ? 370 HOH A O   1 
HETATM 1360 O O   . HOH H 7 .   ? -7.699  -9.709  -3.672  1.00 13.60 ? 371 HOH A O   1 
HETATM 1361 O O   . HOH H 7 .   ? 11.803  -1.282  -13.516 1.00 24.01 ? 372 HOH A O   1 
HETATM 1362 O O   . HOH H 7 .   ? 18.246  4.253   5.095   1.00 24.83 ? 373 HOH A O   1 
HETATM 1363 O O   . HOH H 7 .   ? -1.254  -0.803  -11.779 1.00 26.03 ? 374 HOH A O   1 
HETATM 1364 O O   . HOH H 7 .   ? -18.553 -11.576 -6.740  1.00 37.56 ? 375 HOH A O   1 
HETATM 1365 O O   . HOH H 7 .   ? -5.795  -7.457  -10.722 1.00 15.03 ? 376 HOH A O   1 
HETATM 1366 O O   . HOH H 7 .   ? -2.641  2.026   13.467  1.00 35.76 ? 377 HOH A O   1 
HETATM 1367 O O   . HOH H 7 .   ? -14.349 1.198   -4.186  1.00 19.38 ? 378 HOH A O   1 
HETATM 1368 O O   . HOH H 7 .   ? 11.306  -0.868  9.587   1.00 27.50 ? 379 HOH A O   1 
HETATM 1369 O O   . HOH H 7 .   ? 2.232   4.876   -11.577 1.00 27.57 ? 380 HOH A O   1 
HETATM 1370 O O   . HOH H 7 .   ? -6.924  -14.018 -12.562 1.00 23.50 ? 381 HOH A O   1 
HETATM 1371 O O   . HOH H 7 .   ? -14.692 -0.925  13.967  1.00 35.56 ? 382 HOH A O   1 
HETATM 1372 O O   . HOH H 7 .   ? 15.177  -8.643  6.909   1.00 30.25 ? 383 HOH A O   1 
HETATM 1373 O O   . HOH H 7 .   ? -3.644  0.496   -12.691 1.00 19.30 ? 384 HOH A O   1 
HETATM 1374 O O   . HOH H 7 .   ? 20.089  -0.621  -6.070  1.00 47.19 ? 385 HOH A O   1 
HETATM 1375 O O   . HOH H 7 .   ? -7.034  -3.978  -0.551  1.00 15.66 ? 386 HOH A O   1 
HETATM 1376 O O   . HOH H 7 .   ? -9.919  -17.449 -4.265  1.00 24.70 ? 387 HOH A O   1 
HETATM 1377 O O   . HOH H 7 .   ? -0.967  -19.186 3.924   1.00 27.39 ? 388 HOH A O   1 
HETATM 1378 O O   . HOH H 7 .   ? -1.510  -17.270 -6.553  1.00 20.29 ? 389 HOH A O   1 
HETATM 1379 O O   . HOH H 7 .   ? -11.413 -10.764 -3.280  1.00 17.10 ? 390 HOH A O   1 
HETATM 1380 O O   . HOH H 7 .   ? 2.807   14.192  6.606   1.00 29.65 ? 391 HOH A O   1 
HETATM 1381 O O   . HOH H 7 .   ? 18.051  4.671   12.409  1.00 43.37 ? 392 HOH A O   1 
HETATM 1382 O O   . HOH H 7 .   ? 20.913  -1.133  2.584   1.00 26.06 ? 393 HOH A O   1 
HETATM 1383 O O   . HOH H 7 .   ? -15.936 5.773   -4.009  1.00 29.74 ? 394 HOH A O   1 
HETATM 1384 O O   . HOH H 7 .   ? -11.564 10.888  2.970   1.00 23.48 ? 395 HOH A O   1 
HETATM 1385 O O   . HOH H 7 .   ? 16.462  1.918   -8.519  1.00 34.12 ? 396 HOH A O   1 
HETATM 1386 O O   . HOH H 7 .   ? -17.743 4.372   -9.181  1.00 45.90 ? 397 HOH A O   1 
HETATM 1387 O O   . HOH H 7 .   ? -1.705  -11.143 9.567   1.00 38.47 ? 398 HOH A O   1 
HETATM 1388 O O   . HOH H 7 .   ? -13.329 2.143   16.195  1.00 44.25 ? 399 HOH A O   1 
HETATM 1389 O O   . HOH H 7 .   ? -19.096 4.888   1.927   1.00 44.04 ? 400 HOH A O   1 
HETATM 1390 O O   . HOH H 7 .   ? -10.916 5.250   11.711  1.00 34.37 ? 401 HOH A O   1 
HETATM 1391 O O   . HOH H 7 .   ? 5.705   -3.490  -10.658 1.00 14.23 ? 402 HOH A O   1 
HETATM 1392 O O   . HOH H 7 .   ? 6.416   -7.520  6.158   1.00 19.11 ? 403 HOH A O   1 
HETATM 1393 O O   . HOH H 7 .   ? 18.656  1.979   -4.735  1.00 45.47 ? 404 HOH A O   1 
HETATM 1394 O O   . HOH H 7 .   ? 1.696   3.308   -16.869 1.00 23.54 ? 405 HOH A O   1 
HETATM 1395 O O   . HOH H 7 .   ? -2.540  -7.664  6.196   1.00 24.48 ? 406 HOH A O   1 
HETATM 1396 O O   . HOH H 7 .   ? 3.295   16.062  -2.283  1.00 24.80 ? 407 HOH A O   1 
HETATM 1397 O O   . HOH H 7 .   ? 3.180   14.791  3.978   1.00 27.44 ? 408 HOH A O   1 
HETATM 1398 O O   . HOH H 7 .   ? -12.543 -11.015 -10.882 1.00 27.33 ? 409 HOH A O   1 
HETATM 1399 O O   . HOH H 7 .   ? -0.516  -10.162 -10.535 1.00 15.30 ? 410 HOH A O   1 
HETATM 1400 O O   . HOH H 7 .   ? -7.948  -5.899  15.348  1.00 38.22 ? 411 HOH A O   1 
HETATM 1401 O O   . HOH H 7 .   ? 4.023   13.860  -8.823  1.00 27.14 ? 412 HOH A O   1 
HETATM 1402 O O   . HOH H 7 .   ? 8.404   -15.543 -8.275  1.00 16.34 ? 413 HOH A O   1 
HETATM 1403 O O   . HOH H 7 .   ? -16.127 2.832   -8.181  1.00 46.70 ? 414 HOH A O   1 
HETATM 1404 O O   . HOH H 7 .   ? 1.464   18.176  -5.610  1.00 22.59 ? 415 HOH A O   1 
HETATM 1405 O O   . HOH H 7 .   ? -1.527  -5.044  -16.377 1.00 22.09 ? 416 HOH A O   1 
HETATM 1406 O O   . HOH H 7 .   ? -1.707  -0.178  17.076  1.00 39.89 ? 417 HOH A O   1 
HETATM 1407 O O   . HOH H 7 .   ? -18.151 2.086   -1.583  1.00 40.13 ? 418 HOH A O   1 
HETATM 1408 O O   . HOH H 7 .   ? -15.615 8.784   0.945   1.00 37.43 ? 419 HOH A O   1 
HETATM 1409 O O   . HOH H 7 .   ? 4.764   -11.989 8.832   0.50 51.63 ? 420 HOH A O   1 
HETATM 1410 O O   . HOH H 7 .   ? -4.415  15.891  -3.604  1.00 24.54 ? 421 HOH A O   1 
HETATM 1411 O O   . HOH H 7 .   ? -3.520  -10.248 11.576  1.00 36.84 ? 422 HOH A O   1 
HETATM 1412 O O   . HOH H 7 .   ? -16.214 10.546  -8.576  1.00 26.88 ? 423 HOH A O   1 
HETATM 1413 O O   . HOH H 7 .   ? -7.261  16.636  0.606   1.00 42.80 ? 424 HOH A O   1 
HETATM 1414 O O   . HOH H 7 .   ? 0.377   -13.900 -14.158 1.00 31.60 ? 425 HOH A O   1 
HETATM 1415 O O   . HOH H 7 .   ? 2.321   -16.980 -10.883 1.00 37.23 ? 426 HOH A O   1 
HETATM 1416 O O   . HOH H 7 .   ? -6.905  1.544   13.045  1.00 23.06 ? 427 HOH A O   1 
HETATM 1417 O O   . HOH H 7 .   ? -8.325  4.680   10.891  1.00 36.05 ? 428 HOH A O   1 
HETATM 1418 O O   . HOH H 7 .   ? -12.741 -5.734  12.581  1.00 36.01 ? 429 HOH A O   1 
HETATM 1419 O O   . HOH H 7 .   ? 6.120   12.431  -8.846  1.00 34.10 ? 430 HOH A O   1 
HETATM 1420 O O   . HOH H 7 .   ? -16.290 8.213   3.577   1.00 35.06 ? 431 HOH A O   1 
HETATM 1421 O O   . HOH H 7 .   ? 12.295  -7.744  4.697   1.00 35.94 ? 432 HOH A O   1 
HETATM 1422 O O   . HOH H 7 .   ? -10.659 10.495  5.380   1.00 34.93 ? 433 HOH A O   1 
HETATM 1423 O O   . HOH H 7 .   ? -10.179 -1.886  15.181  1.00 32.35 ? 434 HOH A O   1 
HETATM 1424 O O   . HOH H 7 .   ? 18.182  0.902   8.266   1.00 35.89 ? 435 HOH A O   1 
HETATM 1425 O O   . HOH H 7 .   ? -10.408 -9.380  11.513  1.00 24.36 ? 436 HOH A O   1 
HETATM 1426 O O   . HOH H 7 .   ? -17.890 -6.627  -5.850  1.00 27.01 ? 437 HOH A O   1 
HETATM 1427 O O   . HOH H 7 .   ? -17.421 6.577   10.516  1.00 44.51 ? 438 HOH A O   1 
HETATM 1428 O O   . HOH H 7 .   ? 8.206   -11.374 3.969   1.00 48.96 ? 439 HOH A O   1 
HETATM 1429 O O   . HOH H 7 .   ? -7.390  -16.794 -7.337  1.00 35.35 ? 440 HOH A O   1 
HETATM 1430 O O   . HOH H 7 .   ? 21.774  -2.089  3.743   1.00 39.23 ? 441 HOH A O   1 
HETATM 1431 O O   . HOH H 7 .   ? -16.343 5.068   12.496  1.00 51.81 ? 442 HOH A O   1 
HETATM 1432 O O   . HOH H 7 .   ? 18.197  0.546   10.643  1.00 44.49 ? 443 HOH A O   1 
HETATM 1433 O O   . HOH H 7 .   ? 14.475  11.169  -2.915  1.00 33.85 ? 444 HOH A O   1 
HETATM 1434 O O   . HOH H 7 .   ? 11.871  -3.001  11.957  1.00 34.95 ? 445 HOH A O   1 
HETATM 1435 O O   . HOH H 7 .   ? -14.095 -12.139 -7.251  1.00 25.57 ? 446 HOH A O   1 
HETATM 1436 O O   . HOH H 7 .   ? 9.649   -10.542 -1.015  1.00 35.70 ? 447 HOH A O   1 
HETATM 1437 O O   . HOH H 7 .   ? -4.702  -13.107 10.285  1.00 29.54 ? 448 HOH A O   1 
HETATM 1438 O O   . HOH H 7 .   ? -16.870 -0.953  -7.474  1.00 31.17 ? 449 HOH A O   1 
HETATM 1439 O O   . HOH H 7 .   ? -14.003 -3.442  14.136  1.00 48.27 ? 450 HOH A O   1 
HETATM 1440 O O   . HOH H 7 .   ? 2.599   14.168  -11.635 1.00 29.36 ? 451 HOH A O   1 
HETATM 1441 O O   . HOH H 7 .   ? -15.994 3.138   -5.108  1.00 23.94 ? 452 HOH A O   1 
HETATM 1442 O O   . HOH H 7 .   ? 10.764  3.100   13.343  1.00 42.91 ? 453 HOH A O   1 
HETATM 1443 O O   . HOH H 7 .   ? 0.439   9.932   13.093  1.00 40.60 ? 454 HOH A O   1 
HETATM 1444 O O   . HOH H 7 .   ? -1.304  -2.343  -16.104 1.00 24.09 ? 455 HOH A O   1 
HETATM 1445 O O   . HOH H 7 .   ? -3.294  -18.750 -6.742  1.00 39.76 ? 456 HOH A O   1 
HETATM 1446 O O   . HOH H 7 .   ? 2.997   -7.228  -18.102 1.00 38.39 ? 457 HOH A O   1 
HETATM 1447 O O   . HOH H 7 .   ? 0.373   -6.061  -18.295 1.00 33.65 ? 458 HOH A O   1 
HETATM 1448 O O   . HOH H 7 .   ? 10.059  5.853   -10.760 1.00 28.33 ? 459 HOH A O   1 
HETATM 1449 O O   . HOH H 7 .   ? 4.345   -5.065  -19.655 1.00 46.23 ? 460 HOH A O   1 
HETATM 1450 O O   . HOH H 7 .   ? -4.392  -12.277 13.429  1.00 33.83 ? 461 HOH A O   1 
# 
